data_5LQD
#
_entry.id   5LQD
#
_cell.length_a   41.430
_cell.length_b   168.350
_cell.length_c   133.920
_cell.angle_alpha   90.000
_cell.angle_beta   97.190
_cell.angle_gamma   90.000
#
_symmetry.space_group_name_H-M   'P 1 21 1'
#
loop_
_entity.id
_entity.type
_entity.pdbx_description
1 polymer 'Alpha,alpha-trehalose-phosphate synthase'
2 non-polymer '2-(N-MORPHOLINO)-ETHANESULFONIC ACID'
3 non-polymer 1,2-ETHANEDIOL
4 water water
#
_entity_poly.entity_id   1
_entity_poly.type   'polypeptide(L)'
_entity_poly.pdbx_seq_one_letter_code
;MHHHHHHENLYFQGASVLVASNRGPVSYVRGEDGELDARRGGGGLVSGLSAVSSQDSLWVCAALGEGDREAVRRGIGEPG
VRMLDIAPDVYADAYNGIANSVLWFLHHHLYDIPREPVFDAAFRHRWEAYRAYNRAFAEALAAAADEGAAVLVQDYHLAL
VPGQLRELRPDLRIGHFTHTPWASPEYFRMLPADIGDELLRGMLGADELGFHTSAWASAFLSCAGGEQPRTRVRVHPLGV
DAEELRALAHRPQVDERLARLREEVGDRKTIVRVDRTELSKNILRGLLAYRELLTVHPEWRDRVVHLASAYPSRQDLAAY
RAYTASVTELAAEINAEFGTADWQPVLVSVEDDFTRSLAAYRLADVALVNPVRDGMNLVAKEIPVVSDAGCALVLSTGAG
AYEELKEDALTVHPYDVSETAEALHTALTMPPPERADRTKRLASAATALPPQRWFLNQLEGLSDA
;
_entity_poly.pdbx_strand_id   A,B,C,D
#
# COMPACT_ATOMS: atom_id res chain seq x y z
N GLY A 14 27.41 22.37 9.86
CA GLY A 14 27.54 22.29 8.37
C GLY A 14 28.83 21.62 7.91
N ALA A 15 28.69 20.49 7.21
CA ALA A 15 29.81 19.78 6.60
C ALA A 15 29.71 19.85 5.07
N SER A 16 30.84 20.06 4.40
CA SER A 16 30.90 20.00 2.92
C SER A 16 31.44 18.65 2.39
N VAL A 17 32.07 17.86 3.26
CA VAL A 17 32.48 16.48 2.98
C VAL A 17 31.97 15.58 4.11
N LEU A 18 31.23 14.51 3.75
CA LEU A 18 30.66 13.59 4.75
C LEU A 18 30.93 12.17 4.35
N VAL A 19 31.24 11.34 5.35
CA VAL A 19 31.44 9.91 5.19
C VAL A 19 30.39 9.21 6.06
N ALA A 20 29.86 8.08 5.58
CA ALA A 20 28.95 7.23 6.37
C ALA A 20 29.41 5.77 6.31
N SER A 21 29.61 5.17 7.48
CA SER A 21 29.96 3.79 7.57
C SER A 21 29.37 3.25 8.88
N ASN A 22 29.07 1.95 8.94
CA ASN A 22 28.60 1.40 10.23
C ASN A 22 29.62 1.67 11.32
N ARG A 23 30.88 1.38 11.01
CA ARG A 23 31.98 1.49 11.96
C ARG A 23 32.74 2.80 11.79
N GLY A 24 32.73 3.62 12.85
CA GLY A 24 33.54 4.84 12.91
C GLY A 24 34.95 4.63 13.50
N PRO A 25 35.70 5.73 13.71
CA PRO A 25 37.10 5.64 14.14
C PRO A 25 37.31 5.31 15.62
N VAL A 26 36.28 5.49 16.44
CA VAL A 26 36.42 5.39 17.88
C VAL A 26 35.30 4.53 18.47
N SER A 27 35.70 3.69 19.40
CA SER A 27 34.81 2.84 20.16
C SER A 27 34.99 3.15 21.64
N TYR A 28 33.88 3.23 22.37
CA TYR A 28 33.89 3.59 23.79
C TYR A 28 33.50 2.38 24.65
N VAL A 29 34.21 2.18 25.76
CA VAL A 29 33.93 1.08 26.74
C VAL A 29 33.99 1.61 28.19
N ARG A 30 33.12 1.12 29.08
CA ARG A 30 33.18 1.48 30.53
C ARG A 30 34.45 1.00 31.23
N LEU A 36 33.88 6.00 30.78
CA LEU A 36 34.10 5.43 29.45
C LEU A 36 35.53 5.67 29.03
N ASP A 37 36.13 4.69 28.34
CA ASP A 37 37.45 4.83 27.73
C ASP A 37 37.26 4.83 26.21
N ALA A 38 38.12 5.54 25.48
CA ALA A 38 38.07 5.56 24.00
C ALA A 38 39.13 4.60 23.41
N ARG A 39 38.77 3.88 22.35
CA ARG A 39 39.67 2.93 21.68
C ARG A 39 39.62 3.20 20.17
N ARG A 40 40.78 3.47 19.59
CA ARG A 40 40.88 3.90 18.19
C ARG A 40 41.27 2.74 17.32
N GLY A 41 40.49 2.50 16.27
CA GLY A 41 40.90 1.65 15.16
C GLY A 41 41.26 2.56 14.01
N GLY A 42 42.40 2.29 13.36
CA GLY A 42 42.81 3.02 12.16
C GLY A 42 42.04 2.55 10.94
N GLY A 43 42.72 2.55 9.78
CA GLY A 43 42.15 2.04 8.53
C GLY A 43 42.08 3.03 7.39
N GLY A 44 41.50 2.57 6.28
CA GLY A 44 41.48 3.31 5.03
C GLY A 44 40.80 4.64 5.14
N LEU A 45 39.64 4.67 5.81
CA LEU A 45 38.87 5.91 5.93
C LEU A 45 39.58 6.96 6.80
N VAL A 46 40.22 6.53 7.89
CA VAL A 46 40.97 7.48 8.74
C VAL A 46 42.04 8.12 7.83
N SER A 47 42.88 7.29 7.23
CA SER A 47 43.87 7.76 6.27
C SER A 47 43.34 8.72 5.19
N GLY A 48 42.20 8.37 4.58
CA GLY A 48 41.61 9.23 3.54
C GLY A 48 41.12 10.58 4.05
N LEU A 49 40.39 10.59 5.16
CA LEU A 49 39.90 11.86 5.72
C LEU A 49 41.02 12.73 6.28
N SER A 50 42.18 12.14 6.55
CA SER A 50 43.36 12.91 7.01
C SER A 50 43.93 13.85 5.92
N ALA A 51 43.54 13.65 4.66
CA ALA A 51 43.79 14.61 3.55
C ALA A 51 42.70 15.73 3.41
N VAL A 52 41.56 15.56 4.07
CA VAL A 52 40.45 16.53 4.00
C VAL A 52 40.51 17.41 5.26
N SER A 53 40.28 18.71 5.05
CA SER A 53 40.16 19.65 6.16
C SER A 53 39.16 19.18 7.21
N SER A 54 39.65 18.96 8.44
CA SER A 54 38.85 18.48 9.57
C SER A 54 37.84 19.48 10.09
N GLN A 55 37.98 20.75 9.72
CA GLN A 55 36.93 21.77 9.91
C GLN A 55 35.73 21.65 8.93
N ASP A 56 35.86 20.84 7.86
CA ASP A 56 34.79 20.66 6.86
C ASP A 56 34.17 19.25 6.73
N SER A 57 34.72 18.25 7.42
CA SER A 57 34.26 16.87 7.34
C SER A 57 33.41 16.44 8.53
N LEU A 58 32.52 15.49 8.29
CA LEU A 58 31.74 14.85 9.31
C LEU A 58 31.67 13.38 8.94
N TRP A 59 31.98 12.51 9.89
CA TRP A 59 31.90 11.06 9.68
C TRP A 59 30.71 10.54 10.52
N VAL A 60 29.66 10.08 9.83
CA VAL A 60 28.50 9.50 10.52
C VAL A 60 28.65 7.98 10.66
N CYS A 61 28.48 7.48 11.87
CA CYS A 61 28.61 6.06 12.14
C CYS A 61 27.59 5.61 13.17
N ALA A 62 27.57 4.30 13.47
CA ALA A 62 26.64 3.71 14.44
C ALA A 62 27.33 3.38 15.78
N ALA A 63 26.55 3.50 16.87
CA ALA A 63 26.94 2.95 18.18
C ALA A 63 26.89 1.45 18.04
N LEU A 64 28.01 0.78 18.36
CA LEU A 64 28.19 -0.65 18.04
C LEU A 64 27.76 -1.54 19.17
N GLY A 65 27.57 -0.97 20.36
CA GLY A 65 27.14 -1.72 21.54
C GLY A 65 26.79 -0.79 22.67
N GLU A 66 26.79 -1.32 23.89
CA GLU A 66 26.35 -0.56 25.06
C GLU A 66 27.24 0.64 25.42
N GLY A 67 28.56 0.44 25.40
CA GLY A 67 29.49 1.53 25.69
C GLY A 67 29.37 2.72 24.73
N ASP A 68 29.29 2.44 23.43
CA ASP A 68 29.02 3.49 22.41
C ASP A 68 27.68 4.24 22.66
N ARG A 69 26.60 3.49 22.94
CA ARG A 69 25.31 4.11 23.25
C ARG A 69 25.39 4.98 24.48
N GLU A 70 26.13 4.54 25.50
CA GLU A 70 26.36 5.38 26.69
C GLU A 70 27.09 6.69 26.33
N ALA A 71 28.14 6.57 25.52
CA ALA A 71 28.85 7.77 25.02
C ALA A 71 27.90 8.78 24.40
N VAL A 72 27.05 8.29 23.50
CA VAL A 72 26.03 9.14 22.86
C VAL A 72 25.07 9.69 23.93
N ARG A 73 24.56 8.83 24.82
CA ARG A 73 23.73 9.29 25.93
C ARG A 73 24.36 10.48 26.69
N ARG A 74 25.66 10.43 27.01
CA ARG A 74 26.33 11.53 27.75
C ARG A 74 26.84 12.73 26.94
N GLY A 75 26.65 12.75 25.62
CA GLY A 75 27.24 13.79 24.77
C GLY A 75 28.76 13.70 24.66
N ILE A 76 29.30 12.48 24.69
CA ILE A 76 30.74 12.24 24.54
C ILE A 76 30.99 11.74 23.12
N GLY A 77 31.91 12.39 22.40
CA GLY A 77 32.19 12.04 21.00
C GLY A 77 33.33 12.83 20.38
N GLU A 78 33.98 12.24 19.37
CA GLU A 78 35.11 12.87 18.68
C GLU A 78 34.69 14.09 17.84
N PRO A 79 35.56 15.13 17.77
CA PRO A 79 35.36 16.21 16.80
C PRO A 79 35.26 15.63 15.38
N GLY A 80 34.24 16.02 14.62
CA GLY A 80 34.09 15.57 13.24
C GLY A 80 33.46 14.18 13.09
N VAL A 81 32.94 13.61 14.18
CA VAL A 81 32.31 12.28 14.17
C VAL A 81 30.92 12.42 14.81
N ARG A 82 29.89 11.87 14.15
CA ARG A 82 28.51 11.86 14.70
C ARG A 82 28.11 10.39 14.84
N MET A 83 27.89 9.94 16.08
CA MET A 83 27.54 8.56 16.37
C MET A 83 26.03 8.42 16.61
N LEU A 84 25.40 7.51 15.88
CA LEU A 84 23.95 7.33 15.96
C LEU A 84 23.57 6.23 16.94
N ASP A 85 22.65 6.57 17.85
CA ASP A 85 22.03 5.59 18.77
C ASP A 85 20.79 4.99 18.09
N ILE A 86 20.99 3.85 17.42
CA ILE A 86 19.92 3.10 16.76
C ILE A 86 19.48 2.00 17.74
N ALA A 87 18.17 1.81 17.90
CA ALA A 87 17.62 0.89 18.89
C ALA A 87 18.29 -0.50 18.75
N PRO A 88 18.68 -1.13 19.88
CA PRO A 88 19.44 -2.37 19.79
C PRO A 88 18.81 -3.49 18.94
N ASP A 89 17.50 -3.67 19.01
N ASP A 89 17.49 -3.67 19.03
CA ASP A 89 16.83 -4.72 18.24
CA ASP A 89 16.78 -4.70 18.27
C ASP A 89 16.73 -4.39 16.76
C ASP A 89 16.72 -4.39 16.77
N VAL A 90 16.54 -3.11 16.44
CA VAL A 90 16.56 -2.66 15.04
C VAL A 90 17.99 -2.83 14.47
N TYR A 91 18.99 -2.38 15.23
CA TYR A 91 20.41 -2.57 14.83
C TYR A 91 20.77 -4.07 14.60
N ALA A 92 20.39 -4.96 15.50
CA ALA A 92 20.68 -6.41 15.35
C ALA A 92 20.06 -7.03 14.08
N ASP A 93 18.78 -6.72 13.87
CA ASP A 93 18.03 -7.19 12.71
C ASP A 93 18.59 -6.64 11.39
N ALA A 94 18.99 -5.36 11.38
CA ALA A 94 19.58 -4.71 10.18
C ALA A 94 21.01 -5.16 9.90
N TYR A 95 21.88 -5.10 10.92
CA TYR A 95 23.32 -5.23 10.78
C TYR A 95 23.75 -6.69 10.79
N ASN A 96 23.36 -7.45 11.81
CA ASN A 96 23.70 -8.87 11.87
C ASN A 96 22.78 -9.64 10.97
N GLY A 97 21.50 -9.28 10.92
CA GLY A 97 20.52 -9.98 10.11
C GLY A 97 20.73 -9.75 8.61
N ILE A 98 20.11 -8.68 8.11
CA ILE A 98 20.05 -8.48 6.68
C ILE A 98 21.44 -8.27 6.07
N ALA A 99 22.22 -7.34 6.64
CA ALA A 99 23.49 -6.96 6.07
C ALA A 99 24.49 -8.11 6.08
N ASN A 100 24.88 -8.51 7.28
CA ASN A 100 26.00 -9.42 7.46
C ASN A 100 25.61 -10.87 7.25
N SER A 101 24.32 -11.19 7.22
CA SER A 101 23.92 -12.54 6.86
C SER A 101 23.33 -12.54 5.44
N VAL A 102 22.18 -11.94 5.23
CA VAL A 102 21.49 -12.06 3.94
C VAL A 102 22.29 -11.46 2.75
N LEU A 103 22.76 -10.21 2.85
CA LEU A 103 23.52 -9.58 1.75
C LEU A 103 24.95 -10.16 1.55
N TRP A 104 25.66 -10.41 2.66
CA TRP A 104 26.97 -11.06 2.65
C TRP A 104 26.89 -12.41 1.90
N PHE A 105 25.94 -13.25 2.29
CA PHE A 105 25.75 -14.55 1.62
C PHE A 105 25.39 -14.41 0.14
N LEU A 106 24.49 -13.47 -0.15
CA LEU A 106 24.04 -13.25 -1.54
C LEU A 106 25.20 -12.88 -2.45
N HIS A 107 25.99 -11.91 -2.02
CA HIS A 107 27.09 -11.41 -2.82
C HIS A 107 28.27 -12.39 -2.95
N HIS A 108 28.49 -13.22 -1.93
CA HIS A 108 29.55 -14.22 -1.96
C HIS A 108 29.09 -15.60 -2.53
N HIS A 109 27.82 -15.74 -2.91
CA HIS A 109 27.28 -17.00 -3.45
C HIS A 109 27.35 -18.18 -2.46
N LEU A 110 27.16 -17.91 -1.18
CA LEU A 110 27.44 -18.87 -0.14
C LEU A 110 26.27 -19.73 0.28
N TYR A 111 25.07 -19.47 -0.26
CA TYR A 111 23.89 -20.18 0.28
C TYR A 111 23.89 -21.67 -0.04
N ASP A 112 23.51 -22.47 0.96
CA ASP A 112 23.24 -23.89 0.74
C ASP A 112 21.79 -24.08 0.21
N ILE A 113 21.68 -24.10 -1.11
CA ILE A 113 20.43 -23.89 -1.85
C ILE A 113 19.23 -24.77 -1.39
N PRO A 114 19.44 -26.05 -1.03
CA PRO A 114 18.29 -26.85 -0.53
C PRO A 114 17.64 -26.34 0.77
N ARG A 115 18.35 -25.54 1.55
CA ARG A 115 17.89 -25.04 2.87
C ARG A 115 17.76 -23.52 2.98
N GLU A 116 18.68 -22.76 2.34
CA GLU A 116 18.71 -21.31 2.38
C GLU A 116 18.98 -20.74 0.99
N PRO A 117 18.54 -19.52 0.66
CA PRO A 117 17.82 -18.62 1.53
C PRO A 117 16.33 -18.95 1.79
N VAL A 118 15.79 -18.42 2.89
CA VAL A 118 14.39 -18.50 3.23
C VAL A 118 13.82 -17.05 3.37
N PHE A 119 13.00 -16.59 2.43
CA PHE A 119 12.33 -15.27 2.58
C PHE A 119 10.92 -15.49 3.09
N ASP A 120 10.78 -15.37 4.40
CA ASP A 120 9.55 -15.65 5.15
C ASP A 120 9.07 -14.38 5.91
N ALA A 121 8.06 -14.49 6.76
CA ALA A 121 7.55 -13.29 7.48
C ALA A 121 8.65 -12.64 8.35
N ALA A 122 9.41 -13.46 9.10
CA ALA A 122 10.56 -12.95 9.89
C ALA A 122 11.61 -12.17 9.04
N PHE A 123 11.97 -12.67 7.86
CA PHE A 123 12.84 -11.94 6.95
C PHE A 123 12.27 -10.53 6.62
N ARG A 124 10.97 -10.48 6.34
CA ARG A 124 10.30 -9.21 6.03
C ARG A 124 10.38 -8.23 7.18
N HIS A 125 10.18 -8.74 8.39
CA HIS A 125 10.34 -7.92 9.59
C HIS A 125 11.78 -7.37 9.71
N ARG A 126 12.77 -8.23 9.49
N ARG A 126 12.77 -8.23 9.49
CA ARG A 126 14.17 -7.82 9.53
CA ARG A 126 14.18 -7.79 9.50
C ARG A 126 14.50 -6.82 8.38
C ARG A 126 14.47 -6.78 8.40
N TRP A 127 13.87 -6.97 7.23
CA TRP A 127 14.03 -6.02 6.11
C TRP A 127 13.49 -4.61 6.46
N GLU A 128 12.39 -4.57 7.17
CA GLU A 128 11.86 -3.30 7.71
C GLU A 128 12.84 -2.60 8.67
N ALA A 129 13.53 -3.35 9.53
CA ALA A 129 14.56 -2.78 10.38
C ALA A 129 15.76 -2.27 9.54
N TYR A 130 16.14 -3.02 8.51
CA TYR A 130 17.23 -2.62 7.65
C TYR A 130 16.90 -1.26 6.98
N ARG A 131 15.66 -1.11 6.52
CA ARG A 131 15.16 0.17 6.01
C ARG A 131 15.28 1.29 7.08
N ALA A 132 14.86 0.99 8.30
CA ALA A 132 14.91 1.99 9.39
C ALA A 132 16.36 2.33 9.83
N TYR A 133 17.25 1.33 9.84
CA TYR A 133 18.66 1.53 10.11
C TYR A 133 19.29 2.46 9.07
N ASN A 134 19.11 2.15 7.78
CA ASN A 134 19.54 3.02 6.69
C ASN A 134 18.95 4.43 6.81
N ARG A 135 17.65 4.54 7.09
CA ARG A 135 16.98 5.85 7.23
C ARG A 135 17.59 6.72 8.33
N ALA A 136 17.98 6.15 9.47
CA ALA A 136 18.64 6.93 10.54
C ALA A 136 19.92 7.63 10.03
N PHE A 137 20.69 6.92 9.19
CA PHE A 137 21.88 7.48 8.52
C PHE A 137 21.54 8.56 7.52
N ALA A 138 20.54 8.31 6.69
CA ALA A 138 20.09 9.27 5.69
C ALA A 138 19.61 10.59 6.33
N GLU A 139 18.85 10.48 7.45
CA GLU A 139 18.34 11.67 8.18
C GLU A 139 19.50 12.48 8.81
N ALA A 140 20.46 11.79 9.43
CA ALA A 140 21.65 12.39 10.00
C ALA A 140 22.43 13.18 8.93
N LEU A 141 22.66 12.55 7.79
CA LEU A 141 23.40 13.20 6.70
C LEU A 141 22.64 14.39 6.13
N ALA A 142 21.34 14.19 5.90
CA ALA A 142 20.45 15.24 5.45
C ALA A 142 20.48 16.47 6.38
N ALA A 143 20.55 16.22 7.70
CA ALA A 143 20.59 17.29 8.70
C ALA A 143 21.93 18.04 8.73
N ALA A 144 23.05 17.33 8.50
CA ALA A 144 24.38 17.88 8.70
C ALA A 144 25.02 18.50 7.45
N ALA A 145 24.60 18.07 6.26
CA ALA A 145 25.31 18.41 5.03
C ALA A 145 24.98 19.83 4.53
N ASP A 146 26.03 20.62 4.24
CA ASP A 146 25.91 21.86 3.46
C ASP A 146 25.25 21.63 2.09
N GLU A 147 24.82 22.72 1.48
CA GLU A 147 24.23 22.69 0.14
C GLU A 147 25.28 22.14 -0.83
N GLY A 148 24.90 21.16 -1.63
CA GLY A 148 25.83 20.54 -2.60
C GLY A 148 27.06 19.82 -2.06
N ALA A 149 27.04 19.46 -0.77
CA ALA A 149 28.14 18.70 -0.17
C ALA A 149 28.36 17.37 -0.88
N ALA A 150 29.59 16.87 -0.76
CA ALA A 150 29.93 15.51 -1.18
C ALA A 150 29.69 14.51 -0.04
N VAL A 151 28.98 13.42 -0.30
CA VAL A 151 28.63 12.40 0.69
C VAL A 151 29.12 11.05 0.17
N LEU A 152 29.95 10.36 0.95
CA LEU A 152 30.56 9.10 0.58
C LEU A 152 30.07 8.00 1.50
N VAL A 153 29.17 7.17 0.99
CA VAL A 153 28.53 6.15 1.78
C VAL A 153 29.30 4.86 1.54
N GLN A 154 29.65 4.19 2.65
CA GLN A 154 30.54 3.03 2.59
C GLN A 154 29.83 1.69 2.91
N ASP A 155 29.79 0.82 1.89
CA ASP A 155 29.51 -0.60 1.99
C ASP A 155 28.04 -1.03 1.97
N TYR A 156 27.85 -2.35 1.86
CA TYR A 156 26.52 -2.98 1.75
C TYR A 156 25.53 -2.72 2.92
N HIS A 157 26.03 -2.37 4.09
CA HIS A 157 25.19 -2.11 5.26
C HIS A 157 24.26 -0.91 4.98
N LEU A 158 24.77 0.06 4.21
CA LEU A 158 24.09 1.28 3.94
C LEU A 158 23.66 1.47 2.45
N ALA A 159 23.31 0.37 1.78
CA ALA A 159 22.91 0.37 0.37
C ALA A 159 21.58 1.10 0.05
N LEU A 160 20.73 1.32 1.04
CA LEU A 160 19.50 2.11 0.83
C LEU A 160 19.71 3.59 1.04
N VAL A 161 20.79 3.98 1.69
CA VAL A 161 21.04 5.38 1.99
C VAL A 161 21.01 6.31 0.74
N PRO A 162 21.73 5.96 -0.35
CA PRO A 162 21.75 6.93 -1.44
C PRO A 162 20.37 7.32 -1.95
N GLY A 163 19.49 6.33 -2.12
CA GLY A 163 18.09 6.56 -2.56
C GLY A 163 17.26 7.37 -1.58
N GLN A 164 17.38 7.05 -0.30
CA GLN A 164 16.69 7.77 0.78
C GLN A 164 17.17 9.21 0.87
N LEU A 165 18.49 9.39 0.83
CA LEU A 165 19.08 10.70 0.95
C LEU A 165 18.84 11.56 -0.30
N ARG A 166 18.85 10.95 -1.49
CA ARG A 166 18.47 11.67 -2.74
C ARG A 166 17.06 12.32 -2.65
N GLU A 167 16.11 11.63 -2.03
CA GLU A 167 14.75 12.16 -1.86
C GLU A 167 14.65 13.34 -0.85
N LEU A 168 15.34 13.23 0.28
CA LEU A 168 15.42 14.31 1.28
C LEU A 168 16.19 15.54 0.76
N ARG A 169 17.25 15.28 -0.02
CA ARG A 169 18.22 16.31 -0.37
C ARG A 169 18.71 16.15 -1.79
N PRO A 170 17.86 16.51 -2.79
CA PRO A 170 18.30 16.36 -4.19
C PRO A 170 19.57 17.15 -4.59
N ASP A 171 19.98 18.14 -3.80
CA ASP A 171 21.21 18.91 -4.07
C ASP A 171 22.55 18.17 -3.84
N LEU A 172 22.52 17.08 -3.08
CA LEU A 172 23.77 16.44 -2.65
C LEU A 172 24.44 15.64 -3.77
N ARG A 173 25.77 15.61 -3.69
CA ARG A 173 26.56 14.72 -4.52
C ARG A 173 26.92 13.47 -3.68
N ILE A 174 26.39 12.32 -4.10
CA ILE A 174 26.37 11.10 -3.33
C ILE A 174 27.16 9.99 -4.06
N GLY A 175 28.14 9.45 -3.34
CA GLY A 175 28.89 8.28 -3.78
C GLY A 175 28.59 7.14 -2.83
N HIS A 176 28.68 5.92 -3.37
CA HIS A 176 28.58 4.73 -2.59
C HIS A 176 29.57 3.71 -3.10
N PHE A 177 30.30 3.05 -2.17
CA PHE A 177 31.31 2.08 -2.50
C PHE A 177 30.97 0.75 -1.87
N THR A 178 30.88 -0.28 -2.71
CA THR A 178 30.70 -1.66 -2.26
C THR A 178 32.07 -2.35 -2.12
N HIS A 179 32.36 -2.86 -0.92
CA HIS A 179 33.62 -3.59 -0.64
C HIS A 179 33.59 -5.07 -0.94
N THR A 180 32.41 -5.65 -1.11
CA THR A 180 32.24 -7.06 -1.38
C THR A 180 32.20 -7.29 -2.90
N PRO A 181 32.17 -8.55 -3.34
CA PRO A 181 31.69 -8.80 -4.70
C PRO A 181 30.25 -8.32 -4.85
N TRP A 182 29.76 -8.29 -6.09
CA TRP A 182 28.30 -8.15 -6.37
C TRP A 182 27.80 -9.48 -6.95
N ALA A 183 26.62 -9.89 -6.50
CA ALA A 183 26.01 -11.14 -6.92
C ALA A 183 25.81 -11.18 -8.42
N SER A 184 26.04 -12.31 -9.07
CA SER A 184 25.76 -12.42 -10.50
CA SER A 184 25.77 -12.43 -10.50
C SER A 184 24.27 -12.26 -10.70
N PRO A 185 23.85 -11.73 -11.85
CA PRO A 185 22.40 -11.46 -12.03
C PRO A 185 21.47 -12.66 -11.76
N GLU A 186 21.86 -13.85 -12.20
CA GLU A 186 21.04 -15.03 -11.96
C GLU A 186 20.93 -15.31 -10.47
N TYR A 187 22.04 -15.12 -9.76
CA TYR A 187 22.10 -15.37 -8.32
C TYR A 187 21.30 -14.28 -7.58
N PHE A 188 21.40 -13.04 -8.07
CA PHE A 188 20.71 -11.88 -7.45
C PHE A 188 19.18 -12.03 -7.50
N ARG A 189 18.70 -12.70 -8.55
CA ARG A 189 17.28 -12.95 -8.73
C ARG A 189 16.68 -13.97 -7.73
N MET A 190 17.50 -14.56 -6.85
CA MET A 190 16.92 -15.25 -5.69
C MET A 190 16.11 -14.34 -4.76
N LEU A 191 16.44 -13.05 -4.70
CA LEU A 191 15.70 -12.13 -3.82
C LEU A 191 14.28 -12.01 -4.37
N PRO A 192 13.29 -11.85 -3.49
CA PRO A 192 12.00 -11.48 -4.10
C PRO A 192 12.15 -10.19 -4.90
N ALA A 193 11.37 -10.05 -5.96
CA ALA A 193 11.53 -8.97 -6.92
C ALA A 193 11.36 -7.59 -6.28
N ASP A 194 10.41 -7.44 -5.35
CA ASP A 194 10.22 -6.15 -4.68
C ASP A 194 11.47 -5.77 -3.82
N ILE A 195 12.07 -6.77 -3.16
CA ILE A 195 13.31 -6.59 -2.38
C ILE A 195 14.51 -6.22 -3.29
N GLY A 196 14.74 -7.05 -4.29
CA GLY A 196 15.79 -6.78 -5.30
C GLY A 196 15.68 -5.37 -5.86
N ASP A 197 14.47 -5.03 -6.26
CA ASP A 197 14.20 -3.73 -6.82
C ASP A 197 14.39 -2.60 -5.82
N GLU A 198 14.02 -2.81 -4.57
CA GLU A 198 14.20 -1.74 -3.58
C GLU A 198 15.72 -1.51 -3.35
N LEU A 199 16.48 -2.61 -3.27
CA LEU A 199 17.93 -2.56 -3.10
C LEU A 199 18.62 -1.82 -4.25
N LEU A 200 18.22 -2.13 -5.49
CA LEU A 200 18.82 -1.47 -6.65
C LEU A 200 18.51 0.05 -6.67
N ARG A 201 17.25 0.42 -6.43
CA ARG A 201 16.84 1.85 -6.32
C ARG A 201 17.57 2.59 -5.18
N GLY A 202 17.85 1.87 -4.10
CA GLY A 202 18.55 2.40 -2.95
C GLY A 202 19.92 2.87 -3.43
N MET A 203 20.64 1.99 -4.12
CA MET A 203 21.98 2.33 -4.59
C MET A 203 22.00 3.28 -5.77
N LEU A 204 20.99 3.18 -6.61
CA LEU A 204 20.92 4.02 -7.81
C LEU A 204 20.64 5.48 -7.47
N GLY A 205 20.30 5.80 -6.22
CA GLY A 205 20.27 7.19 -5.79
C GLY A 205 21.61 7.93 -5.90
N ALA A 206 22.71 7.18 -5.93
CA ALA A 206 24.05 7.76 -6.02
C ALA A 206 24.34 8.35 -7.42
N ASP A 207 25.11 9.42 -7.44
CA ASP A 207 25.76 9.91 -8.65
C ASP A 207 26.89 8.97 -9.11
N GLU A 208 27.61 8.38 -8.15
CA GLU A 208 28.66 7.38 -8.46
C GLU A 208 28.59 6.16 -7.55
N LEU A 209 28.65 4.99 -8.19
CA LEU A 209 28.81 3.73 -7.47
C LEU A 209 30.18 3.15 -7.78
N GLY A 210 30.88 2.75 -6.72
CA GLY A 210 32.24 2.22 -6.80
C GLY A 210 32.31 0.76 -6.40
N PHE A 211 33.14 0.02 -7.10
CA PHE A 211 33.47 -1.36 -6.76
C PHE A 211 34.97 -1.52 -6.89
N HIS A 212 35.48 -2.63 -6.38
CA HIS A 212 36.93 -2.93 -6.46
C HIS A 212 37.37 -3.47 -7.81
N THR A 213 36.45 -4.05 -8.58
CA THR A 213 36.80 -4.73 -9.83
C THR A 213 35.73 -4.51 -10.84
N SER A 214 36.06 -4.68 -12.12
CA SER A 214 35.04 -4.45 -13.16
C SER A 214 34.09 -5.62 -13.29
N ALA A 215 34.46 -6.82 -12.80
CA ALA A 215 33.50 -7.92 -12.76
C ALA A 215 32.39 -7.61 -11.76
N TRP A 216 32.73 -7.02 -10.63
CA TRP A 216 31.70 -6.64 -9.64
C TRP A 216 30.85 -5.50 -10.16
N ALA A 217 31.49 -4.49 -10.74
CA ALA A 217 30.78 -3.40 -11.39
C ALA A 217 29.83 -3.88 -12.50
N SER A 218 30.30 -4.80 -13.37
CA SER A 218 29.45 -5.36 -14.46
C SER A 218 28.25 -6.14 -13.94
N ALA A 219 28.48 -6.95 -12.92
CA ALA A 219 27.41 -7.69 -12.28
C ALA A 219 26.32 -6.74 -11.76
N PHE A 220 26.72 -5.64 -11.10
CA PHE A 220 25.72 -4.71 -10.58
C PHE A 220 24.95 -4.07 -11.75
N LEU A 221 25.69 -3.65 -12.76
CA LEU A 221 25.08 -3.09 -13.95
C LEU A 221 24.09 -4.05 -14.63
N SER A 222 24.44 -5.33 -14.77
CA SER A 222 23.50 -6.28 -15.35
C SER A 222 22.24 -6.48 -14.50
N CYS A 223 22.38 -6.56 -13.19
CA CYS A 223 21.24 -6.62 -12.26
C CYS A 223 20.31 -5.42 -12.41
N ALA A 224 20.87 -4.23 -12.63
CA ALA A 224 20.05 -3.01 -12.80
C ALA A 224 19.31 -2.95 -14.16
N GLY A 225 19.68 -3.80 -15.11
CA GLY A 225 19.03 -3.85 -16.43
C GLY A 225 19.78 -3.14 -17.53
N GLY A 226 21.06 -2.85 -17.31
CA GLY A 226 21.78 -1.89 -18.17
C GLY A 226 21.10 -0.54 -18.12
N GLU A 227 21.65 0.42 -18.86
CA GLU A 227 20.99 1.71 -19.06
C GLU A 227 20.55 2.43 -17.75
N GLN A 228 21.51 2.89 -16.94
CA GLN A 228 21.24 3.72 -15.75
C GLN A 228 21.98 5.04 -15.84
N PRO A 229 21.45 6.00 -16.62
CA PRO A 229 22.28 7.10 -17.11
C PRO A 229 22.67 8.12 -16.05
N ARG A 230 21.83 8.29 -15.02
CA ARG A 230 22.12 9.21 -13.90
C ARG A 230 23.20 8.70 -12.93
N THR A 231 23.45 7.38 -12.93
CA THR A 231 24.48 6.81 -12.05
C THR A 231 25.73 6.36 -12.82
N ARG A 232 26.86 6.99 -12.51
CA ARG A 232 28.18 6.55 -13.00
C ARG A 232 28.72 5.36 -12.17
N VAL A 233 28.97 4.22 -12.82
CA VAL A 233 29.55 3.05 -12.15
C VAL A 233 31.07 3.06 -12.39
N ARG A 234 31.86 2.93 -11.32
CA ARG A 234 33.34 3.01 -11.43
C ARG A 234 34.08 1.97 -10.63
N VAL A 235 35.32 1.72 -11.05
CA VAL A 235 36.24 0.77 -10.44
C VAL A 235 37.39 1.51 -9.74
N HIS A 236 37.50 1.39 -8.40
CA HIS A 236 38.63 1.94 -7.65
C HIS A 236 39.22 0.81 -6.82
N PRO A 237 40.24 0.07 -7.33
CA PRO A 237 40.71 -1.09 -6.58
C PRO A 237 41.67 -0.70 -5.46
N LEU A 238 41.28 -0.93 -4.20
CA LEU A 238 42.09 -0.52 -3.05
C LEU A 238 43.40 -1.29 -3.00
N GLY A 239 44.51 -0.57 -2.81
CA GLY A 239 45.81 -1.16 -2.59
C GLY A 239 46.44 -0.74 -1.28
N VAL A 240 47.78 -0.73 -1.26
CA VAL A 240 48.55 -0.69 -0.04
C VAL A 240 49.53 0.51 -0.08
N ASP A 241 49.76 1.11 1.10
CA ASP A 241 50.79 2.13 1.33
C ASP A 241 52.11 1.43 1.68
N ALA A 242 53.03 1.34 0.71
CA ALA A 242 54.31 0.60 0.89
C ALA A 242 55.13 1.02 2.10
N GLU A 243 55.36 2.34 2.21
CA GLU A 243 56.14 2.93 3.30
C GLU A 243 55.59 2.61 4.68
N GLU A 244 54.27 2.73 4.83
CA GLU A 244 53.62 2.44 6.10
C GLU A 244 53.71 0.96 6.47
N LEU A 245 53.38 0.08 5.52
CA LEU A 245 53.38 -1.36 5.80
C LEU A 245 54.82 -1.85 6.07
N ARG A 246 55.77 -1.38 5.26
CA ARG A 246 57.19 -1.73 5.44
C ARG A 246 57.74 -1.29 6.78
N ALA A 247 57.45 -0.06 7.20
CA ALA A 247 57.86 0.43 8.53
C ALA A 247 57.30 -0.45 9.67
N LEU A 248 56.02 -0.81 9.59
CA LEU A 248 55.43 -1.75 10.57
C LEU A 248 56.11 -3.12 10.51
N ALA A 249 56.30 -3.66 9.30
CA ALA A 249 56.97 -4.98 9.15
C ALA A 249 58.44 -5.03 9.63
N HIS A 250 59.12 -3.89 9.78
CA HIS A 250 60.54 -3.85 10.21
C HIS A 250 60.81 -3.33 11.61
N ARG A 251 59.79 -3.33 12.46
CA ARG A 251 59.98 -3.05 13.88
C ARG A 251 60.64 -4.22 14.60
N PRO A 252 61.38 -3.95 15.69
CA PRO A 252 62.03 -5.05 16.42
C PRO A 252 61.08 -6.15 16.94
N GLN A 253 59.82 -5.82 17.21
CA GLN A 253 58.87 -6.82 17.66
C GLN A 253 58.64 -7.86 16.54
N VAL A 254 58.68 -7.43 15.28
CA VAL A 254 58.46 -8.32 14.15
C VAL A 254 59.72 -9.16 13.95
N ASP A 255 60.88 -8.50 13.98
CA ASP A 255 62.17 -9.19 13.90
C ASP A 255 62.24 -10.33 14.93
N GLU A 256 61.89 -10.03 16.19
CA GLU A 256 61.85 -11.04 17.26
C GLU A 256 60.93 -12.21 16.88
N ARG A 257 59.67 -11.90 16.58
CA ARG A 257 58.67 -12.94 16.31
C ARG A 257 59.03 -13.76 15.08
N LEU A 258 59.68 -13.12 14.09
CA LEU A 258 60.18 -13.82 12.91
C LEU A 258 61.24 -14.81 13.33
N ALA A 259 62.19 -14.39 14.17
CA ALA A 259 63.23 -15.31 14.70
C ALA A 259 62.61 -16.54 15.37
N ARG A 260 61.60 -16.35 16.22
CA ARG A 260 60.90 -17.50 16.83
C ARG A 260 60.17 -18.36 15.79
N LEU A 261 59.62 -17.73 14.75
CA LEU A 261 58.84 -18.45 13.72
C LEU A 261 59.77 -19.32 12.88
N ARG A 262 61.00 -18.84 12.61
CA ARG A 262 61.97 -19.67 11.88
C ARG A 262 62.35 -20.89 12.71
N GLU A 263 62.45 -20.72 14.04
CA GLU A 263 62.69 -21.84 14.96
C GLU A 263 61.56 -22.88 14.94
N GLU A 264 60.31 -22.41 14.89
CA GLU A 264 59.15 -23.30 14.87
C GLU A 264 59.02 -24.10 13.57
N VAL A 265 59.25 -23.42 12.44
CA VAL A 265 59.22 -24.04 11.11
C VAL A 265 60.44 -24.96 10.86
N GLY A 266 61.59 -24.57 11.40
CA GLY A 266 62.86 -25.22 11.10
C GLY A 266 63.37 -24.81 9.73
N ASP A 267 64.33 -25.55 9.20
CA ASP A 267 64.83 -25.31 7.84
C ASP A 267 63.91 -26.00 6.84
N ARG A 268 62.75 -25.42 6.64
CA ARG A 268 61.74 -25.92 5.73
C ARG A 268 61.11 -24.73 5.03
N LYS A 269 60.57 -24.97 3.84
CA LYS A 269 59.85 -23.95 3.09
C LYS A 269 58.47 -23.69 3.71
N THR A 270 57.88 -22.53 3.42
CA THR A 270 56.55 -22.16 3.95
C THR A 270 55.49 -21.80 2.90
N ILE A 271 54.30 -22.32 3.12
CA ILE A 271 53.10 -21.89 2.40
C ILE A 271 52.26 -21.19 3.47
N VAL A 272 51.99 -19.92 3.27
CA VAL A 272 51.37 -19.07 4.28
C VAL A 272 49.97 -18.57 3.88
N ARG A 273 49.06 -18.67 4.85
CA ARG A 273 47.86 -17.83 4.90
C ARG A 273 47.56 -17.48 6.34
N VAL A 274 46.84 -16.38 6.52
CA VAL A 274 46.47 -15.87 7.84
C VAL A 274 44.98 -15.52 7.98
N ASP A 275 44.15 -15.94 7.02
CA ASP A 275 42.73 -15.55 7.00
C ASP A 275 41.95 -16.26 8.07
N ARG A 276 41.00 -15.53 8.63
CA ARG A 276 40.05 -16.07 9.59
C ARG A 276 39.14 -17.07 8.87
N THR A 277 38.44 -17.91 9.65
CA THR A 277 37.67 -19.02 9.08
C THR A 277 36.34 -18.57 8.48
N GLU A 278 36.42 -17.66 7.52
CA GLU A 278 35.23 -17.08 6.86
C GLU A 278 34.90 -18.00 5.68
N LEU A 279 33.61 -18.22 5.46
CA LEU A 279 33.13 -19.21 4.48
C LEU A 279 33.62 -19.00 3.06
N SER A 280 33.79 -17.75 2.65
CA SER A 280 34.32 -17.45 1.32
C SER A 280 35.83 -17.66 1.15
N LYS A 281 36.57 -17.84 2.23
CA LYS A 281 38.04 -17.90 2.18
C LYS A 281 38.63 -19.18 1.54
N ASN A 282 37.85 -20.28 1.54
CA ASN A 282 38.21 -21.51 0.85
C ASN A 282 39.42 -22.18 1.50
N ILE A 283 39.51 -22.09 2.84
CA ILE A 283 40.61 -22.66 3.63
C ILE A 283 40.62 -24.18 3.55
N LEU A 284 39.45 -24.81 3.60
CA LEU A 284 39.35 -26.27 3.54
C LEU A 284 39.96 -26.83 2.25
N ARG A 285 39.49 -26.38 1.09
CA ARG A 285 40.07 -26.86 -0.19
C ARG A 285 41.58 -26.55 -0.29
N GLY A 286 42.02 -25.44 0.32
CA GLY A 286 43.45 -25.17 0.43
C GLY A 286 44.19 -26.26 1.20
N LEU A 287 43.62 -26.68 2.33
CA LEU A 287 44.16 -27.80 3.11
C LEU A 287 44.11 -29.11 2.33
N LEU A 288 43.02 -29.37 1.61
CA LEU A 288 42.91 -30.55 0.75
C LEU A 288 43.98 -30.56 -0.32
N ALA A 289 44.29 -29.38 -0.87
CA ALA A 289 45.35 -29.24 -1.88
C ALA A 289 46.71 -29.51 -1.29
N TYR A 290 46.89 -29.09 -0.04
CA TYR A 290 48.12 -29.41 0.67
C TYR A 290 48.24 -30.93 0.91
N ARG A 291 47.16 -31.59 1.27
CA ARG A 291 47.19 -33.05 1.46
C ARG A 291 47.61 -33.75 0.17
N GLU A 292 47.04 -33.32 -0.95
CA GLU A 292 47.34 -33.90 -2.25
C GLU A 292 48.79 -33.60 -2.72
N LEU A 293 49.29 -32.41 -2.37
CA LEU A 293 50.69 -32.06 -2.65
C LEU A 293 51.62 -33.06 -1.99
N LEU A 294 51.38 -33.30 -0.70
CA LEU A 294 52.23 -34.23 0.10
C LEU A 294 52.06 -35.69 -0.32
N THR A 295 50.87 -36.04 -0.78
CA THR A 295 50.58 -37.38 -1.33
C THR A 295 51.28 -37.60 -2.69
N VAL A 296 51.09 -36.67 -3.62
CA VAL A 296 51.55 -36.79 -5.02
C VAL A 296 53.03 -36.43 -5.17
N HIS A 297 53.51 -35.46 -4.41
CA HIS A 297 54.91 -35.03 -4.44
C HIS A 297 55.54 -35.29 -3.07
N PRO A 298 55.83 -36.57 -2.75
CA PRO A 298 56.34 -36.92 -1.41
C PRO A 298 57.70 -36.33 -1.06
N GLU A 299 58.39 -35.83 -2.07
CA GLU A 299 59.61 -35.09 -1.88
C GLU A 299 59.47 -33.87 -0.93
N TRP A 300 58.25 -33.35 -0.70
CA TRP A 300 58.07 -32.24 0.25
C TRP A 300 57.93 -32.64 1.74
N ARG A 301 57.85 -33.96 2.04
CA ARG A 301 57.71 -34.40 3.43
C ARG A 301 58.97 -34.03 4.20
N ASP A 302 58.81 -33.37 5.33
CA ASP A 302 59.89 -32.83 6.18
C ASP A 302 60.51 -31.54 5.60
N ARG A 303 59.99 -31.05 4.47
CA ARG A 303 60.63 -29.96 3.70
C ARG A 303 59.75 -28.72 3.50
N VAL A 304 58.51 -28.80 3.96
CA VAL A 304 57.56 -27.70 3.84
C VAL A 304 56.65 -27.74 5.06
N VAL A 305 56.12 -26.56 5.39
CA VAL A 305 55.14 -26.37 6.44
C VAL A 305 54.10 -25.37 5.91
N HIS A 306 52.83 -25.72 6.03
CA HIS A 306 51.73 -24.84 5.69
C HIS A 306 51.28 -24.12 6.99
N LEU A 307 51.48 -22.80 7.01
CA LEU A 307 50.89 -21.95 8.05
C LEU A 307 49.45 -21.60 7.66
N ALA A 308 48.51 -21.88 8.54
CA ALA A 308 47.11 -21.48 8.35
C ALA A 308 46.51 -21.03 9.68
N SER A 309 45.43 -20.24 9.59
CA SER A 309 44.68 -19.77 10.74
C SER A 309 43.40 -20.57 10.92
N ALA A 310 43.08 -20.91 12.14
CA ALA A 310 41.73 -21.33 12.52
C ALA A 310 41.08 -20.34 13.46
N TYR A 311 41.52 -19.09 13.46
CA TYR A 311 40.87 -18.04 14.25
C TYR A 311 39.44 -17.83 13.73
N PRO A 312 38.41 -17.83 14.62
CA PRO A 312 37.03 -17.76 14.10
C PRO A 312 36.66 -16.45 13.39
N SER A 313 36.01 -16.57 12.25
CA SER A 313 35.38 -15.42 11.62
C SER A 313 34.14 -14.95 12.40
N ARG A 314 33.24 -15.87 12.68
CA ARG A 314 32.00 -15.60 13.43
C ARG A 314 31.72 -16.77 14.34
N GLN A 315 31.08 -16.47 15.47
CA GLN A 315 30.71 -17.53 16.40
C GLN A 315 29.21 -17.61 16.66
N ASP A 316 28.46 -16.75 15.99
CA ASP A 316 27.00 -16.57 16.16
C ASP A 316 26.15 -17.19 15.01
N LEU A 317 26.76 -17.92 14.08
CA LEU A 317 26.04 -18.75 13.08
C LEU A 317 26.55 -20.19 13.11
N ALA A 318 25.64 -21.17 13.09
CA ALA A 318 26.02 -22.60 13.08
C ALA A 318 26.99 -22.98 11.93
N ALA A 319 26.75 -22.46 10.74
CA ALA A 319 27.59 -22.78 9.59
C ALA A 319 29.04 -22.31 9.77
N TYR A 320 29.21 -21.14 10.40
CA TYR A 320 30.53 -20.58 10.66
C TYR A 320 31.28 -21.35 11.77
N ARG A 321 30.56 -21.76 12.81
CA ARG A 321 31.14 -22.65 13.83
C ARG A 321 31.53 -24.02 13.25
N ALA A 322 30.70 -24.59 12.38
CA ALA A 322 31.04 -25.87 11.73
C ALA A 322 32.25 -25.74 10.78
N TYR A 323 32.37 -24.59 10.11
CA TYR A 323 33.51 -24.33 9.21
C TYR A 323 34.81 -24.26 10.01
N THR A 324 34.81 -23.51 11.11
CA THR A 324 35.99 -23.41 11.99
C THR A 324 36.42 -24.80 12.50
N ALA A 325 35.46 -25.57 12.97
CA ALA A 325 35.70 -26.93 13.44
C ALA A 325 36.26 -27.83 12.34
N SER A 326 35.77 -27.70 11.10
CA SER A 326 36.25 -28.54 10.00
C SER A 326 37.71 -28.19 9.62
N VAL A 327 38.03 -26.89 9.64
CA VAL A 327 39.40 -26.42 9.50
C VAL A 327 40.33 -27.07 10.54
N THR A 328 39.99 -26.93 11.82
CA THR A 328 40.76 -27.56 12.91
C THR A 328 40.97 -29.07 12.69
N GLU A 329 39.88 -29.76 12.38
CA GLU A 329 39.88 -31.23 12.23
C GLU A 329 40.69 -31.70 11.02
N LEU A 330 40.56 -31.03 9.90
CA LEU A 330 41.29 -31.40 8.67
C LEU A 330 42.82 -31.16 8.82
N ALA A 331 43.17 -30.04 9.45
CA ALA A 331 44.56 -29.77 9.84
C ALA A 331 45.14 -30.89 10.69
N ALA A 332 44.39 -31.32 11.71
CA ALA A 332 44.84 -32.42 12.60
C ALA A 332 44.92 -33.77 11.87
N GLU A 333 44.00 -34.04 10.92
CA GLU A 333 44.11 -35.30 10.13
C GLU A 333 45.40 -35.32 9.31
N ILE A 334 45.73 -34.19 8.68
CA ILE A 334 46.94 -34.10 7.86
C ILE A 334 48.21 -34.27 8.71
N ASN A 335 48.21 -33.64 9.89
CA ASN A 335 49.33 -33.79 10.84
C ASN A 335 49.54 -35.24 11.32
N ALA A 336 48.45 -35.96 11.62
CA ALA A 336 48.51 -37.38 12.04
C ALA A 336 48.96 -38.36 10.96
N GLU A 337 48.59 -38.05 9.72
CA GLU A 337 48.94 -38.84 8.55
C GLU A 337 50.42 -38.74 8.19
N PHE A 338 50.96 -37.51 8.19
CA PHE A 338 52.30 -37.21 7.68
C PHE A 338 53.29 -36.76 8.74
N GLY A 339 52.81 -36.26 9.89
CA GLY A 339 53.71 -35.74 10.91
C GLY A 339 54.64 -36.78 11.50
N THR A 340 55.80 -36.30 11.93
CA THR A 340 56.75 -37.09 12.71
C THR A 340 57.04 -36.34 14.00
N ALA A 341 57.91 -36.91 14.82
CA ALA A 341 58.35 -36.27 16.05
C ALA A 341 59.02 -34.93 15.75
N ASP A 342 59.76 -34.84 14.65
CA ASP A 342 60.48 -33.60 14.28
C ASP A 342 59.70 -32.63 13.40
N TRP A 343 58.60 -33.08 12.77
CA TRP A 343 57.88 -32.27 11.77
C TRP A 343 56.35 -32.27 11.93
N GLN A 344 55.78 -31.06 12.04
CA GLN A 344 54.33 -30.83 11.98
C GLN A 344 54.00 -30.16 10.62
N PRO A 345 53.36 -30.89 9.69
CA PRO A 345 53.03 -30.38 8.35
C PRO A 345 52.16 -29.10 8.28
N VAL A 346 51.14 -29.00 9.15
CA VAL A 346 50.30 -27.81 9.27
C VAL A 346 50.55 -27.10 10.63
N LEU A 347 51.02 -25.85 10.59
CA LEU A 347 51.20 -25.05 11.79
C LEU A 347 49.97 -24.15 11.90
N VAL A 348 49.09 -24.47 12.84
CA VAL A 348 47.77 -23.81 13.00
C VAL A 348 47.83 -22.70 14.04
N SER A 349 47.57 -21.47 13.63
CA SER A 349 47.48 -20.36 14.60
C SER A 349 46.01 -20.07 14.95
N VAL A 350 45.74 -19.94 16.25
CA VAL A 350 44.41 -19.58 16.77
C VAL A 350 44.42 -18.20 17.44
N GLU A 351 45.47 -17.42 17.18
CA GLU A 351 45.59 -16.05 17.68
C GLU A 351 45.31 -15.05 16.56
N ASP A 352 45.00 -13.81 16.93
CA ASP A 352 44.88 -12.71 16.00
C ASP A 352 45.93 -11.70 16.42
N ASP A 353 47.12 -11.88 15.89
CA ASP A 353 48.29 -11.12 16.33
C ASP A 353 48.94 -10.59 15.06
N PHE A 354 48.75 -9.30 14.78
CA PHE A 354 49.27 -8.70 13.53
C PHE A 354 50.81 -8.74 13.42
N THR A 355 51.52 -8.62 14.55
CA THR A 355 52.97 -8.79 14.60
C THR A 355 53.42 -10.17 14.07
N ARG A 356 52.68 -11.23 14.42
CA ARG A 356 52.96 -12.58 13.88
C ARG A 356 52.67 -12.66 12.37
N SER A 357 51.53 -12.09 11.95
CA SER A 357 51.18 -12.08 10.51
C SER A 357 52.27 -11.38 9.69
N LEU A 358 52.79 -10.28 10.20
CA LEU A 358 53.80 -9.53 9.46
C LEU A 358 55.07 -10.35 9.31
N ALA A 359 55.40 -11.12 10.35
CA ALA A 359 56.56 -11.97 10.32
C ALA A 359 56.32 -13.12 9.34
N ALA A 360 55.10 -13.69 9.35
CA ALA A 360 54.71 -14.72 8.39
C ALA A 360 54.79 -14.21 6.93
N TYR A 361 54.31 -12.99 6.71
CA TYR A 361 54.45 -12.32 5.40
C TYR A 361 55.90 -12.18 4.94
N ARG A 362 56.76 -11.79 5.88
CA ARG A 362 58.20 -11.60 5.57
C ARG A 362 58.90 -12.90 5.22
N LEU A 363 58.47 -14.00 5.82
CA LEU A 363 59.12 -15.29 5.66
C LEU A 363 58.63 -16.06 4.41
N ALA A 364 57.38 -15.86 4.07
CA ALA A 364 56.68 -16.74 3.15
C ALA A 364 57.43 -17.07 1.83
N ASP A 365 57.55 -18.37 1.56
CA ASP A 365 57.95 -18.83 0.24
C ASP A 365 56.79 -18.80 -0.73
N VAL A 366 55.63 -19.24 -0.26
CA VAL A 366 54.43 -19.29 -1.07
C VAL A 366 53.30 -18.66 -0.24
N ALA A 367 52.50 -17.81 -0.88
CA ALA A 367 51.25 -17.27 -0.30
C ALA A 367 50.04 -17.96 -0.96
N LEU A 368 49.16 -18.53 -0.15
CA LEU A 368 47.97 -19.21 -0.70
C LEU A 368 46.73 -18.33 -0.47
N VAL A 369 46.28 -17.67 -1.54
CA VAL A 369 45.14 -16.73 -1.53
C VAL A 369 44.10 -17.22 -2.55
N ASN A 370 43.28 -18.16 -2.11
CA ASN A 370 42.36 -18.89 -3.00
C ASN A 370 40.87 -18.75 -2.71
N PRO A 371 40.39 -17.53 -2.40
CA PRO A 371 38.96 -17.45 -2.06
C PRO A 371 38.06 -17.88 -3.20
N VAL A 372 36.86 -18.31 -2.85
CA VAL A 372 35.83 -18.60 -3.85
C VAL A 372 35.45 -17.30 -4.57
N ARG A 373 35.16 -16.26 -3.79
CA ARG A 373 34.85 -14.92 -4.31
C ARG A 373 35.21 -13.92 -3.22
N ASP A 374 35.90 -12.82 -3.54
CA ASP A 374 35.97 -11.72 -2.58
C ASP A 374 36.14 -10.36 -3.22
N GLY A 375 35.90 -9.33 -2.41
CA GLY A 375 35.84 -7.99 -2.91
C GLY A 375 37.24 -7.48 -3.21
N MET A 376 38.09 -7.51 -2.19
CA MET A 376 39.53 -7.25 -2.34
C MET A 376 40.26 -7.74 -1.11
N ASN A 377 40.89 -8.91 -1.15
CA ASN A 377 41.76 -9.31 -0.01
C ASN A 377 43.14 -8.67 -0.23
N LEU A 378 43.51 -7.84 0.73
CA LEU A 378 44.72 -7.08 0.68
C LEU A 378 45.93 -7.95 0.96
N VAL A 379 45.76 -9.11 1.59
CA VAL A 379 46.89 -10.02 1.88
C VAL A 379 47.72 -10.37 0.61
N ALA A 380 47.02 -10.57 -0.52
CA ALA A 380 47.65 -10.79 -1.85
C ALA A 380 48.62 -9.68 -2.26
N LYS A 381 48.27 -8.45 -1.84
CA LYS A 381 49.07 -7.25 -2.05
C LYS A 381 50.12 -6.98 -0.94
N GLU A 382 49.76 -7.27 0.31
CA GLU A 382 50.62 -7.01 1.45
C GLU A 382 51.89 -7.87 1.45
N ILE A 383 51.72 -9.15 1.10
CA ILE A 383 52.82 -10.10 1.20
C ILE A 383 53.99 -9.78 0.27
N PRO A 384 53.73 -9.55 -1.02
CA PRO A 384 54.81 -9.19 -1.93
C PRO A 384 55.53 -7.88 -1.54
N VAL A 385 54.79 -6.93 -0.96
CA VAL A 385 55.36 -5.64 -0.53
C VAL A 385 56.36 -5.77 0.62
N VAL A 386 56.11 -6.68 1.56
CA VAL A 386 57.06 -6.89 2.68
C VAL A 386 57.96 -8.12 2.59
N SER A 387 57.81 -8.96 1.57
CA SER A 387 58.62 -10.18 1.44
C SER A 387 60.13 -9.92 1.59
N ASP A 388 60.82 -10.65 2.45
CA ASP A 388 62.28 -10.43 2.59
C ASP A 388 63.07 -10.94 1.39
N ALA A 389 62.72 -12.11 0.85
CA ALA A 389 63.53 -12.75 -0.21
C ALA A 389 62.71 -13.24 -1.42
N GLY A 390 61.43 -12.85 -1.51
CA GLY A 390 60.59 -13.21 -2.63
C GLY A 390 59.53 -14.19 -2.19
N CYS A 391 58.36 -14.09 -2.83
CA CYS A 391 57.24 -14.96 -2.47
C CYS A 391 56.42 -15.21 -3.72
N ALA A 392 56.20 -16.48 -4.05
CA ALA A 392 55.33 -16.85 -5.16
C ALA A 392 53.88 -16.79 -4.66
N LEU A 393 53.02 -16.20 -5.47
CA LEU A 393 51.63 -16.03 -5.14
C LEU A 393 50.76 -16.98 -5.94
N VAL A 394 50.05 -17.85 -5.22
CA VAL A 394 48.97 -18.69 -5.73
C VAL A 394 47.60 -18.03 -5.49
N LEU A 395 46.98 -17.59 -6.58
CA LEU A 395 45.84 -16.70 -6.52
C LEU A 395 44.65 -17.23 -7.29
N SER A 396 43.48 -17.30 -6.66
CA SER A 396 42.28 -17.75 -7.37
C SER A 396 41.66 -16.68 -8.25
N THR A 397 40.98 -17.14 -9.29
CA THR A 397 40.29 -16.26 -10.27
C THR A 397 39.17 -15.43 -9.65
N GLY A 398 38.61 -15.91 -8.52
CA GLY A 398 37.59 -15.18 -7.82
C GLY A 398 38.05 -14.13 -6.80
N ALA A 399 39.36 -14.06 -6.56
CA ALA A 399 39.94 -13.08 -5.61
C ALA A 399 39.84 -11.69 -6.23
N GLY A 400 39.48 -10.69 -5.43
CA GLY A 400 39.34 -9.31 -5.91
C GLY A 400 40.61 -8.73 -6.51
N ALA A 401 41.78 -9.18 -6.02
CA ALA A 401 43.07 -8.74 -6.54
C ALA A 401 43.48 -9.43 -7.86
N TYR A 402 42.70 -10.44 -8.29
CA TYR A 402 43.05 -11.22 -9.48
C TYR A 402 43.36 -10.36 -10.72
N GLU A 403 42.45 -9.48 -11.11
CA GLU A 403 42.64 -8.75 -12.38
C GLU A 403 43.91 -7.91 -12.40
N GLU A 404 44.27 -7.32 -11.26
CA GLU A 404 45.55 -6.59 -11.13
C GLU A 404 46.84 -7.43 -10.98
N LEU A 405 46.75 -8.63 -10.40
CA LEU A 405 47.94 -9.42 -10.09
C LEU A 405 48.13 -10.64 -10.99
N LYS A 406 47.18 -10.95 -11.85
CA LYS A 406 47.18 -12.24 -12.58
C LYS A 406 48.42 -12.49 -13.48
N GLU A 407 49.11 -11.44 -13.94
CA GLU A 407 50.30 -11.63 -14.79
C GLU A 407 51.45 -12.25 -14.03
N ASP A 408 51.54 -11.98 -12.73
CA ASP A 408 52.68 -12.43 -11.92
C ASP A 408 52.35 -13.44 -10.78
N ALA A 409 51.06 -13.75 -10.61
CA ALA A 409 50.62 -14.87 -9.71
C ALA A 409 50.44 -16.16 -10.50
N LEU A 410 50.41 -17.29 -9.81
CA LEU A 410 49.97 -18.56 -10.36
C LEU A 410 48.44 -18.68 -10.23
N THR A 411 47.73 -18.61 -11.37
CA THR A 411 46.27 -18.71 -11.40
C THR A 411 45.80 -20.07 -10.93
N VAL A 412 44.79 -20.07 -10.03
CA VAL A 412 44.03 -21.31 -9.71
C VAL A 412 42.53 -21.08 -9.79
N HIS A 413 41.79 -22.11 -10.19
CA HIS A 413 40.35 -22.08 -10.14
C HIS A 413 39.93 -22.68 -8.76
N PRO A 414 39.12 -21.96 -7.98
CA PRO A 414 38.97 -22.25 -6.52
C PRO A 414 38.46 -23.66 -6.11
N TYR A 415 37.66 -24.27 -6.98
CA TYR A 415 37.14 -25.60 -6.74
C TYR A 415 38.10 -26.73 -7.13
N ASP A 416 39.11 -26.39 -7.92
CA ASP A 416 40.01 -27.38 -8.48
C ASP A 416 41.19 -27.65 -7.56
N VAL A 417 41.02 -28.63 -6.69
CA VAL A 417 42.04 -29.02 -5.70
C VAL A 417 43.32 -29.56 -6.38
N SER A 418 43.17 -30.41 -7.40
CA SER A 418 44.36 -30.91 -8.13
C SER A 418 45.19 -29.79 -8.78
N GLU A 419 44.52 -28.85 -9.44
CA GLU A 419 45.20 -27.70 -10.02
C GLU A 419 45.85 -26.86 -8.90
N THR A 420 45.14 -26.73 -7.76
CA THR A 420 45.71 -25.97 -6.61
C THR A 420 46.96 -26.68 -6.05
N ALA A 421 46.92 -28.01 -5.95
CA ALA A 421 48.08 -28.79 -5.51
C ALA A 421 49.26 -28.65 -6.45
N GLU A 422 48.99 -28.65 -7.75
CA GLU A 422 50.05 -28.48 -8.74
C GLU A 422 50.62 -27.07 -8.76
N ALA A 423 49.80 -26.06 -8.48
CA ALA A 423 50.29 -24.70 -8.39
C ALA A 423 51.22 -24.54 -7.18
N LEU A 424 50.88 -25.16 -6.06
CA LEU A 424 51.78 -25.15 -4.90
C LEU A 424 53.16 -25.73 -5.25
N HIS A 425 53.17 -26.83 -6.01
CA HIS A 425 54.42 -27.45 -6.46
C HIS A 425 55.24 -26.50 -7.37
N THR A 426 54.57 -25.89 -8.35
CA THR A 426 55.18 -24.87 -9.23
C THR A 426 55.69 -23.66 -8.43
N ALA A 427 54.91 -23.23 -7.44
CA ALA A 427 55.32 -22.10 -6.61
C ALA A 427 56.54 -22.43 -5.77
N LEU A 428 56.53 -23.62 -5.17
CA LEU A 428 57.64 -24.11 -4.33
C LEU A 428 58.96 -24.33 -5.12
N THR A 429 58.84 -24.60 -6.42
CA THR A 429 59.97 -24.84 -7.29
C THR A 429 60.29 -23.64 -8.20
N MET A 430 59.70 -22.48 -7.95
CA MET A 430 59.90 -21.35 -8.87
C MET A 430 61.37 -20.90 -8.75
N PRO A 431 62.08 -20.76 -9.88
CA PRO A 431 63.48 -20.32 -9.78
C PRO A 431 63.59 -19.02 -8.97
N PRO A 432 64.54 -18.95 -8.00
CA PRO A 432 64.69 -17.74 -7.16
C PRO A 432 64.73 -16.38 -7.88
N PRO A 433 65.43 -16.27 -9.03
CA PRO A 433 65.43 -14.95 -9.73
C PRO A 433 64.10 -14.60 -10.42
N GLU A 434 63.43 -15.60 -10.99
CA GLU A 434 62.05 -15.44 -11.47
C GLU A 434 61.16 -14.96 -10.31
N ARG A 435 61.31 -15.61 -9.16
CA ARG A 435 60.51 -15.29 -7.98
C ARG A 435 60.67 -13.85 -7.49
N ALA A 436 61.90 -13.33 -7.55
CA ALA A 436 62.19 -11.91 -7.24
C ALA A 436 61.60 -10.95 -8.27
N ASP A 437 61.81 -11.23 -9.55
CA ASP A 437 61.22 -10.40 -10.61
C ASP A 437 59.68 -10.28 -10.41
N ARG A 438 59.03 -11.42 -10.19
CA ARG A 438 57.59 -11.45 -9.95
C ARG A 438 57.23 -10.70 -8.67
N THR A 439 57.94 -10.97 -7.58
CA THR A 439 57.69 -10.31 -6.31
C THR A 439 57.75 -8.77 -6.41
N LYS A 440 58.67 -8.26 -7.21
CA LYS A 440 58.86 -6.81 -7.41
C LYS A 440 57.76 -6.21 -8.27
N ARG A 441 57.34 -6.93 -9.31
CA ARG A 441 56.19 -6.46 -10.13
C ARG A 441 54.85 -6.54 -9.36
N LEU A 442 54.66 -7.59 -8.56
CA LEU A 442 53.51 -7.71 -7.68
C LEU A 442 53.44 -6.54 -6.70
N ALA A 443 54.58 -6.20 -6.09
CA ALA A 443 54.64 -5.10 -5.11
C ALA A 443 54.30 -3.73 -5.73
N SER A 444 54.78 -3.53 -6.93
CA SER A 444 54.46 -2.36 -7.69
C SER A 444 52.94 -2.22 -7.94
N ALA A 445 52.30 -3.29 -8.41
CA ALA A 445 50.85 -3.25 -8.70
C ALA A 445 50.02 -3.05 -7.43
N ALA A 446 50.50 -3.65 -6.34
CA ALA A 446 49.89 -3.65 -5.02
C ALA A 446 49.87 -2.26 -4.35
N THR A 447 50.87 -1.46 -4.66
CA THR A 447 50.95 -0.14 -4.09
C THR A 447 50.52 0.94 -5.11
N ALA A 448 49.87 0.59 -6.22
CA ALA A 448 49.45 1.64 -7.20
C ALA A 448 48.42 2.64 -6.62
N LEU A 449 47.48 2.17 -5.81
CA LEU A 449 46.41 3.02 -5.26
C LEU A 449 46.32 2.80 -3.74
N PRO A 450 47.17 3.49 -2.96
CA PRO A 450 47.06 3.35 -1.51
C PRO A 450 45.72 3.93 -1.00
N PRO A 451 45.33 3.59 0.25
CA PRO A 451 44.07 4.04 0.89
C PRO A 451 43.75 5.52 0.71
N GLN A 452 44.73 6.41 0.84
CA GLN A 452 44.46 7.83 0.77
C GLN A 452 44.08 8.27 -0.62
N ARG A 453 44.83 7.87 -1.63
CA ARG A 453 44.47 8.20 -3.01
C ARG A 453 43.18 7.44 -3.46
N TRP A 454 42.95 6.22 -2.97
CA TRP A 454 41.68 5.49 -3.22
C TRP A 454 40.48 6.30 -2.76
N PHE A 455 40.60 6.87 -1.56
CA PHE A 455 39.58 7.73 -1.01
C PHE A 455 39.46 9.04 -1.79
N LEU A 456 40.57 9.75 -2.01
CA LEU A 456 40.54 10.99 -2.79
C LEU A 456 39.98 10.84 -4.22
N ASN A 457 40.27 9.74 -4.90
CA ASN A 457 39.61 9.43 -6.19
C ASN A 457 38.10 9.36 -6.07
N GLN A 458 37.58 8.75 -5.00
CA GLN A 458 36.13 8.78 -4.84
C GLN A 458 35.59 10.19 -4.62
N LEU A 459 36.26 10.97 -3.79
CA LEU A 459 35.85 12.35 -3.61
C LEU A 459 35.92 13.14 -4.94
N GLU A 460 37.00 12.92 -5.69
CA GLU A 460 37.19 13.55 -7.01
C GLU A 460 36.10 13.15 -8.03
N GLY A 461 35.70 11.89 -8.00
CA GLY A 461 34.60 11.36 -8.82
C GLY A 461 33.28 12.09 -8.64
N LEU A 462 33.04 12.64 -7.45
CA LEU A 462 31.83 13.45 -7.19
C LEU A 462 31.89 14.89 -7.75
N SER A 463 33.05 15.32 -8.28
CA SER A 463 33.10 16.51 -9.19
C SER A 463 32.71 16.25 -10.68
N ASP A 464 32.55 14.99 -11.10
CA ASP A 464 32.40 14.61 -12.55
C ASP A 464 31.19 15.26 -13.24
N GLY B 14 19.54 28.04 21.21
CA GLY B 14 18.13 27.58 21.15
C GLY B 14 17.19 28.26 22.14
N ALA B 15 15.89 28.29 21.81
CA ALA B 15 14.88 29.03 22.56
C ALA B 15 14.14 28.11 23.54
N SER B 16 13.72 28.68 24.67
CA SER B 16 12.92 27.97 25.70
C SER B 16 11.41 28.23 25.58
N VAL B 17 11.01 29.25 24.84
CA VAL B 17 9.62 29.48 24.47
C VAL B 17 9.53 29.78 22.94
N LEU B 18 8.69 29.01 22.24
CA LEU B 18 8.54 29.16 20.78
C LEU B 18 7.05 29.28 20.41
N VAL B 19 6.80 30.15 19.45
CA VAL B 19 5.48 30.41 18.94
C VAL B 19 5.59 30.09 17.44
N ALA B 20 4.52 29.54 16.87
CA ALA B 20 4.43 29.36 15.43
C ALA B 20 3.09 29.82 14.93
N SER B 21 3.09 30.71 13.94
CA SER B 21 1.87 31.14 13.25
C SER B 21 2.23 31.45 11.80
N ASN B 22 1.28 31.34 10.88
CA ASN B 22 1.56 31.75 9.49
C ASN B 22 2.02 33.21 9.41
N ARG B 23 1.27 34.09 10.07
CA ARG B 23 1.56 35.52 10.11
C ARG B 23 2.39 35.90 11.34
N GLY B 24 3.59 36.44 11.09
CA GLY B 24 4.45 36.94 12.14
C GLY B 24 4.26 38.44 12.43
N PRO B 25 5.10 39.00 13.31
CA PRO B 25 4.94 40.37 13.79
C PRO B 25 5.48 41.43 12.82
N VAL B 26 6.40 41.05 11.93
CA VAL B 26 7.03 41.98 10.99
C VAL B 26 6.74 41.64 9.54
N SER B 27 6.47 42.68 8.76
CA SER B 27 6.20 42.57 7.33
C SER B 27 7.23 43.45 6.60
N TYR B 28 7.82 42.93 5.52
CA TYR B 28 8.77 43.71 4.71
C TYR B 28 8.19 44.12 3.35
N VAL B 29 8.30 45.40 2.99
CA VAL B 29 7.79 45.97 1.70
C VAL B 29 8.95 46.38 0.75
N ARG B 30 8.80 46.15 -0.57
CA ARG B 30 9.78 46.66 -1.54
C ARG B 30 9.29 47.97 -2.12
N ASP B 37 12.26 48.06 3.45
CA ASP B 37 11.63 48.57 4.67
C ASP B 37 10.75 47.55 5.44
N ALA B 38 10.64 47.72 6.76
CA ALA B 38 9.88 46.83 7.66
C ALA B 38 8.61 47.51 8.20
N ARG B 39 7.78 46.77 8.93
CA ARG B 39 6.59 47.34 9.61
C ARG B 39 5.94 46.35 10.59
N ARG B 40 5.85 46.70 11.88
CA ARG B 40 5.20 45.86 12.92
C ARG B 40 3.68 46.00 12.92
N GLY B 41 2.99 45.09 13.61
CA GLY B 41 1.53 45.12 13.72
C GLY B 41 0.98 44.07 14.66
N SER B 54 12.46 37.21 26.41
CA SER B 54 13.01 38.08 25.36
C SER B 54 14.14 37.39 24.58
N GLN B 55 15.27 37.14 25.23
CA GLN B 55 16.45 36.53 24.56
C GLN B 55 16.37 34.99 24.56
N ASP B 56 15.33 34.43 25.18
CA ASP B 56 15.04 33.00 25.10
C ASP B 56 13.75 32.65 24.32
N SER B 57 13.16 33.60 23.56
CA SER B 57 11.94 33.35 22.77
C SER B 57 12.16 33.41 21.24
N LEU B 58 11.44 32.57 20.48
CA LEU B 58 11.47 32.59 19.01
C LEU B 58 10.08 32.41 18.43
N TRP B 59 9.73 33.26 17.47
CA TRP B 59 8.48 33.18 16.72
C TRP B 59 8.81 32.72 15.29
N VAL B 60 8.31 31.54 14.93
CA VAL B 60 8.50 30.99 13.57
C VAL B 60 7.28 31.35 12.73
N CYS B 61 7.51 31.90 11.53
CA CYS B 61 6.41 32.38 10.70
C CYS B 61 6.75 32.22 9.24
N ALA B 62 5.80 32.55 8.35
CA ALA B 62 6.03 32.40 6.91
C ALA B 62 6.30 33.74 6.22
N ALA B 63 7.16 33.75 5.20
CA ALA B 63 7.22 34.90 4.30
C ALA B 63 5.88 34.93 3.55
N LEU B 64 5.20 36.08 3.64
CA LEU B 64 3.82 36.23 3.15
C LEU B 64 3.72 36.61 1.66
N GLY B 65 4.87 36.93 1.05
CA GLY B 65 4.95 37.25 -0.40
C GLY B 65 6.38 37.49 -0.85
N GLU B 66 6.58 38.32 -1.89
CA GLU B 66 7.93 38.59 -2.41
C GLU B 66 8.84 39.51 -1.54
N GLY B 67 8.26 40.52 -0.89
CA GLY B 67 9.04 41.42 -0.03
C GLY B 67 9.60 40.72 1.21
N ASP B 68 8.78 39.87 1.83
CA ASP B 68 9.26 39.00 2.93
C ASP B 68 10.30 37.98 2.41
N ARG B 69 10.04 37.36 1.26
CA ARG B 69 10.96 36.36 0.72
C ARG B 69 12.34 37.01 0.41
N GLU B 70 12.35 38.29 0.05
CA GLU B 70 13.62 38.99 -0.26
C GLU B 70 14.43 39.19 1.01
N ALA B 71 13.77 39.69 2.05
CA ALA B 71 14.37 39.77 3.37
C ALA B 71 15.01 38.45 3.80
N VAL B 72 14.32 37.33 3.57
CA VAL B 72 14.86 36.01 3.93
C VAL B 72 16.09 35.73 3.09
N ARG B 73 15.94 35.88 1.78
CA ARG B 73 17.06 35.72 0.83
C ARG B 73 18.26 36.53 1.26
N ARG B 74 18.05 37.80 1.55
CA ARG B 74 19.14 38.71 1.88
C ARG B 74 19.75 38.49 3.26
N GLY B 75 19.06 37.75 4.14
CA GLY B 75 19.51 37.47 5.51
C GLY B 75 19.23 38.59 6.51
N ILE B 76 18.18 39.38 6.21
CA ILE B 76 17.69 40.46 7.04
C ILE B 76 16.55 39.93 7.91
N GLY B 77 16.56 40.26 9.19
CA GLY B 77 15.50 39.82 10.11
C GLY B 77 15.56 40.44 11.49
N GLU B 78 14.44 40.42 12.20
CA GLU B 78 14.38 40.88 13.58
C GLU B 78 14.84 39.79 14.55
N PRO B 79 15.43 40.21 15.68
CA PRO B 79 15.74 39.27 16.76
C PRO B 79 14.49 38.52 17.23
N GLY B 80 14.63 37.23 17.49
CA GLY B 80 13.53 36.40 18.01
C GLY B 80 12.46 36.02 16.97
N VAL B 81 12.74 36.19 15.68
CA VAL B 81 11.79 35.85 14.60
C VAL B 81 12.50 35.03 13.53
N ARG B 82 11.92 33.91 13.11
CA ARG B 82 12.49 33.09 12.07
C ARG B 82 11.40 33.04 11.01
N MET B 83 11.65 33.73 9.91
CA MET B 83 10.71 33.72 8.78
C MET B 83 11.13 32.65 7.75
N LEU B 84 10.17 31.83 7.34
CA LEU B 84 10.42 30.68 6.45
C LEU B 84 10.01 31.02 5.03
N ASP B 85 10.93 30.73 4.11
CA ASP B 85 10.70 30.82 2.68
C ASP B 85 10.18 29.47 2.20
N ILE B 86 8.87 29.36 2.11
CA ILE B 86 8.22 28.16 1.58
C ILE B 86 7.98 28.37 0.09
N ALA B 87 8.24 27.36 -0.73
CA ALA B 87 8.10 27.50 -2.19
C ALA B 87 6.67 28.03 -2.49
N PRO B 88 6.54 29.04 -3.39
CA PRO B 88 5.25 29.74 -3.53
C PRO B 88 4.06 28.89 -3.98
N ASP B 89 4.30 27.85 -4.76
CA ASP B 89 3.20 26.99 -5.19
C ASP B 89 2.78 26.03 -4.08
N VAL B 90 3.72 25.61 -3.25
CA VAL B 90 3.39 24.84 -2.04
C VAL B 90 2.56 25.74 -1.08
N TYR B 91 3.02 26.98 -0.87
CA TYR B 91 2.35 27.96 0.01
C TYR B 91 0.93 28.25 -0.45
N ALA B 92 0.76 28.53 -1.73
CA ALA B 92 -0.58 28.77 -2.29
C ALA B 92 -1.54 27.56 -2.07
N ASP B 93 -1.08 26.34 -2.35
CA ASP B 93 -1.92 25.14 -2.20
C ASP B 93 -2.20 24.80 -0.75
N ALA B 94 -1.25 25.09 0.15
CA ALA B 94 -1.43 24.81 1.57
C ALA B 94 -2.26 25.90 2.27
N TYR B 95 -1.88 27.16 2.03
CA TYR B 95 -2.40 28.29 2.78
C TYR B 95 -3.75 28.79 2.26
N ASN B 96 -3.78 29.16 0.98
CA ASN B 96 -5.06 29.61 0.35
C ASN B 96 -6.00 28.43 0.14
N GLY B 97 -5.44 27.31 -0.32
CA GLY B 97 -6.25 26.19 -0.74
C GLY B 97 -6.78 25.43 0.44
N ILE B 98 -5.94 24.59 1.02
CA ILE B 98 -6.37 23.69 2.09
C ILE B 98 -6.82 24.46 3.34
N ALA B 99 -5.94 25.33 3.85
CA ALA B 99 -6.25 25.98 5.15
C ALA B 99 -7.40 26.99 5.05
N ASN B 100 -7.21 28.03 4.24
CA ASN B 100 -8.20 29.10 4.15
C ASN B 100 -9.45 28.79 3.37
N SER B 101 -9.44 27.73 2.56
CA SER B 101 -10.64 27.34 1.81
C SER B 101 -11.23 26.06 2.48
N VAL B 102 -10.55 24.92 2.37
CA VAL B 102 -11.10 23.66 2.89
C VAL B 102 -11.39 23.63 4.41
N LEU B 103 -10.40 23.95 5.23
CA LEU B 103 -10.56 23.87 6.69
C LEU B 103 -11.47 25.00 7.25
N TRP B 104 -11.31 26.22 6.70
CA TRP B 104 -12.16 27.33 7.06
C TRP B 104 -13.64 27.00 6.79
N PHE B 105 -13.93 26.51 5.58
CA PHE B 105 -15.31 26.17 5.22
C PHE B 105 -15.89 25.07 6.12
N LEU B 106 -15.06 24.05 6.38
CA LEU B 106 -15.45 22.89 7.20
C LEU B 106 -15.85 23.31 8.62
N HIS B 107 -14.97 24.05 9.27
CA HIS B 107 -15.20 24.47 10.63
C HIS B 107 -16.30 25.52 10.77
N HIS B 108 -16.57 26.32 9.72
CA HIS B 108 -17.67 27.28 9.78
C HIS B 108 -19.00 26.76 9.19
N HIS B 109 -19.02 25.52 8.72
CA HIS B 109 -20.22 24.90 8.12
C HIS B 109 -20.74 25.65 6.88
N LEU B 110 -19.82 26.12 6.04
CA LEU B 110 -20.14 27.01 4.94
C LEU B 110 -20.43 26.35 3.61
N TYR B 111 -20.21 25.05 3.48
CA TYR B 111 -20.22 24.43 2.13
C TYR B 111 -21.65 24.39 1.58
N ASP B 112 -21.79 24.71 0.29
CA ASP B 112 -23.04 24.52 -0.46
C ASP B 112 -23.05 23.06 -0.98
N ILE B 113 -23.68 22.20 -0.20
CA ILE B 113 -23.58 20.75 -0.27
C ILE B 113 -23.83 20.11 -1.63
N PRO B 114 -24.81 20.61 -2.42
CA PRO B 114 -25.00 20.07 -3.78
C PRO B 114 -23.76 20.16 -4.67
N ARG B 115 -22.84 21.07 -4.36
CA ARG B 115 -21.67 21.38 -5.19
C ARG B 115 -20.32 21.17 -4.52
N GLU B 116 -20.17 21.54 -3.25
CA GLU B 116 -18.92 21.37 -2.50
C GLU B 116 -19.21 20.80 -1.10
N PRO B 117 -18.24 20.08 -0.48
CA PRO B 117 -16.87 19.89 -0.95
C PRO B 117 -16.69 18.82 -2.05
N VAL B 118 -15.58 18.93 -2.80
CA VAL B 118 -15.20 17.97 -3.85
C VAL B 118 -13.84 17.43 -3.44
N PHE B 119 -13.75 16.16 -3.06
CA PHE B 119 -12.45 15.56 -2.72
C PHE B 119 -12.03 14.71 -3.90
N ASP B 120 -11.23 15.30 -4.77
CA ASP B 120 -10.75 14.70 -6.04
C ASP B 120 -9.23 14.60 -6.08
N ALA B 121 -8.68 14.24 -7.23
CA ALA B 121 -7.24 14.13 -7.40
C ALA B 121 -6.50 15.46 -7.08
N ALA B 122 -7.02 16.58 -7.58
CA ALA B 122 -6.46 17.91 -7.31
C ALA B 122 -6.42 18.21 -5.79
N PHE B 123 -7.51 17.88 -5.09
CA PHE B 123 -7.56 17.99 -3.64
C PHE B 123 -6.40 17.22 -2.99
N ARG B 124 -6.17 15.97 -3.42
CA ARG B 124 -5.10 15.14 -2.82
C ARG B 124 -3.72 15.77 -3.00
N HIS B 125 -3.48 16.38 -4.15
CA HIS B 125 -2.22 17.08 -4.46
C HIS B 125 -2.06 18.32 -3.54
N ARG B 126 -3.13 19.09 -3.33
CA ARG B 126 -3.05 20.24 -2.43
CA ARG B 126 -3.07 20.24 -2.42
C ARG B 126 -2.85 19.79 -0.98
N TRP B 127 -3.45 18.64 -0.61
CA TRP B 127 -3.27 18.07 0.76
C TRP B 127 -1.78 17.69 1.00
N GLU B 128 -1.14 17.16 -0.04
CA GLU B 128 0.30 16.89 0.00
C GLU B 128 1.10 18.16 0.27
N ALA B 129 0.67 19.26 -0.34
CA ALA B 129 1.34 20.54 -0.12
C ALA B 129 1.13 21.04 1.35
N TYR B 130 -0.10 20.87 1.86
CA TYR B 130 -0.43 21.18 3.27
C TYR B 130 0.48 20.43 4.27
N ARG B 131 0.70 19.15 4.01
CA ARG B 131 1.70 18.39 4.77
C ARG B 131 3.09 19.03 4.75
N ALA B 132 3.53 19.43 3.55
CA ALA B 132 4.91 19.88 3.36
C ALA B 132 5.08 21.24 4.05
N TYR B 133 4.03 22.06 3.92
CA TYR B 133 3.94 23.37 4.55
C TYR B 133 4.05 23.25 6.08
N ASN B 134 3.24 22.36 6.66
CA ASN B 134 3.31 22.10 8.10
C ASN B 134 4.69 21.55 8.47
N ARG B 135 5.25 20.66 7.64
CA ARG B 135 6.56 20.06 7.92
C ARG B 135 7.70 21.06 8.02
N ALA B 136 7.70 22.06 7.12
CA ALA B 136 8.68 23.16 7.17
C ALA B 136 8.67 23.86 8.55
N PHE B 137 7.48 24.17 9.07
CA PHE B 137 7.33 24.74 10.43
C PHE B 137 7.84 23.77 11.50
N ALA B 138 7.46 22.50 11.39
CA ALA B 138 7.85 21.46 12.35
C ALA B 138 9.39 21.32 12.40
N GLU B 139 10.02 21.40 11.22
CA GLU B 139 11.47 21.30 11.12
C GLU B 139 12.19 22.51 11.69
N ALA B 140 11.66 23.70 11.44
CA ALA B 140 12.24 24.92 11.99
C ALA B 140 12.18 24.93 13.54
N LEU B 141 11.04 24.54 14.08
CA LEU B 141 10.89 24.45 15.51
C LEU B 141 11.80 23.36 16.13
N ALA B 142 11.92 22.22 15.47
CA ALA B 142 12.80 21.15 15.96
C ALA B 142 14.25 21.59 15.99
N ALA B 143 14.68 22.38 15.00
CA ALA B 143 16.05 22.88 14.95
C ALA B 143 16.33 23.91 16.06
N ALA B 144 15.32 24.76 16.34
CA ALA B 144 15.49 25.93 17.19
C ALA B 144 15.26 25.67 18.69
N ALA B 145 14.50 24.64 19.03
CA ALA B 145 14.00 24.53 20.39
C ALA B 145 14.99 23.85 21.37
N ASP B 146 15.17 24.45 22.55
CA ASP B 146 15.94 23.79 23.62
C ASP B 146 15.21 22.54 24.07
N GLU B 147 15.93 21.70 24.82
CA GLU B 147 15.36 20.55 25.53
C GLU B 147 14.18 20.98 26.43
N GLY B 148 13.05 20.28 26.28
CA GLY B 148 11.84 20.57 27.04
C GLY B 148 11.27 21.97 26.93
N ALA B 149 11.53 22.66 25.81
CA ALA B 149 11.01 24.01 25.62
C ALA B 149 9.52 23.93 25.38
N ALA B 150 8.83 25.04 25.62
CA ALA B 150 7.39 25.12 25.38
C ALA B 150 7.18 25.67 24.00
N VAL B 151 6.29 25.04 23.23
CA VAL B 151 6.01 25.43 21.85
C VAL B 151 4.50 25.66 21.73
N LEU B 152 4.10 26.90 21.39
CA LEU B 152 2.71 27.24 21.20
C LEU B 152 2.37 27.48 19.72
N VAL B 153 1.73 26.49 19.11
CA VAL B 153 1.40 26.50 17.69
C VAL B 153 0.02 27.14 17.53
N GLN B 154 -0.12 28.06 16.56
CA GLN B 154 -1.35 28.84 16.44
C GLN B 154 -2.13 28.50 15.17
N ASP B 155 -3.35 27.99 15.35
CA ASP B 155 -4.45 27.97 14.37
C ASP B 155 -4.48 26.81 13.35
N TYR B 156 -5.58 26.75 12.63
CA TYR B 156 -5.86 25.64 11.71
C TYR B 156 -4.82 25.49 10.56
N HIS B 157 -4.07 26.55 10.22
CA HIS B 157 -3.03 26.47 9.17
C HIS B 157 -1.97 25.43 9.53
N LEU B 158 -1.72 25.28 10.84
CA LEU B 158 -0.62 24.48 11.35
C LEU B 158 -1.10 23.27 12.19
N ALA B 159 -2.24 22.70 11.80
CA ALA B 159 -2.89 21.66 12.59
C ALA B 159 -2.11 20.36 12.57
N LEU B 160 -1.19 20.19 11.59
CA LEU B 160 -0.36 18.98 11.56
C LEU B 160 0.95 19.07 12.30
N VAL B 161 1.34 20.28 12.68
CA VAL B 161 2.64 20.52 13.32
C VAL B 161 2.77 19.72 14.64
N PRO B 162 1.72 19.72 15.49
CA PRO B 162 2.00 19.06 16.78
C PRO B 162 2.42 17.60 16.64
N GLY B 163 1.74 16.86 15.76
CA GLY B 163 2.03 15.48 15.43
C GLY B 163 3.41 15.23 14.86
N GLN B 164 3.77 16.07 13.89
CA GLN B 164 5.02 15.96 13.18
C GLN B 164 6.14 16.34 14.14
N LEU B 165 5.96 17.41 14.91
CA LEU B 165 7.00 17.83 15.90
C LEU B 165 7.24 16.84 17.06
N ARG B 166 6.16 16.24 17.54
CA ARG B 166 6.18 15.16 18.57
C ARG B 166 7.09 14.02 18.11
N GLU B 167 6.96 13.61 16.86
CA GLU B 167 7.83 12.57 16.28
C GLU B 167 9.31 13.00 16.19
N LEU B 168 9.56 14.22 15.72
CA LEU B 168 10.94 14.74 15.62
C LEU B 168 11.57 14.97 16.99
N ARG B 169 10.76 15.44 17.94
CA ARG B 169 11.22 15.92 19.24
C ARG B 169 10.26 15.53 20.36
N PRO B 170 10.32 14.26 20.85
CA PRO B 170 9.38 13.87 21.93
C PRO B 170 9.56 14.59 23.29
N ASP B 171 10.73 15.18 23.53
CA ASP B 171 10.97 16.00 24.72
C ASP B 171 10.20 17.31 24.85
N LEU B 172 9.66 17.83 23.74
CA LEU B 172 9.00 19.14 23.77
C LEU B 172 7.61 19.16 24.43
N ARG B 173 7.30 20.30 25.03
CA ARG B 173 5.95 20.54 25.56
C ARG B 173 5.21 21.36 24.50
N ILE B 174 4.19 20.76 23.90
CA ILE B 174 3.53 21.33 22.73
C ILE B 174 2.08 21.71 23.07
N GLY B 175 1.74 22.95 22.74
CA GLY B 175 0.37 23.44 22.77
C GLY B 175 -0.05 23.77 21.35
N HIS B 176 -1.37 23.72 21.09
CA HIS B 176 -1.93 24.25 19.89
C HIS B 176 -3.28 24.92 20.18
N PHE B 177 -3.49 26.08 19.59
CA PHE B 177 -4.72 26.83 19.83
C PHE B 177 -5.47 27.06 18.52
N THR B 178 -6.76 26.73 18.54
CA THR B 178 -7.65 26.87 17.39
C THR B 178 -8.48 28.13 17.56
N HIS B 179 -8.38 29.05 16.60
CA HIS B 179 -9.08 30.34 16.73
C HIS B 179 -10.45 30.38 16.11
N THR B 180 -10.79 29.35 15.37
CA THR B 180 -12.06 29.28 14.65
C THR B 180 -12.96 28.39 15.49
N PRO B 181 -14.21 28.18 15.05
CA PRO B 181 -14.93 27.03 15.59
C PRO B 181 -14.28 25.72 15.17
N TRP B 182 -14.80 24.63 15.73
CA TRP B 182 -14.46 23.28 15.29
C TRP B 182 -15.78 22.67 14.75
N ALA B 183 -15.65 21.91 13.68
CA ALA B 183 -16.81 21.34 13.00
C ALA B 183 -17.48 20.33 13.92
N SER B 184 -18.81 20.31 13.94
CA SER B 184 -19.57 19.22 14.55
C SER B 184 -19.12 17.88 13.98
N PRO B 185 -19.15 16.80 14.81
CA PRO B 185 -18.67 15.49 14.34
C PRO B 185 -19.27 15.05 13.02
N GLU B 186 -20.56 15.29 12.85
CA GLU B 186 -21.24 14.86 11.64
C GLU B 186 -20.82 15.68 10.44
N TYR B 187 -20.55 16.96 10.66
CA TYR B 187 -20.01 17.80 9.60
C TYR B 187 -18.52 17.46 9.28
N PHE B 188 -17.76 17.15 10.33
CA PHE B 188 -16.36 16.71 10.19
C PHE B 188 -16.23 15.46 9.33
N ARG B 189 -17.23 14.56 9.43
CA ARG B 189 -17.24 13.29 8.67
C ARG B 189 -17.41 13.47 7.15
N MET B 190 -17.65 14.67 6.68
CA MET B 190 -17.56 14.96 5.26
C MET B 190 -16.19 14.70 4.66
N LEU B 191 -15.12 14.92 5.41
CA LEU B 191 -13.74 14.61 4.97
C LEU B 191 -13.56 13.12 4.75
N PRO B 192 -12.77 12.74 3.75
CA PRO B 192 -12.48 11.31 3.64
C PRO B 192 -11.84 10.86 4.96
N ALA B 193 -12.19 9.64 5.38
CA ALA B 193 -11.73 9.13 6.68
C ALA B 193 -10.22 9.23 6.92
N ASP B 194 -9.39 8.95 5.92
CA ASP B 194 -7.93 8.98 6.10
C ASP B 194 -7.46 10.44 6.37
N ILE B 195 -8.10 11.40 5.67
CA ILE B 195 -7.81 12.82 5.87
C ILE B 195 -8.22 13.28 7.26
N GLY B 196 -9.46 13.02 7.63
CA GLY B 196 -9.93 13.27 9.00
C GLY B 196 -9.01 12.69 10.09
N ASP B 197 -8.64 11.40 9.94
CA ASP B 197 -7.70 10.73 10.87
C ASP B 197 -6.36 11.46 10.92
N GLU B 198 -5.81 11.81 9.74
CA GLU B 198 -4.53 12.49 9.70
C GLU B 198 -4.56 13.84 10.43
N LEU B 199 -5.61 14.63 10.20
CA LEU B 199 -5.78 15.93 10.88
C LEU B 199 -5.92 15.78 12.40
N LEU B 200 -6.74 14.81 12.83
CA LEU B 200 -6.92 14.55 14.27
C LEU B 200 -5.59 14.17 14.91
N ARG B 201 -4.88 13.22 14.29
CA ARG B 201 -3.56 12.77 14.78
C ARG B 201 -2.55 13.93 14.81
N GLY B 202 -2.63 14.80 13.80
CA GLY B 202 -1.77 15.98 13.72
C GLY B 202 -1.94 16.86 14.97
N MET B 203 -3.18 17.13 15.35
CA MET B 203 -3.41 17.92 16.56
C MET B 203 -3.20 17.18 17.87
N LEU B 204 -3.46 15.87 17.89
CA LEU B 204 -3.29 15.08 19.12
C LEU B 204 -1.82 14.83 19.46
N GLY B 205 -0.91 15.34 18.64
CA GLY B 205 0.49 15.47 19.04
C GLY B 205 0.69 16.38 20.23
N ALA B 206 -0.24 17.31 20.44
CA ALA B 206 -0.11 18.30 21.49
C ALA B 206 -0.40 17.74 22.91
N ASP B 207 0.32 18.26 23.90
CA ASP B 207 -0.01 18.10 25.34
C ASP B 207 -1.28 18.87 25.68
N GLU B 208 -1.45 20.07 25.12
CA GLU B 208 -2.68 20.83 25.34
C GLU B 208 -3.21 21.39 24.03
N LEU B 209 -4.54 21.29 23.87
CA LEU B 209 -5.29 21.88 22.77
C LEU B 209 -6.25 22.92 23.38
N GLY B 210 -6.20 24.14 22.85
CA GLY B 210 -7.09 25.18 23.28
C GLY B 210 -8.08 25.63 22.24
N PHE B 211 -9.18 26.16 22.76
CA PHE B 211 -10.32 26.65 21.98
C PHE B 211 -10.90 27.83 22.74
N HIS B 212 -11.59 28.74 22.05
CA HIS B 212 -12.21 29.90 22.68
C HIS B 212 -13.46 29.54 23.49
N THR B 213 -14.14 28.43 23.14
CA THR B 213 -15.40 28.09 23.84
C THR B 213 -15.48 26.60 24.09
N SER B 214 -16.29 26.21 25.06
CA SER B 214 -16.40 24.82 25.43
C SER B 214 -17.17 24.03 24.32
N ALA B 215 -18.08 24.69 23.58
CA ALA B 215 -18.73 24.08 22.42
C ALA B 215 -17.74 23.69 21.31
N TRP B 216 -16.68 24.49 21.12
CA TRP B 216 -15.65 24.19 20.14
C TRP B 216 -14.77 23.05 20.66
N ALA B 217 -14.41 23.12 21.93
CA ALA B 217 -13.64 22.06 22.54
C ALA B 217 -14.44 20.73 22.51
N SER B 218 -15.74 20.77 22.77
CA SER B 218 -16.59 19.55 22.83
C SER B 218 -16.66 18.87 21.48
N ALA B 219 -16.85 19.68 20.45
CA ALA B 219 -16.90 19.20 19.08
C ALA B 219 -15.59 18.49 18.71
N PHE B 220 -14.45 19.12 19.01
CA PHE B 220 -13.17 18.49 18.73
C PHE B 220 -13.06 17.13 19.44
N LEU B 221 -13.31 17.08 20.75
CA LEU B 221 -13.25 15.84 21.51
C LEU B 221 -14.20 14.77 20.97
N SER B 222 -15.42 15.16 20.59
CA SER B 222 -16.34 14.20 19.96
C SER B 222 -15.78 13.67 18.61
N CYS B 223 -15.13 14.51 17.81
CA CYS B 223 -14.55 14.03 16.53
C CYS B 223 -13.44 12.99 16.77
N ALA B 224 -12.66 13.19 17.82
CA ALA B 224 -11.51 12.33 18.11
C ALA B 224 -11.96 11.07 18.80
N GLY B 225 -13.15 11.08 19.39
CA GLY B 225 -13.78 9.83 19.86
C GLY B 225 -13.72 9.61 21.36
N GLY B 226 -13.05 8.52 21.76
CA GLY B 226 -13.22 7.94 23.09
C GLY B 226 -12.21 8.34 24.14
N GLU B 227 -12.11 9.63 24.43
CA GLU B 227 -11.14 10.16 25.38
C GLU B 227 -9.73 10.07 24.79
N GLN B 228 -8.93 11.06 25.09
CA GLN B 228 -7.60 11.18 24.51
C GLN B 228 -6.69 11.50 25.68
N PRO B 229 -6.20 10.45 26.39
CA PRO B 229 -5.54 10.64 27.70
C PRO B 229 -4.28 11.49 27.68
N ARG B 230 -3.53 11.43 26.58
CA ARG B 230 -2.28 12.17 26.43
C ARG B 230 -2.44 13.65 26.07
N THR B 231 -3.66 14.09 25.73
CA THR B 231 -3.90 15.48 25.32
C THR B 231 -4.96 16.08 26.23
N ARG B 232 -4.62 17.18 26.92
CA ARG B 232 -5.61 17.96 27.68
C ARG B 232 -6.29 18.93 26.70
N VAL B 233 -7.62 19.00 26.74
CA VAL B 233 -8.36 20.00 25.99
C VAL B 233 -8.81 21.10 26.99
N ARG B 234 -8.70 22.36 26.56
CA ARG B 234 -8.96 23.50 27.45
C ARG B 234 -9.62 24.62 26.72
N VAL B 235 -10.23 25.51 27.50
CA VAL B 235 -10.96 26.68 27.02
C VAL B 235 -10.26 27.96 27.54
N HIS B 236 -9.74 28.81 26.64
CA HIS B 236 -9.18 30.11 27.07
C HIS B 236 -9.81 31.16 26.15
N PRO B 237 -10.90 31.81 26.58
CA PRO B 237 -11.57 32.76 25.68
C PRO B 237 -10.90 34.14 25.69
N LEU B 238 -10.38 34.53 24.53
CA LEU B 238 -9.61 35.76 24.39
C LEU B 238 -10.53 36.97 24.61
N GLY B 239 -10.07 37.91 25.43
CA GLY B 239 -10.78 39.16 25.66
C GLY B 239 -9.94 40.39 25.31
N VAL B 240 -10.12 41.42 26.14
CA VAL B 240 -9.75 42.79 25.80
C VAL B 240 -8.96 43.45 26.95
N ASP B 241 -7.91 44.19 26.62
CA ASP B 241 -7.13 45.00 27.58
C ASP B 241 -7.78 46.39 27.62
N ALA B 242 -8.55 46.64 28.66
CA ALA B 242 -9.43 47.83 28.72
C ALA B 242 -8.66 49.14 28.56
N GLU B 243 -7.50 49.22 29.22
CA GLU B 243 -6.71 50.45 29.34
C GLU B 243 -6.09 50.80 28.00
N GLU B 244 -5.55 49.79 27.31
CA GLU B 244 -4.97 49.98 25.97
C GLU B 244 -6.02 50.34 24.91
N LEU B 245 -7.21 49.74 24.98
CA LEU B 245 -8.25 50.02 24.00
C LEU B 245 -8.93 51.36 24.29
N ARG B 246 -9.15 51.68 25.55
CA ARG B 246 -9.74 52.98 25.91
C ARG B 246 -8.86 54.19 25.57
N ALA B 247 -7.53 54.07 25.75
CA ALA B 247 -6.57 55.07 25.26
C ALA B 247 -6.58 55.24 23.74
N LEU B 248 -6.55 54.15 22.97
CA LEU B 248 -6.75 54.23 21.51
C LEU B 248 -8.10 54.86 21.10
N ALA B 249 -9.14 54.65 21.91
CA ALA B 249 -10.49 55.20 21.67
C ALA B 249 -10.55 56.72 21.88
N HIS B 250 -9.76 57.23 22.83
CA HIS B 250 -9.82 58.63 23.25
C HIS B 250 -8.62 59.49 22.77
N ARG B 251 -7.95 59.09 21.68
CA ARG B 251 -7.03 59.99 20.99
C ARG B 251 -7.84 61.07 20.27
N PRO B 252 -7.23 62.23 19.98
CA PRO B 252 -8.01 63.30 19.35
C PRO B 252 -8.46 63.00 17.92
N GLN B 253 -7.70 62.17 17.19
CA GLN B 253 -8.08 61.80 15.82
C GLN B 253 -9.44 61.08 15.82
N VAL B 254 -9.72 60.32 16.89
CA VAL B 254 -10.99 59.63 17.04
C VAL B 254 -12.12 60.60 17.45
N ASP B 255 -11.81 61.56 18.33
CA ASP B 255 -12.77 62.63 18.69
C ASP B 255 -13.26 63.36 17.41
N GLU B 256 -12.30 63.73 16.56
CA GLU B 256 -12.59 64.37 15.28
C GLU B 256 -13.52 63.52 14.39
N ARG B 257 -13.17 62.25 14.17
CA ARG B 257 -13.97 61.37 13.28
C ARG B 257 -15.37 61.07 13.82
N LEU B 258 -15.46 60.90 15.14
CA LEU B 258 -16.74 60.77 15.85
C LEU B 258 -17.65 61.98 15.59
N ALA B 259 -17.16 63.19 15.87
CA ALA B 259 -17.88 64.42 15.58
C ALA B 259 -18.39 64.43 14.14
N ARG B 260 -17.51 64.12 13.18
CA ARG B 260 -17.90 64.06 11.74
C ARG B 260 -18.95 62.97 11.46
N LEU B 261 -18.82 61.83 12.13
CA LEU B 261 -19.77 60.73 12.00
C LEU B 261 -21.17 61.16 12.50
N ARG B 262 -21.24 61.82 13.66
CA ARG B 262 -22.52 62.37 14.17
C ARG B 262 -23.25 63.32 13.22
N GLU B 263 -22.49 64.07 12.42
CA GLU B 263 -23.07 64.92 11.37
C GLU B 263 -23.66 64.06 10.24
N GLU B 264 -22.94 63.01 9.84
CA GLU B 264 -23.43 62.08 8.81
C GLU B 264 -24.71 61.36 9.24
N VAL B 265 -24.81 61.05 10.52
CA VAL B 265 -25.93 60.32 11.10
C VAL B 265 -27.09 61.23 11.53
N GLY B 266 -26.80 62.44 12.01
CA GLY B 266 -27.82 63.37 12.49
C GLY B 266 -28.28 63.06 13.91
N ASP B 267 -29.51 63.46 14.23
CA ASP B 267 -30.13 63.27 15.55
C ASP B 267 -30.88 61.92 15.62
N ARG B 268 -30.13 60.82 15.47
CA ARG B 268 -30.72 59.49 15.31
C ARG B 268 -29.93 58.44 16.06
N LYS B 269 -30.64 57.39 16.48
CA LYS B 269 -29.97 56.23 17.06
C LYS B 269 -29.18 55.46 16.00
N THR B 270 -28.22 54.66 16.42
CA THR B 270 -27.39 53.86 15.48
C THR B 270 -27.33 52.39 15.83
N ILE B 271 -27.41 51.54 14.78
CA ILE B 271 -27.11 50.11 14.86
C ILE B 271 -25.81 49.86 14.11
N VAL B 272 -24.80 49.37 14.81
CA VAL B 272 -23.44 49.34 14.29
C VAL B 272 -22.91 47.94 14.08
N ARG B 273 -22.30 47.73 12.91
CA ARG B 273 -21.34 46.61 12.71
C ARG B 273 -20.23 47.10 11.81
N VAL B 274 -19.04 46.51 11.93
CA VAL B 274 -17.93 46.94 11.08
C VAL B 274 -17.25 45.77 10.38
N ASP B 275 -17.90 44.59 10.36
CA ASP B 275 -17.27 43.36 9.86
C ASP B 275 -17.08 43.39 8.35
N ARG B 276 -15.97 42.83 7.89
CA ARG B 276 -15.76 42.60 6.44
C ARG B 276 -16.76 41.56 5.91
N THR B 277 -16.91 41.50 4.59
CA THR B 277 -17.93 40.64 3.92
C THR B 277 -17.54 39.16 3.87
N GLU B 278 -17.28 38.59 5.05
CA GLU B 278 -16.88 37.18 5.20
C GLU B 278 -18.15 36.38 5.30
N LEU B 279 -18.17 35.21 4.67
CA LEU B 279 -19.41 34.45 4.56
C LEU B 279 -20.09 34.09 5.91
N SER B 280 -19.30 33.79 6.93
CA SER B 280 -19.85 33.42 8.23
C SER B 280 -20.41 34.58 9.05
N LYS B 281 -20.19 35.84 8.63
CA LYS B 281 -20.52 37.01 9.43
C LYS B 281 -22.01 37.31 9.47
N ASN B 282 -22.77 36.79 8.49
CA ASN B 282 -24.23 36.86 8.48
C ASN B 282 -24.71 38.31 8.28
N ILE B 283 -24.01 39.05 7.42
CA ILE B 283 -24.36 40.44 7.14
C ILE B 283 -25.69 40.55 6.39
N LEU B 284 -25.91 39.68 5.42
CA LEU B 284 -27.13 39.75 4.61
C LEU B 284 -28.40 39.62 5.45
N ARG B 285 -28.46 38.60 6.31
CA ARG B 285 -29.61 38.43 7.22
C ARG B 285 -29.76 39.59 8.23
N GLY B 286 -28.64 40.18 8.64
CA GLY B 286 -28.68 41.38 9.48
C GLY B 286 -29.41 42.50 8.77
N LEU B 287 -29.12 42.65 7.47
CA LEU B 287 -29.78 43.69 6.66
C LEU B 287 -31.25 43.35 6.43
N LEU B 288 -31.56 42.07 6.12
CA LEU B 288 -32.97 41.65 5.95
C LEU B 288 -33.77 41.92 7.24
N ALA B 289 -33.13 41.72 8.40
CA ALA B 289 -33.72 42.04 9.70
C ALA B 289 -33.93 43.55 9.90
N TYR B 290 -32.95 44.37 9.48
CA TYR B 290 -33.13 45.81 9.47
C TYR B 290 -34.36 46.23 8.61
N ARG B 291 -34.47 45.66 7.41
CA ARG B 291 -35.62 45.91 6.56
C ARG B 291 -36.94 45.52 7.29
N GLU B 292 -36.95 44.37 7.99
CA GLU B 292 -38.15 43.92 8.71
C GLU B 292 -38.46 44.86 9.91
N LEU B 293 -37.41 45.32 10.60
CA LEU B 293 -37.54 46.30 11.65
C LEU B 293 -38.31 47.54 11.17
N LEU B 294 -37.94 48.06 9.99
CA LEU B 294 -38.53 49.28 9.44
C LEU B 294 -39.92 49.12 8.84
N THR B 295 -40.24 47.89 8.43
CA THR B 295 -41.57 47.52 7.94
C THR B 295 -42.55 47.33 9.10
N VAL B 296 -42.14 46.50 10.06
CA VAL B 296 -42.99 46.09 11.20
C VAL B 296 -43.11 47.17 12.28
N HIS B 297 -42.01 47.89 12.55
CA HIS B 297 -41.97 48.98 13.55
C HIS B 297 -41.60 50.27 12.82
N PRO B 298 -42.53 50.80 12.01
CA PRO B 298 -42.25 52.03 11.24
C PRO B 298 -41.94 53.28 12.06
N GLU B 299 -42.23 53.30 13.36
CA GLU B 299 -41.76 54.39 14.24
C GLU B 299 -40.26 54.67 14.12
N TRP B 300 -39.45 53.67 13.72
CA TRP B 300 -37.99 53.84 13.61
C TRP B 300 -37.51 54.58 12.37
N ARG B 301 -38.39 54.74 11.38
CA ARG B 301 -38.06 55.49 10.19
C ARG B 301 -37.68 56.91 10.57
N ASP B 302 -36.58 57.37 9.99
CA ASP B 302 -35.97 58.68 10.27
C ASP B 302 -35.35 58.81 11.67
N ARG B 303 -35.40 57.76 12.49
CA ARG B 303 -34.96 57.78 13.89
C ARG B 303 -33.81 56.83 14.21
N VAL B 304 -33.36 56.04 13.22
CA VAL B 304 -32.24 55.09 13.35
C VAL B 304 -31.43 55.09 12.04
N VAL B 305 -30.14 54.76 12.13
CA VAL B 305 -29.29 54.53 10.95
C VAL B 305 -28.50 53.25 11.22
N HIS B 306 -28.42 52.37 10.22
CA HIS B 306 -27.64 51.13 10.32
C HIS B 306 -26.31 51.37 9.63
N LEU B 307 -25.24 51.31 10.42
CA LEU B 307 -23.90 51.39 9.92
C LEU B 307 -23.45 49.96 9.67
N ALA B 308 -22.97 49.68 8.46
CA ALA B 308 -22.45 48.36 8.15
C ALA B 308 -21.35 48.48 7.14
N SER B 309 -20.51 47.48 7.10
CA SER B 309 -19.37 47.44 6.19
C SER B 309 -19.61 46.52 4.97
N ALA B 310 -19.21 47.01 3.82
CA ALA B 310 -19.09 46.24 2.59
C ALA B 310 -17.64 46.12 2.11
N TYR B 311 -16.65 46.21 3.01
CA TYR B 311 -15.24 46.00 2.65
C TYR B 311 -15.01 44.52 2.34
N PRO B 312 -14.31 44.23 1.21
CA PRO B 312 -14.12 42.80 0.85
C PRO B 312 -13.36 41.97 1.88
N SER B 313 -13.91 40.83 2.28
CA SER B 313 -13.16 39.85 3.03
C SER B 313 -12.12 39.14 2.14
N ARG B 314 -12.58 38.66 0.99
CA ARG B 314 -11.75 37.99 0.00
C ARG B 314 -12.25 38.40 -1.37
N GLN B 315 -11.31 38.55 -2.31
CA GLN B 315 -11.59 38.89 -3.71
C GLN B 315 -11.14 37.78 -4.71
N ASP B 316 -10.65 36.65 -4.22
CA ASP B 316 -10.08 35.57 -5.04
C ASP B 316 -10.94 34.29 -5.09
N LEU B 317 -12.15 34.33 -4.53
CA LEU B 317 -13.12 33.23 -4.64
C LEU B 317 -14.44 33.79 -5.12
N ALA B 318 -15.07 33.15 -6.10
CA ALA B 318 -16.35 33.61 -6.64
C ALA B 318 -17.46 33.81 -5.58
N ALA B 319 -17.53 32.91 -4.62
CA ALA B 319 -18.57 33.05 -3.57
C ALA B 319 -18.36 34.31 -2.70
N TYR B 320 -17.10 34.65 -2.41
CA TYR B 320 -16.82 35.85 -1.63
C TYR B 320 -17.12 37.11 -2.40
N ARG B 321 -16.81 37.14 -3.70
CA ARG B 321 -17.16 38.32 -4.52
C ARG B 321 -18.69 38.50 -4.64
N ALA B 322 -19.39 37.39 -4.83
CA ALA B 322 -20.83 37.40 -4.89
C ALA B 322 -21.49 37.86 -3.56
N TYR B 323 -20.89 37.48 -2.43
CA TYR B 323 -21.42 37.89 -1.12
C TYR B 323 -21.24 39.38 -0.94
N THR B 324 -20.07 39.90 -1.32
CA THR B 324 -19.80 41.33 -1.25
C THR B 324 -20.80 42.13 -2.10
N ALA B 325 -20.97 41.72 -3.36
CA ALA B 325 -21.97 42.35 -4.25
C ALA B 325 -23.36 42.28 -3.64
N SER B 326 -23.72 41.16 -3.01
CA SER B 326 -25.06 41.03 -2.41
C SER B 326 -25.27 42.01 -1.24
N VAL B 327 -24.28 42.13 -0.34
CA VAL B 327 -24.32 43.11 0.76
C VAL B 327 -24.54 44.53 0.18
N THR B 328 -23.71 44.90 -0.78
CA THR B 328 -23.90 46.19 -1.49
C THR B 328 -25.29 46.35 -2.12
N GLU B 329 -25.75 45.40 -2.93
CA GLU B 329 -27.08 45.52 -3.59
C GLU B 329 -28.24 45.59 -2.62
N LEU B 330 -28.15 44.84 -1.52
CA LEU B 330 -29.20 44.84 -0.51
C LEU B 330 -29.29 46.15 0.29
N ALA B 331 -28.14 46.71 0.66
CA ALA B 331 -28.08 48.00 1.32
C ALA B 331 -28.75 49.06 0.46
N ALA B 332 -28.29 49.18 -0.79
CA ALA B 332 -28.90 50.09 -1.76
C ALA B 332 -30.40 49.88 -1.96
N GLU B 333 -30.89 48.62 -1.94
CA GLU B 333 -32.36 48.38 -2.00
C GLU B 333 -33.14 48.93 -0.80
N ILE B 334 -32.59 48.73 0.40
CA ILE B 334 -33.22 49.21 1.63
C ILE B 334 -33.24 50.74 1.59
N ASN B 335 -32.09 51.33 1.23
CA ASN B 335 -32.03 52.79 0.99
C ASN B 335 -33.02 53.27 -0.06
N ALA B 336 -33.17 52.57 -1.17
CA ALA B 336 -34.11 52.97 -2.22
C ALA B 336 -35.55 52.92 -1.73
N GLU B 337 -35.86 51.91 -0.91
CA GLU B 337 -37.21 51.69 -0.42
C GLU B 337 -37.66 52.70 0.64
N PHE B 338 -36.84 52.91 1.67
CA PHE B 338 -37.17 53.73 2.85
C PHE B 338 -36.43 55.07 2.90
N GLY B 339 -35.48 55.30 1.99
CA GLY B 339 -34.75 56.57 1.95
C GLY B 339 -35.64 57.76 1.63
N THR B 340 -35.28 58.89 2.20
CA THR B 340 -35.86 60.19 1.85
C THR B 340 -34.73 61.20 1.80
N ALA B 341 -35.09 62.41 1.37
CA ALA B 341 -34.25 63.59 1.54
C ALA B 341 -33.87 63.66 3.02
N ASP B 342 -32.58 63.79 3.29
CA ASP B 342 -32.10 64.00 4.67
C ASP B 342 -32.02 62.68 5.50
N TRP B 343 -32.57 61.55 5.03
CA TRP B 343 -32.41 60.25 5.72
C TRP B 343 -31.96 59.11 4.78
N GLN B 344 -30.81 58.54 5.08
CA GLN B 344 -30.28 57.38 4.38
C GLN B 344 -30.23 56.23 5.41
N PRO B 345 -31.16 55.26 5.32
CA PRO B 345 -31.33 54.20 6.34
C PRO B 345 -30.09 53.35 6.67
N VAL B 346 -29.25 53.10 5.67
CA VAL B 346 -28.06 52.27 5.84
C VAL B 346 -26.86 53.06 5.41
N LEU B 347 -25.93 53.25 6.34
CA LEU B 347 -24.69 53.91 6.04
C LEU B 347 -23.64 52.82 5.74
N VAL B 348 -23.23 52.71 4.47
CA VAL B 348 -22.27 51.70 4.02
C VAL B 348 -20.85 52.24 3.96
N SER B 349 -19.94 51.62 4.71
CA SER B 349 -18.51 51.92 4.68
C SER B 349 -17.75 50.92 3.82
N VAL B 350 -16.90 51.43 2.93
CA VAL B 350 -16.02 50.64 2.06
C VAL B 350 -14.56 50.85 2.41
N GLU B 351 -14.30 51.49 3.55
CA GLU B 351 -12.93 51.74 4.02
C GLU B 351 -12.64 50.81 5.14
N ASP B 352 -11.36 50.58 5.41
CA ASP B 352 -10.93 49.84 6.56
C ASP B 352 -10.04 50.74 7.40
N ASP B 353 -10.67 51.69 8.08
CA ASP B 353 -9.99 52.65 8.93
C ASP B 353 -10.37 52.39 10.39
N PHE B 354 -9.41 51.94 11.20
CA PHE B 354 -9.70 51.57 12.57
C PHE B 354 -10.09 52.78 13.42
N THR B 355 -9.66 54.00 13.02
CA THR B 355 -10.11 55.25 13.65
C THR B 355 -11.64 55.42 13.58
N ARG B 356 -12.20 55.17 12.40
CA ARG B 356 -13.66 55.23 12.16
C ARG B 356 -14.41 54.20 13.00
N SER B 357 -13.90 52.96 13.03
CA SER B 357 -14.52 51.91 13.82
C SER B 357 -14.56 52.27 15.29
N LEU B 358 -13.47 52.83 15.83
CA LEU B 358 -13.44 53.20 17.25
C LEU B 358 -14.45 54.30 17.56
N ALA B 359 -14.64 55.20 16.59
CA ALA B 359 -15.66 56.26 16.68
C ALA B 359 -17.06 55.64 16.59
N ALA B 360 -17.26 54.70 15.65
CA ALA B 360 -18.51 53.92 15.59
C ALA B 360 -18.79 53.15 16.89
N TYR B 361 -17.78 52.51 17.47
CA TYR B 361 -17.95 51.81 18.76
C TYR B 361 -18.39 52.79 19.86
N ARG B 362 -17.74 53.95 19.93
CA ARG B 362 -18.08 54.94 20.95
C ARG B 362 -19.51 55.46 20.83
N LEU B 363 -20.02 55.56 19.60
CA LEU B 363 -21.33 56.14 19.28
C LEU B 363 -22.53 55.16 19.31
N ALA B 364 -22.25 53.87 19.19
CA ALA B 364 -23.30 52.88 18.99
C ALA B 364 -24.37 52.84 20.11
N ASP B 365 -25.63 52.99 19.70
CA ASP B 365 -26.78 52.59 20.53
C ASP B 365 -26.94 51.07 20.58
N VAL B 366 -26.77 50.44 19.41
CA VAL B 366 -26.92 48.98 19.27
C VAL B 366 -25.76 48.38 18.49
N ALA B 367 -25.20 47.28 18.98
CA ALA B 367 -24.18 46.52 18.27
C ALA B 367 -24.84 45.27 17.74
N LEU B 368 -24.76 45.04 16.43
CA LEU B 368 -25.32 43.85 15.83
C LEU B 368 -24.16 42.89 15.50
N VAL B 369 -24.03 41.82 16.31
CA VAL B 369 -23.00 40.82 16.17
C VAL B 369 -23.66 39.44 16.06
N ASN B 370 -24.11 39.11 14.84
CA ASN B 370 -24.95 37.94 14.58
C ASN B 370 -24.36 36.81 13.68
N PRO B 371 -23.09 36.43 13.86
CA PRO B 371 -22.54 35.41 12.97
C PRO B 371 -23.21 34.05 13.06
N VAL B 372 -23.16 33.29 11.96
CA VAL B 372 -23.66 31.93 11.96
C VAL B 372 -22.88 31.09 12.96
N ARG B 373 -21.56 31.19 12.87
CA ARG B 373 -20.63 30.48 13.75
C ARG B 373 -19.36 31.29 13.77
N ASP B 374 -18.77 31.48 14.93
CA ASP B 374 -17.44 32.05 14.93
C ASP B 374 -16.60 31.76 16.17
N GLY B 375 -15.29 31.94 16.01
CA GLY B 375 -14.29 31.55 16.99
C GLY B 375 -14.36 32.47 18.19
N MET B 376 -13.99 33.72 17.98
CA MET B 376 -14.19 34.79 18.95
C MET B 376 -14.08 36.10 18.19
N ASN B 377 -15.19 36.72 17.85
CA ASN B 377 -15.12 38.07 17.30
C ASN B 377 -15.13 39.02 18.51
N LEU B 378 -14.04 39.76 18.60
CA LEU B 378 -13.76 40.60 19.71
C LEU B 378 -14.63 41.87 19.70
N VAL B 379 -15.27 42.18 18.56
CA VAL B 379 -16.11 43.36 18.43
C VAL B 379 -17.21 43.37 19.49
N ALA B 380 -17.75 42.19 19.81
CA ALA B 380 -18.76 42.02 20.86
C ALA B 380 -18.28 42.47 22.25
N LYS B 381 -16.97 42.31 22.47
CA LYS B 381 -16.28 42.71 23.73
C LYS B 381 -15.76 44.16 23.70
N GLU B 382 -15.17 44.55 22.58
CA GLU B 382 -14.65 45.92 22.40
C GLU B 382 -15.71 47.05 22.55
N ILE B 383 -16.89 46.88 21.94
CA ILE B 383 -17.89 47.97 21.89
C ILE B 383 -18.35 48.42 23.29
N PRO B 384 -18.70 47.46 24.17
CA PRO B 384 -19.10 47.87 25.52
C PRO B 384 -17.96 48.41 26.39
N VAL B 385 -16.72 48.00 26.09
CA VAL B 385 -15.54 48.51 26.80
C VAL B 385 -15.37 50.02 26.53
N VAL B 386 -15.45 50.43 25.28
CA VAL B 386 -15.27 51.83 24.87
C VAL B 386 -16.54 52.68 24.75
N SER B 387 -17.72 52.08 24.96
CA SER B 387 -19.00 52.80 24.84
C SER B 387 -19.05 54.03 25.76
N ASP B 388 -19.38 55.18 25.17
CA ASP B 388 -19.51 56.42 25.95
C ASP B 388 -20.74 56.40 26.84
N ALA B 389 -21.92 56.24 26.25
CA ALA B 389 -23.18 56.31 26.99
C ALA B 389 -23.95 55.00 27.16
N GLY B 390 -23.36 53.87 26.76
CA GLY B 390 -24.04 52.57 26.85
C GLY B 390 -24.44 52.03 25.48
N CYS B 391 -24.35 50.72 25.33
CA CYS B 391 -24.71 50.08 24.05
C CYS B 391 -25.41 48.75 24.29
N ALA B 392 -26.55 48.56 23.65
CA ALA B 392 -27.27 47.29 23.70
C ALA B 392 -26.62 46.33 22.70
N LEU B 393 -26.31 45.10 23.12
CA LEU B 393 -25.63 44.12 22.27
C LEU B 393 -26.58 43.04 21.78
N VAL B 394 -26.75 42.96 20.48
CA VAL B 394 -27.58 41.92 19.88
C VAL B 394 -26.62 40.85 19.37
N LEU B 395 -26.67 39.65 19.98
CA LEU B 395 -25.67 38.61 19.85
C LEU B 395 -26.25 37.25 19.47
N SER B 396 -25.75 36.64 18.39
CA SER B 396 -26.19 35.30 18.04
C SER B 396 -25.59 34.18 18.87
N THR B 397 -26.34 33.09 18.95
CA THR B 397 -25.94 31.88 19.70
C THR B 397 -24.69 31.15 19.14
N GLY B 398 -24.40 31.34 17.86
CA GLY B 398 -23.14 30.82 17.30
C GLY B 398 -21.90 31.71 17.43
N ALA B 399 -22.07 32.92 17.97
CA ALA B 399 -20.93 33.85 18.18
C ALA B 399 -20.02 33.34 19.30
N GLY B 400 -18.71 33.42 19.08
CA GLY B 400 -17.71 33.02 20.07
C GLY B 400 -17.91 33.59 21.46
N ALA B 401 -18.27 34.88 21.56
CA ALA B 401 -18.50 35.52 22.83
C ALA B 401 -19.82 35.19 23.54
N TYR B 402 -20.70 34.39 22.91
CA TYR B 402 -22.04 34.14 23.41
C TYR B 402 -22.05 33.62 24.84
N GLU B 403 -21.30 32.55 25.10
CA GLU B 403 -21.34 31.95 26.46
C GLU B 403 -20.88 32.88 27.57
N GLU B 404 -19.96 33.80 27.28
CA GLU B 404 -19.52 34.77 28.31
C GLU B 404 -20.48 35.95 28.52
N LEU B 405 -21.17 36.35 27.46
CA LEU B 405 -21.92 37.60 27.42
C LEU B 405 -23.42 37.43 27.38
N LYS B 406 -23.90 36.19 27.28
CA LYS B 406 -25.31 35.92 27.10
C LYS B 406 -26.21 36.52 28.18
N GLU B 407 -25.70 36.67 29.41
CA GLU B 407 -26.50 37.26 30.51
C GLU B 407 -27.00 38.65 30.20
N ASP B 408 -26.20 39.44 29.49
CA ASP B 408 -26.49 40.84 29.30
C ASP B 408 -26.70 41.28 27.85
N ALA B 409 -26.43 40.35 26.95
CA ALA B 409 -26.77 40.49 25.54
C ALA B 409 -28.22 40.11 25.33
N LEU B 410 -28.78 40.57 24.21
CA LEU B 410 -30.05 40.07 23.71
C LEU B 410 -29.77 38.93 22.71
N THR B 411 -30.24 37.72 23.02
CA THR B 411 -29.94 36.51 22.24
C THR B 411 -30.71 36.48 20.90
N VAL B 412 -30.03 36.16 19.80
CA VAL B 412 -30.76 35.84 18.55
C VAL B 412 -30.28 34.53 17.98
N HIS B 413 -31.18 33.78 17.37
CA HIS B 413 -30.78 32.59 16.58
C HIS B 413 -30.47 33.10 15.15
N PRO B 414 -29.28 32.75 14.59
CA PRO B 414 -28.75 33.43 13.38
C PRO B 414 -29.62 33.43 12.12
N TYR B 415 -30.40 32.37 11.95
CA TYR B 415 -31.26 32.20 10.78
C TYR B 415 -32.63 32.84 10.93
N ASP B 416 -32.97 33.26 12.15
CA ASP B 416 -34.28 33.75 12.46
C ASP B 416 -34.29 35.28 12.33
N VAL B 417 -34.62 35.74 11.13
CA VAL B 417 -34.65 37.16 10.79
C VAL B 417 -35.72 37.95 11.58
N SER B 418 -36.89 37.34 11.78
CA SER B 418 -37.98 37.95 12.59
C SER B 418 -37.57 38.20 14.01
N GLU B 419 -36.97 37.18 14.64
CA GLU B 419 -36.45 37.29 15.99
C GLU B 419 -35.36 38.35 16.06
N THR B 420 -34.47 38.36 15.06
CA THR B 420 -33.40 39.35 15.02
C THR B 420 -34.00 40.77 14.90
N ALA B 421 -34.92 40.97 13.96
CA ALA B 421 -35.70 42.24 13.83
C ALA B 421 -36.31 42.72 15.15
N GLU B 422 -36.93 41.82 15.87
CA GLU B 422 -37.59 42.14 17.13
C GLU B 422 -36.57 42.38 18.25
N ALA B 423 -35.41 41.72 18.20
CA ALA B 423 -34.29 42.09 19.13
C ALA B 423 -33.69 43.47 18.86
N LEU B 424 -33.62 43.88 17.59
CA LEU B 424 -33.21 45.27 17.28
C LEU B 424 -34.18 46.30 17.88
N HIS B 425 -35.47 45.97 17.81
CA HIS B 425 -36.51 46.79 18.41
C HIS B 425 -36.33 46.88 19.93
N THR B 426 -36.21 45.73 20.60
CA THR B 426 -35.96 45.69 22.04
C THR B 426 -34.69 46.49 22.41
N ALA B 427 -33.63 46.29 21.61
CA ALA B 427 -32.34 46.95 21.80
C ALA B 427 -32.48 48.46 21.80
N LEU B 428 -33.15 48.99 20.78
CA LEU B 428 -33.35 50.43 20.61
C LEU B 428 -34.29 51.06 21.63
N THR B 429 -35.21 50.27 22.19
CA THR B 429 -36.16 50.74 23.18
C THR B 429 -35.64 50.50 24.59
N MET B 430 -34.40 50.03 24.72
CA MET B 430 -33.83 49.83 26.01
C MET B 430 -33.63 51.20 26.66
N PRO B 431 -34.26 51.41 27.84
CA PRO B 431 -34.16 52.72 28.50
C PRO B 431 -32.72 52.91 28.99
N PRO B 432 -32.16 54.13 28.79
CA PRO B 432 -30.71 54.32 29.01
C PRO B 432 -30.11 53.75 30.30
N PRO B 433 -30.81 53.85 31.46
CA PRO B 433 -30.18 53.31 32.69
C PRO B 433 -29.89 51.79 32.69
N GLU B 434 -30.83 50.97 32.23
CA GLU B 434 -30.63 49.50 32.13
C GLU B 434 -29.53 49.16 31.09
N ARG B 435 -29.48 49.94 30.02
CA ARG B 435 -28.47 49.81 28.97
C ARG B 435 -27.04 50.09 29.51
N ALA B 436 -26.91 51.17 30.28
CA ALA B 436 -25.69 51.45 31.04
C ALA B 436 -25.26 50.32 31.99
N ASP B 437 -26.21 49.75 32.75
CA ASP B 437 -25.89 48.67 33.72
C ASP B 437 -25.42 47.39 33.03
N ARG B 438 -26.09 47.04 31.94
CA ARG B 438 -25.69 45.88 31.15
C ARG B 438 -24.37 46.14 30.43
N THR B 439 -24.17 47.36 29.92
CA THR B 439 -22.93 47.75 29.25
C THR B 439 -21.76 47.60 30.20
N LYS B 440 -21.95 48.03 31.46
CA LYS B 440 -20.95 47.90 32.52
C LYS B 440 -20.65 46.43 32.85
N ARG B 441 -21.66 45.56 32.91
CA ARG B 441 -21.37 44.14 33.18
C ARG B 441 -20.76 43.42 31.96
N LEU B 442 -21.16 43.82 30.74
CA LEU B 442 -20.53 43.28 29.52
C LEU B 442 -19.05 43.65 29.45
N ALA B 443 -18.74 44.94 29.71
CA ALA B 443 -17.35 45.45 29.74
C ALA B 443 -16.50 44.70 30.74
N SER B 444 -17.08 44.46 31.89
CA SER B 444 -16.49 43.58 32.88
C SER B 444 -16.07 42.23 32.27
N ALA B 445 -17.03 41.43 31.81
CA ALA B 445 -16.74 40.10 31.26
C ALA B 445 -15.73 40.12 30.11
N ALA B 446 -15.83 41.16 29.28
CA ALA B 446 -14.98 41.34 28.10
C ALA B 446 -13.50 41.57 28.42
N THR B 447 -13.24 42.01 29.66
CA THR B 447 -11.91 42.30 30.19
C THR B 447 -11.41 41.27 31.21
N ALA B 448 -12.15 40.19 31.42
CA ALA B 448 -11.75 39.14 32.38
C ALA B 448 -10.41 38.48 32.02
N LEU B 449 -10.15 38.30 30.72
CA LEU B 449 -8.92 37.64 30.24
C LEU B 449 -8.26 38.41 29.05
N PRO B 450 -7.46 39.46 29.35
CA PRO B 450 -6.82 40.18 28.22
C PRO B 450 -5.74 39.35 27.54
N PRO B 451 -5.23 39.81 26.38
CA PRO B 451 -4.24 39.07 25.59
C PRO B 451 -3.02 38.48 26.34
N GLN B 452 -2.35 39.30 27.14
CA GLN B 452 -1.17 38.82 27.87
C GLN B 452 -1.54 37.72 28.86
N ARG B 453 -2.68 37.87 29.53
CA ARG B 453 -3.13 36.80 30.41
C ARG B 453 -3.63 35.56 29.63
N TRP B 454 -4.37 35.75 28.54
CA TRP B 454 -4.76 34.62 27.63
C TRP B 454 -3.53 33.78 27.19
N PHE B 455 -2.47 34.46 26.77
CA PHE B 455 -1.24 33.77 26.35
C PHE B 455 -0.51 33.09 27.55
N LEU B 456 -0.39 33.79 28.68
CA LEU B 456 0.29 33.20 29.87
C LEU B 456 -0.44 31.96 30.46
N ASN B 457 -1.78 31.91 30.44
CA ASN B 457 -2.50 30.66 30.83
C ASN B 457 -2.15 29.49 29.91
N GLN B 458 -1.93 29.74 28.62
CA GLN B 458 -1.52 28.66 27.72
C GLN B 458 -0.11 28.18 28.04
N LEU B 459 0.82 29.12 28.22
CA LEU B 459 2.16 28.77 28.63
C LEU B 459 2.14 28.01 29.99
N GLU B 460 1.40 28.54 30.97
CA GLU B 460 1.21 27.85 32.26
C GLU B 460 0.64 26.44 32.09
N GLY B 461 -0.34 26.25 31.21
CA GLY B 461 -0.88 24.91 30.96
C GLY B 461 0.17 23.85 30.59
N LEU B 462 1.17 24.27 29.80
CA LEU B 462 2.25 23.36 29.41
C LEU B 462 3.19 22.92 30.56
N SER B 463 3.02 23.46 31.76
CA SER B 463 3.67 22.89 32.95
C SER B 463 2.73 22.83 34.15
N GLY C 14 21.95 -56.98 -36.52
CA GLY C 14 22.12 -55.55 -36.90
C GLY C 14 20.81 -54.76 -36.88
N ALA C 15 20.59 -54.02 -35.80
CA ALA C 15 19.35 -53.27 -35.61
C ALA C 15 19.39 -51.92 -36.33
N SER C 16 18.22 -51.40 -36.72
CA SER C 16 18.10 -50.05 -37.31
C SER C 16 17.47 -48.96 -36.40
N VAL C 17 16.90 -49.34 -35.26
CA VAL C 17 16.66 -48.37 -34.17
C VAL C 17 17.25 -48.88 -32.85
N LEU C 18 18.04 -48.03 -32.19
CA LEU C 18 18.68 -48.41 -30.94
C LEU C 18 18.36 -47.37 -29.86
N VAL C 19 18.04 -47.89 -28.66
CA VAL C 19 17.86 -47.07 -27.46
C VAL C 19 18.98 -47.45 -26.47
N ALA C 20 19.51 -46.44 -25.77
CA ALA C 20 20.46 -46.62 -24.71
C ALA C 20 20.08 -45.81 -23.45
N SER C 21 20.06 -46.52 -22.32
CA SER C 21 19.79 -45.89 -21.01
C SER C 21 20.43 -46.75 -19.96
N ASN C 22 20.79 -46.18 -18.81
CA ASN C 22 21.21 -47.03 -17.71
C ASN C 22 20.15 -48.10 -17.34
N ARG C 23 18.93 -47.66 -17.09
CA ARG C 23 17.86 -48.58 -16.68
C ARG C 23 17.04 -49.04 -17.90
N GLY C 24 16.99 -50.36 -18.12
CA GLY C 24 16.26 -50.94 -19.25
C GLY C 24 14.82 -51.29 -18.85
N PRO C 25 14.06 -51.97 -19.72
CA PRO C 25 12.65 -52.30 -19.43
C PRO C 25 12.42 -53.62 -18.65
N VAL C 26 13.48 -54.41 -18.44
CA VAL C 26 13.41 -55.72 -17.78
C VAL C 26 14.33 -55.75 -16.57
N SER C 27 13.82 -56.31 -15.46
CA SER C 27 14.62 -56.60 -14.27
C SER C 27 14.55 -58.11 -13.94
N TYR C 28 15.69 -58.78 -13.75
CA TYR C 28 15.69 -60.22 -13.40
C TYR C 28 15.71 -60.41 -11.87
N VAL C 29 14.76 -61.20 -11.35
CA VAL C 29 14.70 -61.51 -9.90
C VAL C 29 14.72 -63.03 -9.68
N ARG C 30 15.42 -63.47 -8.65
CA ARG C 30 15.47 -64.89 -8.31
C ARG C 30 14.37 -65.24 -7.33
N LEU C 36 15.17 -67.75 -12.11
CA LEU C 36 15.14 -66.36 -12.61
C LEU C 36 13.84 -66.03 -13.35
N ASP C 37 13.31 -64.84 -13.09
CA ASP C 37 12.08 -64.36 -13.73
C ASP C 37 12.26 -62.94 -14.26
N ALA C 38 12.03 -62.74 -15.56
CA ALA C 38 11.92 -61.38 -16.12
C ALA C 38 10.67 -60.68 -15.61
N ARG C 39 10.82 -59.48 -15.07
CA ARG C 39 9.67 -58.66 -14.66
C ARG C 39 9.82 -57.25 -15.24
N ARG C 40 8.67 -56.69 -15.64
CA ARG C 40 8.63 -55.43 -16.38
C ARG C 40 7.85 -54.37 -15.57
N GLY C 41 8.55 -53.58 -14.76
CA GLY C 41 7.96 -52.52 -13.93
C GLY C 41 7.20 -51.40 -14.67
N GLY C 42 7.62 -51.10 -15.89
CA GLY C 42 6.87 -50.17 -16.77
C GLY C 42 6.93 -48.69 -16.40
N GLY C 43 5.75 -48.06 -16.33
CA GLY C 43 5.66 -46.62 -16.10
C GLY C 43 5.75 -45.82 -17.40
N GLY C 44 5.49 -44.52 -17.29
CA GLY C 44 5.30 -43.63 -18.43
C GLY C 44 6.46 -43.58 -19.39
N LEU C 45 7.68 -43.39 -18.85
CA LEU C 45 8.88 -43.22 -19.68
C LEU C 45 9.32 -44.52 -20.40
N VAL C 46 9.27 -45.64 -19.69
CA VAL C 46 9.49 -46.99 -20.27
C VAL C 46 8.46 -47.31 -21.38
N SER C 47 7.22 -46.89 -21.17
CA SER C 47 6.16 -46.93 -22.19
C SER C 47 6.60 -46.17 -23.45
N GLY C 48 7.17 -44.99 -23.24
CA GLY C 48 7.60 -44.15 -24.35
C GLY C 48 8.76 -44.75 -25.09
N LEU C 49 9.80 -45.13 -24.36
CA LEU C 49 11.02 -45.66 -24.96
C LEU C 49 10.76 -47.00 -25.70
N SER C 50 9.74 -47.75 -25.26
CA SER C 50 9.31 -49.02 -25.90
C SER C 50 8.46 -48.85 -27.16
N ALA C 51 8.09 -47.61 -27.50
CA ALA C 51 7.15 -47.35 -28.58
C ALA C 51 7.65 -47.85 -29.96
N VAL C 52 8.96 -48.03 -30.11
CA VAL C 52 9.55 -48.63 -31.31
C VAL C 52 10.26 -49.99 -31.05
N SER C 53 9.72 -50.81 -30.15
CA SER C 53 10.17 -52.20 -30.06
C SER C 53 9.72 -52.91 -31.34
N SER C 54 10.67 -53.41 -32.10
CA SER C 54 10.37 -54.27 -33.26
C SER C 54 11.43 -55.34 -33.35
N GLN C 55 11.34 -56.15 -34.38
CA GLN C 55 12.35 -57.18 -34.69
C GLN C 55 13.69 -56.51 -34.96
N ASP C 56 13.66 -55.32 -35.58
CA ASP C 56 14.84 -54.59 -36.03
C ASP C 56 15.33 -53.52 -35.03
N SER C 57 15.06 -53.67 -33.73
CA SER C 57 15.50 -52.68 -32.74
C SER C 57 16.18 -53.32 -31.53
N LEU C 58 17.00 -52.53 -30.85
CA LEU C 58 17.73 -53.02 -29.70
C LEU C 58 17.82 -51.92 -28.64
N TRP C 59 17.62 -52.31 -27.38
CA TRP C 59 17.74 -51.44 -26.22
C TRP C 59 18.92 -51.92 -25.35
N VAL C 60 19.98 -51.13 -25.34
CA VAL C 60 21.17 -51.37 -24.54
C VAL C 60 21.04 -50.67 -23.16
N CYS C 61 21.20 -51.44 -22.10
CA CYS C 61 21.10 -50.98 -20.74
C CYS C 61 22.12 -51.71 -19.86
N ALA C 62 22.26 -51.26 -18.62
CA ALA C 62 23.11 -51.95 -17.64
C ALA C 62 22.37 -52.94 -16.74
N ALA C 63 23.10 -53.96 -16.31
CA ALA C 63 22.63 -54.85 -15.26
C ALA C 63 22.66 -54.08 -13.95
N LEU C 64 21.57 -54.11 -13.17
CA LEU C 64 21.43 -53.34 -11.91
C LEU C 64 21.49 -54.13 -10.60
N GLY C 65 21.22 -55.43 -10.61
CA GLY C 65 21.33 -56.28 -9.39
C GLY C 65 22.02 -57.58 -9.71
N GLU C 66 22.16 -58.45 -8.70
CA GLU C 66 22.79 -59.78 -8.92
C GLU C 66 21.97 -60.63 -9.88
N GLY C 67 20.64 -60.48 -9.85
CA GLY C 67 19.75 -61.13 -10.82
C GLY C 67 20.08 -60.77 -12.26
N ASP C 68 20.16 -59.48 -12.55
CA ASP C 68 20.56 -59.00 -13.89
C ASP C 68 21.95 -59.52 -14.28
N ARG C 69 22.88 -59.52 -13.33
CA ARG C 69 24.24 -59.97 -13.58
C ARG C 69 24.25 -61.46 -13.90
N GLU C 70 23.45 -62.24 -13.17
CA GLU C 70 23.30 -63.68 -13.46
C GLU C 70 22.72 -63.92 -14.86
N ALA C 71 21.67 -63.17 -15.20
CA ALA C 71 21.07 -63.27 -16.53
C ALA C 71 22.13 -63.02 -17.61
N VAL C 72 22.97 -62.01 -17.45
CA VAL C 72 24.00 -61.75 -18.44
C VAL C 72 25.05 -62.86 -18.48
N ARG C 73 25.58 -63.25 -17.31
CA ARG C 73 26.55 -64.34 -17.22
C ARG C 73 26.07 -65.65 -17.87
N ARG C 74 24.80 -65.99 -17.64
CA ARG C 74 24.18 -67.19 -18.25
C ARG C 74 23.89 -67.11 -19.75
N GLY C 75 23.80 -65.90 -20.32
CA GLY C 75 23.33 -65.71 -21.69
C GLY C 75 21.81 -65.75 -21.81
N ILE C 76 21.14 -65.20 -20.79
CA ILE C 76 19.68 -65.15 -20.74
C ILE C 76 19.27 -63.69 -20.91
N GLY C 77 18.34 -63.44 -21.80
CA GLY C 77 17.91 -62.07 -22.11
C GLY C 77 16.58 -62.08 -22.83
N GLU C 78 15.77 -61.03 -22.63
CA GLU C 78 14.55 -60.88 -23.41
C GLU C 78 14.90 -60.34 -24.82
N PRO C 79 14.10 -60.69 -25.84
CA PRO C 79 14.45 -60.25 -27.21
C PRO C 79 14.37 -58.71 -27.40
N GLY C 80 15.31 -58.13 -28.14
CA GLY C 80 15.40 -56.67 -28.32
C GLY C 80 16.07 -55.94 -27.14
N VAL C 81 16.64 -56.68 -26.18
CA VAL C 81 17.30 -56.07 -25.00
C VAL C 81 18.70 -56.64 -24.80
N ARG C 82 19.70 -55.76 -24.65
CA ARG C 82 21.08 -56.18 -24.37
C ARG C 82 21.53 -55.49 -23.09
N MET C 83 21.71 -56.28 -22.03
CA MET C 83 22.22 -55.79 -20.75
C MET C 83 23.72 -55.93 -20.75
N LEU C 84 24.41 -54.88 -20.31
CA LEU C 84 25.87 -54.88 -20.13
C LEU C 84 26.27 -55.14 -18.68
N ASP C 85 27.24 -56.02 -18.51
CA ASP C 85 27.85 -56.31 -17.23
C ASP C 85 29.07 -55.37 -17.15
N ILE C 86 28.92 -54.32 -16.39
CA ILE C 86 29.98 -53.35 -16.19
C ILE C 86 30.61 -53.70 -14.85
N ALA C 87 31.94 -53.71 -14.79
CA ALA C 87 32.66 -54.06 -13.57
C ALA C 87 32.12 -53.21 -12.38
N PRO C 88 31.85 -53.87 -11.23
CA PRO C 88 31.17 -53.20 -10.11
C PRO C 88 31.80 -51.90 -9.60
N ASP C 89 33.12 -51.82 -9.55
CA ASP C 89 33.78 -50.61 -9.08
C ASP C 89 33.72 -49.47 -10.11
N VAL C 90 33.77 -49.79 -11.41
CA VAL C 90 33.59 -48.78 -12.49
C VAL C 90 32.16 -48.25 -12.46
N TYR C 91 31.22 -49.17 -12.30
CA TYR C 91 29.82 -48.84 -12.23
C TYR C 91 29.55 -47.87 -11.05
N ALA C 92 30.05 -48.19 -9.86
CA ALA C 92 29.82 -47.35 -8.67
C ALA C 92 30.35 -45.94 -8.87
N ASP C 93 31.60 -45.86 -9.29
CA ASP C 93 32.23 -44.58 -9.52
C ASP C 93 31.56 -43.79 -10.64
N ALA C 94 31.14 -44.46 -11.72
CA ALA C 94 30.56 -43.76 -12.89
C ALA C 94 29.11 -43.32 -12.67
N TYR C 95 28.31 -44.27 -12.16
CA TYR C 95 26.87 -44.11 -12.03
C TYR C 95 26.52 -43.42 -10.71
N ASN C 96 26.90 -44.02 -9.57
CA ASN C 96 26.57 -43.41 -8.24
C ASN C 96 27.35 -42.12 -8.05
N GLY C 97 28.62 -42.16 -8.48
CA GLY C 97 29.53 -41.08 -8.26
C GLY C 97 29.34 -39.94 -9.24
N ILE C 98 30.03 -40.02 -10.37
CA ILE C 98 30.03 -38.91 -11.32
C ILE C 98 28.58 -38.54 -11.79
N ALA C 99 27.77 -39.51 -12.20
CA ALA C 99 26.48 -39.18 -12.80
C ALA C 99 25.49 -38.72 -11.73
N ASN C 100 25.19 -39.61 -10.81
CA ASN C 100 24.15 -39.33 -9.82
C ASN C 100 24.56 -38.41 -8.70
N SER C 101 25.86 -38.12 -8.54
CA SER C 101 26.33 -37.15 -7.53
C SER C 101 26.89 -35.88 -8.19
N VAL C 102 27.98 -35.99 -8.94
CA VAL C 102 28.60 -34.78 -9.50
C VAL C 102 27.70 -34.02 -10.49
N LEU C 103 27.25 -34.70 -11.54
CA LEU C 103 26.42 -34.04 -12.56
C LEU C 103 25.00 -33.71 -12.04
N TRP C 104 24.42 -34.60 -11.23
CA TRP C 104 23.12 -34.31 -10.61
C TRP C 104 23.20 -32.98 -9.79
N PHE C 105 24.22 -32.86 -8.96
CA PHE C 105 24.39 -31.63 -8.14
C PHE C 105 24.64 -30.41 -9.06
N LEU C 106 25.40 -30.60 -10.12
CA LEU C 106 25.75 -29.51 -11.00
C LEU C 106 24.51 -28.97 -11.67
N HIS C 107 23.72 -29.85 -12.27
CA HIS C 107 22.56 -29.41 -13.05
C HIS C 107 21.40 -28.87 -12.19
N HIS C 108 21.27 -29.33 -10.96
CA HIS C 108 20.25 -28.81 -10.04
C HIS C 108 20.74 -27.66 -9.16
N HIS C 109 22.01 -27.24 -9.30
CA HIS C 109 22.62 -26.16 -8.52
C HIS C 109 22.64 -26.43 -7.00
N LEU C 110 22.91 -27.67 -6.61
CA LEU C 110 22.78 -28.09 -5.21
C LEU C 110 24.06 -27.99 -4.36
N TYR C 111 25.18 -27.54 -4.93
CA TYR C 111 26.41 -27.54 -4.18
C TYR C 111 26.42 -26.54 -3.01
N ASP C 112 26.95 -26.98 -1.87
CA ASP C 112 27.25 -26.07 -0.76
C ASP C 112 28.65 -25.48 -0.95
N ILE C 113 28.68 -24.33 -1.63
CA ILE C 113 29.87 -23.71 -2.22
C ILE C 113 31.14 -23.66 -1.34
N PRO C 114 31.02 -23.35 -0.04
CA PRO C 114 32.22 -23.33 0.87
C PRO C 114 32.99 -24.66 1.01
N ARG C 115 32.29 -25.77 0.75
CA ARG C 115 32.82 -27.14 0.86
C ARG C 115 32.89 -27.93 -0.45
N GLU C 116 31.84 -27.87 -1.25
CA GLU C 116 31.76 -28.66 -2.50
C GLU C 116 31.35 -27.73 -3.64
N PRO C 117 31.74 -28.03 -4.90
CA PRO C 117 32.47 -29.22 -5.32
C PRO C 117 33.99 -29.18 -5.01
N VAL C 118 34.61 -30.36 -4.99
CA VAL C 118 36.06 -30.57 -4.84
C VAL C 118 36.53 -31.46 -6.01
N PHE C 119 37.28 -30.87 -6.94
CA PHE C 119 37.84 -31.63 -8.06
C PHE C 119 39.29 -31.95 -7.73
N ASP C 120 39.47 -33.12 -7.15
CA ASP C 120 40.75 -33.61 -6.62
C ASP C 120 41.14 -34.93 -7.34
N ALA C 121 42.18 -35.59 -6.87
CA ALA C 121 42.72 -36.77 -7.54
C ALA C 121 41.69 -37.89 -7.63
N ALA C 122 40.95 -38.09 -6.55
CA ALA C 122 39.89 -39.10 -6.52
C ALA C 122 38.76 -38.77 -7.51
N PHE C 123 38.38 -37.48 -7.62
CA PHE C 123 37.41 -37.07 -8.65
C PHE C 123 37.93 -37.50 -10.03
N ARG C 124 39.21 -37.26 -10.31
CA ARG C 124 39.77 -37.58 -11.62
C ARG C 124 39.70 -39.04 -11.96
N HIS C 125 39.97 -39.88 -10.96
CA HIS C 125 39.87 -41.34 -11.09
C HIS C 125 38.40 -41.76 -11.39
N ARG C 126 37.44 -41.18 -10.67
CA ARG C 126 36.00 -41.45 -10.94
C ARG C 126 35.58 -40.99 -12.34
N TRP C 127 36.13 -39.88 -12.80
CA TRP C 127 35.86 -39.36 -14.16
C TRP C 127 36.33 -40.37 -15.23
N GLU C 128 37.50 -40.98 -15.00
CA GLU C 128 38.02 -42.03 -15.89
C GLU C 128 37.04 -43.21 -15.93
N ALA C 129 36.45 -43.58 -14.78
CA ALA C 129 35.43 -44.64 -14.75
C ALA C 129 34.18 -44.22 -15.52
N TYR C 130 33.78 -42.96 -15.39
CA TYR C 130 32.65 -42.39 -16.15
C TYR C 130 32.91 -42.51 -17.67
N ARG C 131 34.14 -42.22 -18.10
CA ARG C 131 34.50 -42.37 -19.52
C ARG C 131 34.35 -43.82 -19.97
N ALA C 132 34.87 -44.74 -19.17
CA ALA C 132 34.87 -46.17 -19.51
C ALA C 132 33.46 -46.75 -19.48
N TYR C 133 32.66 -46.31 -18.51
CA TYR C 133 31.23 -46.66 -18.47
C TYR C 133 30.49 -46.19 -19.73
N ASN C 134 30.63 -44.92 -20.11
CA ASN C 134 30.05 -44.46 -21.37
C ASN C 134 30.57 -45.25 -22.59
N ARG C 135 31.89 -45.49 -22.66
CA ARG C 135 32.50 -46.30 -23.73
C ARG C 135 31.97 -47.74 -23.85
N ALA C 136 31.61 -48.38 -22.74
CA ALA C 136 31.00 -49.70 -22.79
C ALA C 136 29.68 -49.61 -23.59
N PHE C 137 28.87 -48.60 -23.30
CA PHE C 137 27.65 -48.38 -24.08
C PHE C 137 27.96 -48.03 -25.54
N ALA C 138 28.95 -47.16 -25.77
CA ALA C 138 29.27 -46.75 -27.14
C ALA C 138 29.71 -47.95 -27.99
N GLU C 139 30.56 -48.80 -27.41
CA GLU C 139 31.05 -49.99 -28.11
C GLU C 139 29.94 -51.02 -28.37
N ALA C 140 28.97 -51.11 -27.46
CA ALA C 140 27.87 -52.04 -27.67
C ALA C 140 27.02 -51.55 -28.85
N LEU C 141 26.67 -50.27 -28.81
CA LEU C 141 25.92 -49.64 -29.88
C LEU C 141 26.59 -49.71 -31.26
N ALA C 142 27.89 -49.47 -31.28
CA ALA C 142 28.72 -49.58 -32.49
C ALA C 142 28.65 -50.97 -33.08
N ALA C 143 28.83 -52.02 -32.25
CA ALA C 143 28.76 -53.42 -32.70
C ALA C 143 27.38 -53.83 -33.18
N ALA C 144 26.33 -53.19 -32.68
CA ALA C 144 24.98 -53.67 -32.95
C ALA C 144 24.20 -52.84 -34.00
N ALA C 145 24.67 -51.66 -34.38
CA ALA C 145 23.89 -50.79 -35.29
C ALA C 145 24.16 -51.01 -36.79
N ASP C 146 23.07 -51.19 -37.55
CA ASP C 146 23.12 -51.14 -39.03
C ASP C 146 23.59 -49.77 -39.52
N GLU C 147 24.00 -49.75 -40.79
CA GLU C 147 24.43 -48.54 -41.49
C GLU C 147 23.35 -47.46 -41.41
N GLY C 148 23.76 -46.26 -41.01
CA GLY C 148 22.87 -45.13 -40.83
C GLY C 148 21.68 -45.33 -39.91
N ALA C 149 21.80 -46.26 -38.96
CA ALA C 149 20.73 -46.48 -37.96
C ALA C 149 20.52 -45.27 -37.03
N ALA C 150 19.29 -45.10 -36.53
CA ALA C 150 18.99 -44.07 -35.54
C ALA C 150 19.29 -44.60 -34.11
N VAL C 151 20.02 -43.79 -33.34
CA VAL C 151 20.45 -44.14 -31.98
C VAL C 151 19.96 -43.04 -31.04
N LEU C 152 19.10 -43.43 -30.10
CA LEU C 152 18.53 -42.51 -29.12
C LEU C 152 19.12 -42.80 -27.74
N VAL C 153 20.07 -41.97 -27.31
CA VAL C 153 20.76 -42.12 -26.03
C VAL C 153 19.98 -41.32 -24.95
N GLN C 154 19.74 -41.92 -23.79
CA GLN C 154 18.96 -41.28 -22.71
C GLN C 154 19.74 -40.86 -21.49
N ASP C 155 19.78 -39.54 -21.26
CA ASP C 155 20.05 -38.89 -20.00
C ASP C 155 21.54 -38.67 -19.69
N TYR C 156 21.77 -37.94 -18.60
CA TYR C 156 23.10 -37.43 -18.20
C TYR C 156 24.11 -38.52 -17.88
N HIS C 157 23.62 -39.73 -17.56
CA HIS C 157 24.51 -40.87 -17.26
C HIS C 157 25.37 -41.15 -18.49
N LEU C 158 24.74 -41.04 -19.66
CA LEU C 158 25.36 -41.35 -20.92
C LEU C 158 25.72 -40.11 -21.81
N ALA C 159 26.08 -38.98 -21.19
CA ALA C 159 26.36 -37.74 -21.91
C ALA C 159 27.63 -37.80 -22.81
N LEU C 160 28.56 -38.72 -22.56
CA LEU C 160 29.75 -38.89 -23.44
C LEU C 160 29.53 -39.84 -24.64
N VAL C 161 28.48 -40.65 -24.60
CA VAL C 161 28.23 -41.66 -25.65
C VAL C 161 28.14 -41.06 -27.07
N PRO C 162 27.35 -39.99 -27.25
CA PRO C 162 27.26 -39.44 -28.63
C PRO C 162 28.60 -39.09 -29.32
N GLY C 163 29.49 -38.39 -28.63
CA GLY C 163 30.85 -38.10 -29.15
C GLY C 163 31.73 -39.32 -29.36
N GLN C 164 31.71 -40.24 -28.39
CA GLN C 164 32.41 -41.50 -28.50
C GLN C 164 31.90 -42.35 -29.66
N LEU C 165 30.58 -42.49 -29.76
CA LEU C 165 29.98 -43.29 -30.85
C LEU C 165 30.22 -42.64 -32.20
N ARG C 166 30.11 -41.32 -32.25
CA ARG C 166 30.35 -40.54 -33.48
C ARG C 166 31.73 -40.84 -34.08
N GLU C 167 32.75 -40.89 -33.23
CA GLU C 167 34.10 -41.31 -33.64
C GLU C 167 34.12 -42.75 -34.16
N LEU C 168 33.51 -43.68 -33.43
CA LEU C 168 33.49 -45.10 -33.83
C LEU C 168 32.61 -45.36 -35.06
N ARG C 169 31.54 -44.58 -35.23
CA ARG C 169 30.54 -44.82 -36.26
C ARG C 169 29.96 -43.52 -36.85
N PRO C 170 30.74 -42.80 -37.71
CA PRO C 170 30.34 -41.52 -38.32
C PRO C 170 29.04 -41.50 -39.13
N ASP C 171 28.61 -42.67 -39.61
CA ASP C 171 27.36 -42.83 -40.35
C ASP C 171 26.06 -42.75 -39.54
N LEU C 172 26.15 -42.91 -38.22
CA LEU C 172 24.95 -43.11 -37.39
C LEU C 172 24.26 -41.78 -37.17
N ARG C 173 22.93 -41.82 -37.07
CA ARG C 173 22.13 -40.65 -36.72
C ARG C 173 21.81 -40.74 -35.21
N ILE C 174 22.30 -39.77 -34.45
CA ILE C 174 22.34 -39.88 -32.97
C ILE C 174 21.54 -38.77 -32.34
N GLY C 175 20.66 -39.13 -31.42
CA GLY C 175 19.96 -38.15 -30.60
C GLY C 175 20.26 -38.40 -29.15
N HIS C 176 20.25 -37.35 -28.33
CA HIS C 176 20.44 -37.48 -26.89
C HIS C 176 19.44 -36.61 -26.19
N PHE C 177 18.80 -37.16 -25.16
CA PHE C 177 17.84 -36.42 -24.37
C PHE C 177 18.28 -36.34 -22.92
N THR C 178 18.25 -35.13 -22.38
CA THR C 178 18.63 -34.84 -21.03
C THR C 178 17.33 -34.63 -20.23
N HIS C 179 17.11 -35.44 -19.18
CA HIS C 179 15.88 -35.37 -18.36
C HIS C 179 15.97 -34.43 -17.20
N THR C 180 17.16 -33.96 -16.89
CA THR C 180 17.38 -33.00 -15.82
C THR C 180 17.37 -31.56 -16.34
N PRO C 181 17.49 -30.58 -15.42
CA PRO C 181 17.88 -29.31 -15.94
C PRO C 181 19.29 -29.36 -16.56
N TRP C 182 19.67 -28.24 -17.18
CA TRP C 182 21.05 -28.01 -17.52
C TRP C 182 21.53 -26.82 -16.74
N ALA C 183 22.75 -26.92 -16.23
CA ALA C 183 23.35 -25.90 -15.35
C ALA C 183 23.47 -24.59 -16.11
N SER C 184 23.20 -23.47 -15.44
CA SER C 184 23.48 -22.17 -16.06
C SER C 184 24.98 -22.04 -16.36
N PRO C 185 25.33 -21.31 -17.43
CA PRO C 185 26.70 -21.23 -17.89
C PRO C 185 27.64 -20.88 -16.77
N GLU C 186 27.26 -19.94 -15.90
CA GLU C 186 28.16 -19.56 -14.82
C GLU C 186 28.41 -20.68 -13.84
N TYR C 187 27.36 -21.45 -13.56
CA TYR C 187 27.43 -22.57 -12.64
C TYR C 187 28.19 -23.74 -13.29
N PHE C 188 27.92 -24.00 -14.58
CA PHE C 188 28.66 -24.99 -15.36
C PHE C 188 30.17 -24.74 -15.39
N ARG C 189 30.58 -23.48 -15.26
CA ARG C 189 32.01 -23.16 -15.27
C ARG C 189 32.73 -23.48 -13.96
N MET C 190 32.03 -24.01 -12.96
CA MET C 190 32.70 -24.61 -11.80
C MET C 190 33.52 -25.84 -12.17
N LEU C 191 33.14 -26.54 -13.23
CA LEU C 191 33.87 -27.74 -13.64
C LEU C 191 35.25 -27.30 -14.11
N PRO C 192 36.29 -28.09 -13.87
CA PRO C 192 37.55 -27.80 -14.57
C PRO C 192 37.32 -27.67 -16.07
N ALA C 193 38.01 -26.74 -16.71
CA ALA C 193 37.77 -26.48 -18.15
C ALA C 193 37.91 -27.75 -19.04
N ASP C 194 38.91 -28.60 -18.79
CA ASP C 194 39.05 -29.85 -19.60
C ASP C 194 37.83 -30.83 -19.45
N ILE C 195 37.26 -30.84 -18.25
CA ILE C 195 36.13 -31.70 -17.94
C ILE C 195 34.86 -31.14 -18.63
N GLY C 196 34.64 -29.84 -18.47
CA GLY C 196 33.50 -29.18 -19.07
C GLY C 196 33.55 -29.34 -20.58
N ASP C 197 34.74 -29.16 -21.14
CA ASP C 197 34.90 -29.20 -22.59
C ASP C 197 34.67 -30.64 -23.10
N GLU C 198 35.23 -31.64 -22.41
CA GLU C 198 34.98 -33.05 -22.75
C GLU C 198 33.48 -33.42 -22.66
N LEU C 199 32.78 -32.96 -21.61
CA LEU C 199 31.34 -33.19 -21.48
C LEU C 199 30.54 -32.60 -22.64
N LEU C 200 30.85 -31.34 -22.98
CA LEU C 200 30.21 -30.67 -24.10
C LEU C 200 30.49 -31.40 -25.43
N ARG C 201 31.76 -31.72 -25.73
CA ARG C 201 32.09 -32.51 -26.95
C ARG C 201 31.38 -33.89 -26.97
N GLY C 202 31.22 -34.49 -25.79
CA GLY C 202 30.45 -35.72 -25.60
C GLY C 202 29.01 -35.56 -26.10
N MET C 203 28.36 -34.48 -25.69
CA MET C 203 27.00 -34.17 -26.09
C MET C 203 26.91 -33.78 -27.58
N LEU C 204 27.85 -32.94 -28.00
CA LEU C 204 27.86 -32.42 -29.36
C LEU C 204 28.19 -33.43 -30.44
N GLY C 205 28.58 -34.65 -30.09
CA GLY C 205 28.55 -35.75 -31.05
C GLY C 205 27.18 -35.97 -31.71
N ALA C 206 26.09 -35.61 -31.01
CA ALA C 206 24.72 -35.86 -31.50
C ALA C 206 24.23 -34.93 -32.63
N ASP C 207 23.37 -35.49 -33.50
CA ASP C 207 22.64 -34.69 -34.50
C ASP C 207 21.49 -33.89 -33.86
N GLU C 208 20.89 -34.48 -32.82
CA GLU C 208 19.85 -33.78 -32.07
C GLU C 208 20.04 -33.94 -30.54
N LEU C 209 19.95 -32.82 -29.82
CA LEU C 209 19.95 -32.79 -28.36
C LEU C 209 18.60 -32.29 -27.90
N GLY C 210 17.96 -33.05 -27.03
CA GLY C 210 16.62 -32.74 -26.52
C GLY C 210 16.62 -32.39 -25.04
N PHE C 211 15.76 -31.44 -24.68
CA PHE C 211 15.55 -31.03 -23.31
C PHE C 211 14.05 -30.88 -23.09
N HIS C 212 13.61 -30.89 -21.83
CA HIS C 212 12.19 -30.70 -21.56
C HIS C 212 11.63 -29.27 -21.73
N THR C 213 12.51 -28.26 -21.64
CA THR C 213 12.10 -26.86 -21.64
C THR C 213 13.09 -26.01 -22.42
N SER C 214 12.63 -24.86 -22.90
CA SER C 214 13.49 -23.85 -23.57
C SER C 214 14.59 -23.30 -22.68
N ALA C 215 14.30 -23.07 -21.39
CA ALA C 215 15.34 -22.61 -20.44
C ALA C 215 16.50 -23.60 -20.35
N TRP C 216 16.19 -24.89 -20.30
CA TRP C 216 17.23 -25.90 -20.23
C TRP C 216 18.05 -26.01 -21.56
N ALA C 217 17.37 -26.04 -22.71
CA ALA C 217 18.05 -26.03 -23.99
C ALA C 217 18.92 -24.78 -24.18
N SER C 218 18.38 -23.61 -23.80
CA SER C 218 19.11 -22.33 -23.88
C SER C 218 20.37 -22.33 -23.00
N ALA C 219 20.28 -22.84 -21.78
CA ALA C 219 21.47 -22.99 -20.92
C ALA C 219 22.55 -23.85 -21.57
N PHE C 220 22.16 -25.00 -22.15
CA PHE C 220 23.14 -25.86 -22.84
C PHE C 220 23.77 -25.08 -24.00
N LEU C 221 22.93 -24.46 -24.82
CA LEU C 221 23.44 -23.67 -25.95
C LEU C 221 24.43 -22.57 -25.55
N SER C 222 24.12 -21.87 -24.46
CA SER C 222 25.02 -20.87 -23.89
C SER C 222 26.34 -21.47 -23.35
N CYS C 223 26.30 -22.65 -22.73
CA CYS C 223 27.55 -23.29 -22.28
C CYS C 223 28.37 -23.74 -23.49
N ALA C 224 27.72 -24.32 -24.49
CA ALA C 224 28.41 -24.81 -25.66
C ALA C 224 28.99 -23.67 -26.52
N GLY C 225 28.34 -22.52 -26.53
CA GLY C 225 28.76 -21.35 -27.34
C GLY C 225 29.02 -21.75 -28.78
N GLY C 226 30.10 -21.22 -29.34
CA GLY C 226 30.69 -21.73 -30.58
C GLY C 226 29.82 -21.63 -31.83
N GLU C 227 30.20 -22.41 -32.83
CA GLU C 227 29.48 -22.45 -34.09
C GLU C 227 29.28 -23.92 -34.54
N GLN C 228 28.51 -24.67 -33.73
CA GLN C 228 28.26 -26.12 -33.97
C GLN C 228 27.22 -26.40 -35.08
N PRO C 229 27.67 -26.61 -36.34
CA PRO C 229 26.67 -26.59 -37.42
C PRO C 229 25.89 -27.91 -37.56
N ARG C 230 26.37 -28.99 -36.94
CA ARG C 230 25.81 -30.33 -37.12
C ARG C 230 25.04 -30.84 -35.89
N THR C 231 24.72 -29.96 -34.93
CA THR C 231 23.87 -30.30 -33.76
C THR C 231 22.67 -29.32 -33.66
N ARG C 232 21.45 -29.82 -33.83
CA ARG C 232 20.21 -29.04 -33.58
C ARG C 232 19.76 -29.30 -32.13
N VAL C 233 19.37 -28.25 -31.39
CA VAL C 233 18.88 -28.39 -30.01
C VAL C 233 17.36 -28.16 -30.02
N ARG C 234 16.61 -29.09 -29.44
CA ARG C 234 15.15 -29.13 -29.55
C ARG C 234 14.50 -29.31 -28.16
N VAL C 235 13.24 -28.88 -28.05
CA VAL C 235 12.51 -28.93 -26.79
C VAL C 235 11.34 -29.89 -27.02
N HIS C 236 11.31 -31.00 -26.26
CA HIS C 236 10.24 -32.00 -26.29
C HIS C 236 9.79 -32.29 -24.83
N PRO C 237 8.80 -31.55 -24.32
CA PRO C 237 8.37 -31.73 -22.93
C PRO C 237 7.51 -32.99 -22.74
N LEU C 238 7.94 -33.92 -21.90
CA LEU C 238 7.21 -35.16 -21.65
C LEU C 238 5.94 -34.88 -20.90
N GLY C 239 4.82 -35.39 -21.43
CA GLY C 239 3.52 -35.34 -20.77
C GLY C 239 3.04 -36.72 -20.35
N VAL C 240 1.72 -36.87 -20.27
CA VAL C 240 1.03 -38.03 -19.66
C VAL C 240 0.00 -38.65 -20.60
N ASP C 241 -0.09 -39.97 -20.60
CA ASP C 241 -1.18 -40.70 -21.26
C ASP C 241 -2.36 -40.77 -20.29
N ALA C 242 -3.42 -39.99 -20.56
CA ALA C 242 -4.59 -39.90 -19.66
C ALA C 242 -5.23 -41.25 -19.37
N GLU C 243 -5.35 -42.09 -20.40
CA GLU C 243 -6.11 -43.35 -20.29
C GLU C 243 -5.41 -44.36 -19.39
N GLU C 244 -4.10 -44.52 -19.56
CA GLU C 244 -3.30 -45.46 -18.72
C GLU C 244 -3.36 -44.99 -17.26
N LEU C 245 -3.15 -43.68 -17.04
CA LEU C 245 -3.15 -43.12 -15.71
C LEU C 245 -4.51 -43.21 -15.01
N ARG C 246 -5.58 -42.85 -15.73
CA ARG C 246 -6.95 -42.90 -15.18
C ARG C 246 -7.37 -44.33 -14.82
N ALA C 247 -7.06 -45.28 -15.69
CA ALA C 247 -7.26 -46.72 -15.42
C ALA C 247 -6.56 -47.18 -14.14
N LEU C 248 -5.29 -46.83 -13.95
CA LEU C 248 -4.58 -47.11 -12.68
C LEU C 248 -5.22 -46.41 -11.49
N ALA C 249 -5.61 -45.15 -11.68
CA ALA C 249 -6.21 -44.35 -10.60
C ALA C 249 -7.58 -44.85 -10.16
N HIS C 250 -8.31 -45.55 -11.04
CA HIS C 250 -9.67 -46.09 -10.70
C HIS C 250 -9.77 -47.62 -10.52
N ARG C 251 -8.67 -48.30 -10.19
CA ARG C 251 -8.70 -49.70 -9.74
C ARG C 251 -9.33 -49.76 -8.34
N PRO C 252 -9.98 -50.90 -7.99
CA PRO C 252 -10.62 -51.04 -6.66
C PRO C 252 -9.69 -50.78 -5.47
N GLN C 253 -8.43 -51.23 -5.59
CA GLN C 253 -7.42 -51.00 -4.54
C GLN C 253 -7.17 -49.50 -4.22
N VAL C 254 -7.29 -48.63 -5.23
CA VAL C 254 -7.15 -47.20 -5.02
C VAL C 254 -8.41 -46.63 -4.32
N ASP C 255 -9.60 -47.06 -4.77
CA ASP C 255 -10.88 -46.71 -4.13
C ASP C 255 -10.87 -47.01 -2.62
N GLU C 256 -10.35 -48.20 -2.27
CA GLU C 256 -10.26 -48.67 -0.89
C GLU C 256 -9.24 -47.84 -0.09
N ARG C 257 -8.05 -47.61 -0.65
CA ARG C 257 -7.06 -46.74 0.00
C ARG C 257 -7.55 -45.27 0.10
N LEU C 258 -8.26 -44.79 -0.92
CA LEU C 258 -8.84 -43.44 -0.87
C LEU C 258 -9.89 -43.30 0.26
N ALA C 259 -10.76 -44.31 0.41
CA ALA C 259 -11.73 -44.32 1.54
C ALA C 259 -11.02 -44.18 2.88
N ARG C 260 -10.01 -45.02 3.13
CA ARG C 260 -9.23 -44.94 4.37
C ARG C 260 -8.58 -43.57 4.55
N LEU C 261 -8.04 -43.03 3.46
CA LEU C 261 -7.34 -41.76 3.54
C LEU C 261 -8.29 -40.61 3.94
N ARG C 262 -9.52 -40.65 3.45
CA ARG C 262 -10.56 -39.68 3.87
C ARG C 262 -10.80 -39.71 5.36
N GLU C 263 -10.84 -40.91 5.93
CA GLU C 263 -10.97 -41.09 7.40
C GLU C 263 -9.75 -40.63 8.20
N GLU C 264 -8.55 -40.90 7.68
CA GLU C 264 -7.32 -40.39 8.30
C GLU C 264 -7.35 -38.86 8.36
N VAL C 265 -7.76 -38.23 7.25
CA VAL C 265 -7.81 -36.75 7.14
C VAL C 265 -9.01 -36.10 7.87
N GLY C 266 -10.17 -36.77 7.86
CA GLY C 266 -11.40 -36.19 8.39
C GLY C 266 -12.04 -35.23 7.40
N ASP C 267 -12.93 -34.37 7.90
CA ASP C 267 -13.67 -33.45 7.05
C ASP C 267 -12.85 -32.16 6.93
N ARG C 268 -11.79 -32.25 6.13
CA ARG C 268 -10.80 -31.18 6.01
C ARG C 268 -10.18 -31.15 4.62
N LYS C 269 -9.63 -30.00 4.29
CA LYS C 269 -8.97 -29.84 3.02
C LYS C 269 -7.60 -30.51 3.10
N THR C 270 -7.01 -30.81 1.95
CA THR C 270 -5.69 -31.44 1.89
C THR C 270 -4.76 -30.67 0.97
N ILE C 271 -3.51 -30.53 1.40
CA ILE C 271 -2.43 -30.01 0.55
C ILE C 271 -1.46 -31.17 0.36
N VAL C 272 -1.31 -31.62 -0.88
CA VAL C 272 -0.68 -32.90 -1.13
C VAL C 272 0.69 -32.75 -1.82
N ARG C 273 1.66 -33.54 -1.34
CA ARG C 273 2.87 -33.91 -2.11
C ARG C 273 3.27 -35.33 -1.72
N VAL C 274 4.00 -36.00 -2.60
CA VAL C 274 4.40 -37.41 -2.42
C VAL C 274 5.86 -37.63 -2.75
N ASP C 275 6.64 -36.56 -2.85
CA ASP C 275 8.01 -36.66 -3.34
C ASP C 275 8.98 -37.24 -2.26
N ARG C 276 9.92 -38.08 -2.69
CA ARG C 276 10.99 -38.56 -1.79
C ARG C 276 11.85 -37.37 -1.33
N THR C 277 12.62 -37.57 -0.27
CA THR C 277 13.40 -36.49 0.33
C THR C 277 14.68 -36.17 -0.46
N GLU C 278 14.48 -35.78 -1.71
CA GLU C 278 15.58 -35.41 -2.61
C GLU C 278 15.85 -33.89 -2.44
N LEU C 279 17.12 -33.51 -2.47
CA LEU C 279 17.50 -32.15 -2.12
C LEU C 279 16.89 -31.05 -2.99
N SER C 280 16.54 -31.37 -4.22
CA SER C 280 15.98 -30.38 -5.14
C SER C 280 14.50 -30.18 -4.94
N LYS C 281 13.84 -31.06 -4.20
CA LYS C 281 12.37 -31.06 -4.10
C LYS C 281 11.77 -29.88 -3.31
N ASN C 282 12.56 -29.28 -2.42
CA ASN C 282 12.17 -28.11 -1.67
C ASN C 282 11.09 -28.40 -0.61
N ILE C 283 11.16 -29.60 0.00
CA ILE C 283 10.15 -30.03 0.97
C ILE C 283 10.23 -29.16 2.24
N LEU C 284 11.45 -28.83 2.68
CA LEU C 284 11.60 -28.00 3.88
C LEU C 284 10.92 -26.62 3.76
N ARG C 285 11.20 -25.89 2.68
CA ARG C 285 10.53 -24.62 2.44
C ARG C 285 9.02 -24.76 2.31
N GLY C 286 8.55 -25.84 1.71
CA GLY C 286 7.11 -26.13 1.65
C GLY C 286 6.48 -26.27 3.04
N LEU C 287 7.15 -27.00 3.93
CA LEU C 287 6.73 -27.11 5.32
C LEU C 287 6.78 -25.76 6.06
N LEU C 288 7.83 -24.98 5.84
CA LEU C 288 7.88 -23.61 6.41
C LEU C 288 6.75 -22.72 5.89
N ALA C 289 6.39 -22.88 4.61
CA ALA C 289 5.22 -22.17 4.04
C ALA C 289 3.88 -22.59 4.66
N TYR C 290 3.76 -23.89 4.89
CA TYR C 290 2.61 -24.42 5.61
C TYR C 290 2.54 -23.86 7.05
N ARG C 291 3.64 -23.93 7.79
CA ARG C 291 3.69 -23.30 9.14
C ARG C 291 3.31 -21.78 9.11
N GLU C 292 3.79 -21.05 8.08
CA GLU C 292 3.42 -19.65 7.88
C GLU C 292 1.94 -19.47 7.56
N LEU C 293 1.39 -20.30 6.68
CA LEU C 293 -0.04 -20.28 6.41
C LEU C 293 -0.88 -20.34 7.70
N LEU C 294 -0.55 -21.30 8.56
CA LEU C 294 -1.28 -21.52 9.82
C LEU C 294 -1.06 -20.46 10.91
N THR C 295 0.02 -19.70 10.79
CA THR C 295 0.35 -18.56 11.66
C THR C 295 -0.37 -17.26 11.19
N VAL C 296 -0.31 -16.97 9.88
CA VAL C 296 -0.83 -15.72 9.27
C VAL C 296 -2.33 -15.82 8.86
N HIS C 297 -2.77 -16.99 8.44
CA HIS C 297 -4.17 -17.26 8.16
C HIS C 297 -4.65 -18.39 9.11
N PRO C 298 -4.69 -18.11 10.44
CA PRO C 298 -4.94 -19.14 11.46
C PRO C 298 -6.35 -19.72 11.46
N GLU C 299 -7.28 -19.07 10.75
CA GLU C 299 -8.56 -19.71 10.45
C GLU C 299 -8.44 -21.12 9.88
N TRP C 300 -7.33 -21.43 9.21
CA TRP C 300 -7.14 -22.79 8.65
C TRP C 300 -6.83 -23.88 9.67
N ARG C 301 -6.60 -23.54 10.94
CA ARG C 301 -6.35 -24.60 11.92
C ARG C 301 -7.61 -25.45 12.05
N ASP C 302 -7.40 -26.76 12.08
CA ASP C 302 -8.45 -27.78 12.13
C ASP C 302 -9.21 -27.93 10.80
N ARG C 303 -8.87 -27.17 9.76
CA ARG C 303 -9.59 -27.23 8.48
C ARG C 303 -8.75 -27.70 7.26
N VAL C 304 -7.49 -28.06 7.49
CA VAL C 304 -6.58 -28.52 6.43
C VAL C 304 -5.55 -29.50 7.00
N VAL C 305 -5.11 -30.44 6.16
CA VAL C 305 -4.01 -31.38 6.48
C VAL C 305 -3.02 -31.32 5.34
N HIS C 306 -1.75 -31.28 5.67
CA HIS C 306 -0.71 -31.27 4.65
C HIS C 306 -0.21 -32.70 4.61
N LEU C 307 -0.38 -33.36 3.47
CA LEU C 307 0.25 -34.67 3.24
C LEU C 307 1.63 -34.46 2.66
N ALA C 308 2.67 -35.03 3.30
CA ALA C 308 4.07 -34.97 2.81
C ALA C 308 4.76 -36.31 3.03
N SER C 309 5.80 -36.58 2.24
CA SER C 309 6.58 -37.82 2.41
C SER C 309 7.92 -37.55 3.04
N ALA C 310 8.31 -38.42 3.98
CA ALA C 310 9.70 -38.49 4.46
C ALA C 310 10.45 -39.75 3.96
N TYR C 311 9.96 -40.38 2.89
CA TYR C 311 10.65 -41.56 2.36
C TYR C 311 12.02 -41.14 1.84
N PRO C 312 13.07 -41.87 2.17
CA PRO C 312 14.43 -41.40 1.78
C PRO C 312 14.64 -41.39 0.28
N SER C 313 15.23 -40.32 -0.25
CA SER C 313 15.76 -40.35 -1.64
C SER C 313 17.05 -41.17 -1.75
N ARG C 314 17.99 -40.91 -0.85
CA ARG C 314 19.27 -41.68 -0.77
C ARG C 314 19.69 -41.78 0.70
N GLN C 315 20.47 -42.83 1.04
CA GLN C 315 21.02 -43.04 2.39
C GLN C 315 22.56 -43.16 2.42
N ASP C 316 23.22 -42.86 1.30
CA ASP C 316 24.65 -43.02 1.12
C ASP C 316 25.41 -41.68 0.98
N LEU C 317 24.70 -40.54 1.03
CA LEU C 317 25.34 -39.25 1.24
C LEU C 317 24.85 -38.61 2.52
N ALA C 318 25.80 -38.09 3.30
CA ALA C 318 25.54 -37.38 4.57
C ALA C 318 24.48 -36.28 4.36
N ALA C 319 24.58 -35.53 3.27
CA ALA C 319 23.62 -34.43 3.03
C ALA C 319 22.15 -34.92 2.85
N TYR C 320 22.00 -36.04 2.14
CA TYR C 320 20.68 -36.67 1.96
C TYR C 320 20.13 -37.24 3.27
N ARG C 321 20.97 -37.87 4.07
CA ARG C 321 20.50 -38.36 5.39
C ARG C 321 20.07 -37.18 6.28
N ALA C 322 20.85 -36.09 6.25
CA ALA C 322 20.53 -34.87 7.01
C ALA C 322 19.19 -34.24 6.55
N TYR C 323 18.93 -34.24 5.25
CA TYR C 323 17.70 -33.63 4.72
C TYR C 323 16.44 -34.37 5.17
N THR C 324 16.50 -35.70 5.10
CA THR C 324 15.43 -36.58 5.55
C THR C 324 15.13 -36.35 7.03
N ALA C 325 16.18 -36.32 7.85
CA ALA C 325 16.04 -36.05 9.30
C ALA C 325 15.44 -34.66 9.53
N SER C 326 15.82 -33.68 8.71
CA SER C 326 15.27 -32.32 8.86
C SER C 326 13.80 -32.27 8.51
N VAL C 327 13.42 -33.02 7.47
CA VAL C 327 12.01 -33.05 7.04
C VAL C 327 11.17 -33.68 8.18
N THR C 328 11.63 -34.80 8.70
CA THR C 328 11.00 -35.49 9.86
C THR C 328 10.86 -34.57 11.08
N GLU C 329 11.96 -33.93 11.44
CA GLU C 329 11.99 -33.01 12.60
C GLU C 329 11.06 -31.82 12.45
N LEU C 330 11.07 -31.19 11.26
CA LEU C 330 10.25 -30.03 11.02
C LEU C 330 8.73 -30.37 11.04
N ALA C 331 8.34 -31.47 10.41
CA ALA C 331 6.97 -31.95 10.45
C ALA C 331 6.48 -32.16 11.90
N ALA C 332 7.37 -32.66 12.75
CA ALA C 332 7.08 -32.89 14.17
C ALA C 332 6.91 -31.59 14.94
N GLU C 333 7.76 -30.60 14.63
CA GLU C 333 7.63 -29.27 15.24
C GLU C 333 6.28 -28.63 14.92
N ILE C 334 5.86 -28.74 13.65
CA ILE C 334 4.60 -28.18 13.22
C ILE C 334 3.41 -28.91 13.91
N ASN C 335 3.45 -30.24 14.00
CA ASN C 335 2.47 -31.02 14.78
C ASN C 335 2.39 -30.68 16.28
N ALA C 336 3.54 -30.54 16.93
CA ALA C 336 3.59 -30.06 18.32
C ALA C 336 3.06 -28.64 18.46
N GLU C 337 3.38 -27.77 17.52
CA GLU C 337 2.98 -26.35 17.59
C GLU C 337 1.47 -26.12 17.46
N PHE C 338 0.81 -26.82 16.52
CA PHE C 338 -0.62 -26.55 16.20
C PHE C 338 -1.57 -27.68 16.45
N GLY C 339 -1.06 -28.90 16.67
CA GLY C 339 -1.89 -30.08 16.75
C GLY C 339 -2.69 -30.18 18.05
N THR C 340 -3.86 -30.79 17.93
CA THR C 340 -4.78 -31.03 19.04
C THR C 340 -5.09 -32.53 19.07
N ALA C 341 -5.85 -33.01 20.04
CA ALA C 341 -6.15 -34.47 20.14
C ALA C 341 -6.78 -35.02 18.86
N ASP C 342 -7.64 -34.22 18.23
CA ASP C 342 -8.37 -34.63 17.03
C ASP C 342 -7.73 -34.20 15.69
N TRP C 343 -6.67 -33.37 15.70
CA TRP C 343 -6.07 -32.85 14.47
C TRP C 343 -4.55 -32.93 14.52
N GLN C 344 -3.97 -33.50 13.47
CA GLN C 344 -2.51 -33.53 13.28
C GLN C 344 -2.30 -32.80 11.96
N PRO C 345 -1.76 -31.55 12.00
CA PRO C 345 -1.59 -30.74 10.76
C PRO C 345 -0.77 -31.33 9.63
N VAL C 346 0.23 -32.15 9.92
CA VAL C 346 1.03 -32.77 8.85
C VAL C 346 0.96 -34.27 8.94
N LEU C 347 0.42 -34.89 7.90
CA LEU C 347 0.35 -36.33 7.79
C LEU C 347 1.57 -36.79 7.01
N VAL C 348 2.53 -37.38 7.72
CA VAL C 348 3.80 -37.81 7.13
C VAL C 348 3.70 -39.25 6.72
N SER C 349 3.97 -39.52 5.45
CA SER C 349 4.13 -40.88 4.94
C SER C 349 5.61 -41.27 4.92
N VAL C 350 5.89 -42.51 5.36
CA VAL C 350 7.25 -43.03 5.35
C VAL C 350 7.34 -44.32 4.52
N GLU C 351 6.38 -44.53 3.63
CA GLU C 351 6.37 -45.66 2.69
C GLU C 351 6.18 -45.19 1.27
N ASP C 352 6.48 -46.06 0.33
CA ASP C 352 6.49 -45.74 -1.09
C ASP C 352 5.52 -46.68 -1.76
N ASP C 353 4.25 -46.32 -1.70
CA ASP C 353 3.18 -47.14 -2.24
C ASP C 353 2.41 -46.30 -3.25
N PHE C 354 2.48 -46.69 -4.52
CA PHE C 354 1.86 -45.92 -5.59
C PHE C 354 0.35 -45.97 -5.50
N THR C 355 -0.19 -47.08 -4.97
CA THR C 355 -1.62 -47.11 -4.68
C THR C 355 -2.05 -45.94 -3.78
N ARG C 356 -1.31 -45.69 -2.71
CA ARG C 356 -1.63 -44.53 -1.83
C ARG C 356 -1.46 -43.20 -2.53
N SER C 357 -0.42 -43.06 -3.36
CA SER C 357 -0.17 -41.81 -4.05
C SER C 357 -1.27 -41.43 -5.03
N LEU C 358 -1.76 -42.41 -5.78
CA LEU C 358 -2.88 -42.17 -6.69
C LEU C 358 -4.15 -41.79 -5.93
N ALA C 359 -4.37 -42.40 -4.77
CA ALA C 359 -5.48 -42.01 -3.92
C ALA C 359 -5.32 -40.54 -3.49
N ALA C 360 -4.13 -40.17 -3.06
CA ALA C 360 -3.88 -38.79 -2.64
C ALA C 360 -4.01 -37.81 -3.80
N TYR C 361 -3.58 -38.22 -5.00
CA TYR C 361 -3.81 -37.40 -6.22
C TYR C 361 -5.31 -37.12 -6.42
N ARG C 362 -6.11 -38.17 -6.32
CA ARG C 362 -7.56 -38.04 -6.46
C ARG C 362 -8.23 -37.21 -5.37
N LEU C 363 -7.68 -37.22 -4.15
CA LEU C 363 -8.22 -36.47 -3.02
C LEU C 363 -7.80 -35.00 -2.97
N ALA C 364 -6.56 -34.72 -3.37
CA ALA C 364 -5.93 -33.39 -3.22
C ALA C 364 -6.81 -32.14 -3.57
N ASP C 365 -6.93 -31.23 -2.61
CA ASP C 365 -7.47 -29.90 -2.89
C ASP C 365 -6.41 -28.98 -3.48
N VAL C 366 -5.21 -29.09 -2.93
CA VAL C 366 -4.06 -28.31 -3.36
C VAL C 366 -2.92 -29.30 -3.62
N ALA C 367 -2.19 -29.07 -4.70
CA ALA C 367 -0.98 -29.85 -4.97
C ALA C 367 0.19 -28.87 -4.86
N LEU C 368 1.18 -29.27 -4.06
CA LEU C 368 2.33 -28.42 -3.80
C LEU C 368 3.57 -28.99 -4.47
N VAL C 369 3.91 -28.40 -5.62
CA VAL C 369 5.03 -28.82 -6.46
C VAL C 369 6.00 -27.64 -6.62
N ASN C 370 6.89 -27.49 -5.63
CA ASN C 370 7.72 -26.27 -5.51
C ASN C 370 9.25 -26.52 -5.56
N PRO C 371 9.74 -27.38 -6.48
CA PRO C 371 11.18 -27.65 -6.47
C PRO C 371 11.98 -26.41 -6.83
N VAL C 372 13.24 -26.38 -6.37
CA VAL C 372 14.13 -25.28 -6.70
C VAL C 372 14.43 -25.26 -8.22
N ARG C 373 14.60 -26.46 -8.79
CA ARG C 373 14.92 -26.66 -10.24
C ARG C 373 14.61 -28.13 -10.51
N ASP C 374 13.93 -28.40 -11.61
CA ASP C 374 13.78 -29.80 -12.11
C ASP C 374 13.48 -29.91 -13.61
N GLY C 375 13.79 -31.08 -14.16
CA GLY C 375 13.75 -31.31 -15.60
C GLY C 375 12.31 -31.35 -16.11
N MET C 376 11.59 -32.40 -15.67
CA MET C 376 10.13 -32.48 -15.75
C MET C 376 9.59 -33.36 -14.59
N ASN C 377 8.99 -32.78 -13.54
CA ASN C 377 8.26 -33.64 -12.56
C ASN C 377 6.84 -33.81 -13.09
N LEU C 378 6.51 -35.06 -13.36
CA LEU C 378 5.23 -35.40 -13.92
C LEU C 378 4.07 -35.26 -12.91
N VAL C 379 4.37 -35.13 -11.60
CA VAL C 379 3.33 -35.01 -10.58
C VAL C 379 2.44 -33.82 -10.83
N ALA C 380 3.02 -32.72 -11.31
CA ALA C 380 2.26 -31.51 -11.65
C ALA C 380 1.24 -31.76 -12.75
N LYS C 381 1.56 -32.69 -13.64
CA LYS C 381 0.66 -33.14 -14.72
C LYS C 381 -0.31 -34.28 -14.35
N GLU C 382 0.10 -35.17 -13.44
CA GLU C 382 -0.70 -36.35 -13.10
C GLU C 382 -1.92 -36.02 -12.22
N ILE C 383 -1.73 -35.12 -11.26
CA ILE C 383 -2.79 -34.76 -10.31
C ILE C 383 -4.04 -34.18 -11.00
N PRO C 384 -3.89 -33.12 -11.82
CA PRO C 384 -5.05 -32.59 -12.57
C PRO C 384 -5.70 -33.61 -13.51
N VAL C 385 -4.92 -34.51 -14.09
CA VAL C 385 -5.47 -35.62 -14.90
C VAL C 385 -6.45 -36.53 -14.12
N VAL C 386 -6.10 -36.91 -12.88
CA VAL C 386 -6.92 -37.86 -12.11
C VAL C 386 -7.78 -37.25 -11.00
N SER C 387 -7.69 -35.93 -10.80
CA SER C 387 -8.44 -35.24 -9.75
C SER C 387 -9.93 -35.58 -9.88
N ASP C 388 -10.51 -36.09 -8.79
CA ASP C 388 -11.96 -36.38 -8.74
C ASP C 388 -12.77 -35.07 -8.82
N ALA C 389 -12.46 -34.09 -7.96
CA ALA C 389 -13.29 -32.87 -7.82
C ALA C 389 -12.61 -31.53 -8.10
N GLY C 390 -11.38 -31.55 -8.63
CA GLY C 390 -10.62 -30.33 -8.93
C GLY C 390 -9.51 -30.15 -7.92
N CYS C 391 -8.37 -29.65 -8.40
CA CYS C 391 -7.18 -29.43 -7.57
C CYS C 391 -6.48 -28.15 -7.99
N ALA C 392 -6.17 -27.30 -7.03
CA ALA C 392 -5.41 -26.08 -7.29
C ALA C 392 -3.91 -26.41 -7.23
N LEU C 393 -3.20 -26.10 -8.32
CA LEU C 393 -1.77 -26.39 -8.46
C LEU C 393 -0.90 -25.21 -8.08
N VAL C 394 -0.16 -25.33 -6.97
CA VAL C 394 0.88 -24.37 -6.60
C VAL C 394 2.25 -24.87 -7.15
N LEU C 395 2.82 -24.11 -8.09
CA LEU C 395 3.94 -24.54 -8.93
C LEU C 395 5.11 -23.56 -8.91
N SER C 396 6.33 -24.05 -8.67
CA SER C 396 7.47 -23.12 -8.72
C SER C 396 7.92 -22.83 -10.14
N THR C 397 8.45 -21.62 -10.31
CA THR C 397 9.09 -21.17 -11.59
C THR C 397 10.24 -22.08 -12.06
N GLY C 398 10.86 -22.81 -11.14
CA GLY C 398 11.89 -23.78 -11.49
C GLY C 398 11.42 -25.19 -11.85
N ALA C 399 10.13 -25.45 -11.66
CA ALA C 399 9.57 -26.74 -12.06
C ALA C 399 9.60 -26.86 -13.58
N GLY C 400 10.07 -28.02 -14.07
CA GLY C 400 10.04 -28.32 -15.49
C GLY C 400 8.73 -28.08 -16.21
N ALA C 401 7.61 -28.36 -15.53
CA ALA C 401 6.27 -28.16 -16.07
C ALA C 401 5.77 -26.70 -16.11
N TYR C 402 6.52 -25.79 -15.51
CA TYR C 402 6.10 -24.39 -15.38
C TYR C 402 5.70 -23.68 -16.71
N GLU C 403 6.55 -23.74 -17.73
CA GLU C 403 6.26 -23.00 -18.99
C GLU C 403 4.95 -23.49 -19.62
N GLU C 404 4.68 -24.79 -19.56
CA GLU C 404 3.41 -25.36 -20.07
C GLU C 404 2.15 -25.12 -19.20
N LEU C 405 2.32 -25.03 -17.89
CA LEU C 405 1.19 -25.00 -16.93
C LEU C 405 0.95 -23.67 -16.22
N LYS C 406 1.86 -22.72 -16.40
CA LYS C 406 1.82 -21.46 -15.63
C LYS C 406 0.53 -20.65 -15.75
N GLU C 407 -0.16 -20.71 -16.89
CA GLU C 407 -1.39 -19.92 -17.06
C GLU C 407 -2.51 -20.35 -16.11
N ASP C 408 -2.54 -21.61 -15.71
CA ASP C 408 -3.58 -22.10 -14.79
C ASP C 408 -3.09 -22.56 -13.43
N ALA C 409 -1.79 -22.50 -13.20
CA ALA C 409 -1.22 -22.76 -11.89
C ALA C 409 -1.04 -21.45 -11.15
N LEU C 410 -0.98 -21.52 -9.83
CA LEU C 410 -0.54 -20.41 -9.00
C LEU C 410 1.01 -20.43 -8.93
N THR C 411 1.63 -19.40 -9.49
CA THR C 411 3.09 -19.29 -9.59
C THR C 411 3.69 -19.02 -8.21
N VAL C 412 4.72 -19.77 -7.82
CA VAL C 412 5.60 -19.34 -6.72
C VAL C 412 7.07 -19.34 -7.13
N HIS C 413 7.82 -18.42 -6.51
CA HIS C 413 9.28 -18.41 -6.56
C HIS C 413 9.80 -19.32 -5.42
N PRO C 414 10.76 -20.24 -5.72
CA PRO C 414 10.99 -21.34 -4.75
C PRO C 414 11.57 -20.95 -3.38
N TYR C 415 12.27 -19.82 -3.32
CA TYR C 415 12.88 -19.36 -2.06
C TYR C 415 11.92 -18.50 -1.23
N ASP C 416 10.79 -18.11 -1.81
CA ASP C 416 9.89 -17.15 -1.19
C ASP C 416 8.76 -17.90 -0.47
N VAL C 417 9.02 -18.14 0.81
CA VAL C 417 8.15 -18.90 1.70
C VAL C 417 6.87 -18.13 1.98
N SER C 418 6.95 -16.80 2.13
CA SER C 418 5.73 -15.97 2.24
C SER C 418 4.86 -16.00 0.99
N GLU C 419 5.47 -15.85 -0.20
CA GLU C 419 4.72 -16.01 -1.45
C GLU C 419 4.11 -17.42 -1.56
N THR C 420 4.85 -18.46 -1.18
CA THR C 420 4.34 -19.85 -1.20
C THR C 420 3.18 -20.03 -0.20
N ALA C 421 3.35 -19.55 1.04
CA ALA C 421 2.23 -19.49 2.02
C ALA C 421 0.96 -18.74 1.54
N GLU C 422 1.16 -17.62 0.86
CA GLU C 422 0.03 -16.87 0.30
C GLU C 422 -0.61 -17.62 -0.85
N ALA C 423 0.19 -18.27 -1.69
CA ALA C 423 -0.42 -19.11 -2.75
C ALA C 423 -1.24 -20.30 -2.19
N LEU C 424 -0.75 -20.90 -1.09
CA LEU C 424 -1.51 -21.93 -0.39
C LEU C 424 -2.85 -21.44 0.11
N HIS C 425 -2.91 -20.20 0.59
CA HIS C 425 -4.21 -19.60 1.01
C HIS C 425 -5.18 -19.38 -0.19
N THR C 426 -4.62 -18.82 -1.28
CA THR C 426 -5.36 -18.55 -2.51
C THR C 426 -5.86 -19.85 -3.12
N ALA C 427 -5.01 -20.88 -3.06
CA ALA C 427 -5.39 -22.21 -3.52
C ALA C 427 -6.55 -22.79 -2.69
N LEU C 428 -6.42 -22.74 -1.37
CA LEU C 428 -7.45 -23.30 -0.47
C LEU C 428 -8.79 -22.54 -0.54
N THR C 429 -8.75 -21.24 -0.79
CA THR C 429 -9.96 -20.42 -0.91
C THR C 429 -10.53 -20.34 -2.34
N MET C 430 -9.88 -20.98 -3.32
CA MET C 430 -10.33 -20.88 -4.71
C MET C 430 -11.78 -21.37 -4.85
N PRO C 431 -12.65 -20.59 -5.50
CA PRO C 431 -14.02 -21.10 -5.66
C PRO C 431 -14.02 -22.32 -6.59
N PRO C 432 -14.79 -23.40 -6.23
CA PRO C 432 -14.81 -24.67 -6.98
C PRO C 432 -14.92 -24.58 -8.51
N PRO C 433 -15.81 -23.73 -9.07
CA PRO C 433 -15.92 -23.71 -10.55
C PRO C 433 -14.68 -23.11 -11.25
N GLU C 434 -14.06 -22.09 -10.67
CA GLU C 434 -12.77 -21.60 -11.14
C GLU C 434 -11.71 -22.70 -11.05
N ARG C 435 -11.70 -23.42 -9.93
CA ARG C 435 -10.77 -24.55 -9.74
C ARG C 435 -10.99 -25.66 -10.80
N ALA C 436 -12.25 -25.94 -11.11
CA ALA C 436 -12.65 -26.94 -12.13
C ALA C 436 -12.16 -26.57 -13.53
N ASP C 437 -12.46 -25.35 -13.96
CA ASP C 437 -11.98 -24.83 -15.25
C ASP C 437 -10.45 -24.88 -15.36
N ARG C 438 -9.76 -24.45 -14.30
CA ARG C 438 -8.31 -24.47 -14.29
C ARG C 438 -7.78 -25.91 -14.42
N THR C 439 -8.38 -26.83 -13.66
CA THR C 439 -8.01 -28.25 -13.68
C THR C 439 -8.16 -28.90 -15.04
N LYS C 440 -9.29 -28.66 -15.69
CA LYS C 440 -9.51 -29.13 -17.06
C LYS C 440 -8.44 -28.57 -18.02
N ARG C 441 -8.08 -27.30 -17.90
CA ARG C 441 -7.06 -26.72 -18.77
C ARG C 441 -5.68 -27.33 -18.47
N LEU C 442 -5.38 -27.50 -17.19
CA LEU C 442 -4.16 -28.19 -16.78
C LEU C 442 -4.11 -29.64 -17.33
N ALA C 443 -5.18 -30.40 -17.15
CA ALA C 443 -5.30 -31.77 -17.68
C ALA C 443 -5.06 -31.82 -19.19
N SER C 444 -5.60 -30.84 -19.89
CA SER C 444 -5.41 -30.74 -21.33
C SER C 444 -3.90 -30.54 -21.66
N ALA C 445 -3.28 -29.57 -20.99
CA ALA C 445 -1.85 -29.26 -21.20
C ALA C 445 -0.97 -30.43 -20.85
N ALA C 446 -1.34 -31.14 -19.78
CA ALA C 446 -0.63 -32.32 -19.27
C ALA C 446 -0.55 -33.49 -20.28
N THR C 447 -1.54 -33.60 -21.15
CA THR C 447 -1.67 -34.72 -22.05
C THR C 447 -1.40 -34.39 -23.51
N ALA C 448 -0.97 -33.17 -23.83
CA ALA C 448 -0.74 -32.81 -25.24
C ALA C 448 0.38 -33.61 -25.91
N LEU C 449 1.32 -34.13 -25.10
CA LEU C 449 2.45 -34.91 -25.58
C LEU C 449 2.73 -36.12 -24.64
N PRO C 450 1.92 -37.18 -24.76
CA PRO C 450 2.13 -38.40 -23.98
C PRO C 450 3.42 -39.15 -24.36
N PRO C 451 3.88 -40.11 -23.52
CA PRO C 451 5.21 -40.71 -23.73
C PRO C 451 5.51 -41.33 -25.10
N GLN C 452 4.54 -42.00 -25.72
CA GLN C 452 4.84 -42.69 -26.96
C GLN C 452 5.07 -41.70 -28.10
N ARG C 453 4.25 -40.67 -28.16
CA ARG C 453 4.44 -39.63 -29.17
C ARG C 453 5.68 -38.81 -28.89
N TRP C 454 5.93 -38.53 -27.61
CA TRP C 454 7.16 -37.83 -27.19
C TRP C 454 8.40 -38.50 -27.80
N PHE C 455 8.47 -39.81 -27.69
CA PHE C 455 9.60 -40.57 -28.18
C PHE C 455 9.61 -40.72 -29.71
N LEU C 456 8.45 -40.97 -30.33
CA LEU C 456 8.34 -41.02 -31.80
C LEU C 456 8.72 -39.71 -32.49
N ASN C 457 8.48 -38.57 -31.84
CA ASN C 457 8.89 -37.27 -32.38
C ASN C 457 10.40 -37.12 -32.42
N GLN C 458 11.07 -37.69 -31.40
CA GLN C 458 12.52 -37.72 -31.37
C GLN C 458 13.10 -38.57 -32.49
N LEU C 459 12.48 -39.71 -32.75
CA LEU C 459 12.93 -40.58 -33.84
C LEU C 459 12.77 -39.87 -35.21
N GLU C 460 11.58 -39.29 -35.45
CA GLU C 460 11.30 -38.42 -36.62
C GLU C 460 12.27 -37.24 -36.73
N GLY C 461 12.65 -36.70 -35.58
CA GLY C 461 13.65 -35.63 -35.52
C GLY C 461 14.99 -35.98 -36.15
N LEU C 462 15.32 -37.27 -36.20
CA LEU C 462 16.56 -37.74 -36.80
C LEU C 462 16.46 -38.04 -38.31
N SER C 463 15.29 -37.86 -38.94
CA SER C 463 15.24 -37.65 -40.41
C SER C 463 16.11 -36.41 -40.73
N ASP C 464 16.85 -36.44 -41.84
CA ASP C 464 17.94 -35.47 -42.16
C ASP C 464 19.28 -35.91 -41.57
N GLY D 14 -68.94 5.65 6.08
CA GLY D 14 -67.62 5.89 6.72
C GLY D 14 -66.62 4.75 6.58
N ALA D 15 -65.38 5.09 6.31
CA ALA D 15 -64.32 4.12 6.04
C ALA D 15 -63.64 3.69 7.35
N SER D 16 -63.19 2.45 7.38
CA SER D 16 -62.39 1.89 8.47
C SER D 16 -60.88 1.82 8.11
N VAL D 17 -60.51 2.06 6.84
CA VAL D 17 -59.12 2.22 6.45
C VAL D 17 -59.01 3.49 5.59
N LEU D 18 -58.32 4.52 6.09
CA LEU D 18 -58.15 5.76 5.34
C LEU D 18 -56.67 5.99 5.00
N VAL D 19 -56.43 6.55 3.81
CA VAL D 19 -55.11 6.95 3.36
C VAL D 19 -55.20 8.46 3.01
N ALA D 20 -54.12 9.18 3.24
CA ALA D 20 -54.03 10.61 2.89
C ALA D 20 -52.66 10.93 2.31
N SER D 21 -52.66 11.61 1.17
CA SER D 21 -51.44 12.00 0.47
C SER D 21 -51.82 13.15 -0.42
N ASN D 22 -50.87 14.01 -0.79
CA ASN D 22 -51.20 15.09 -1.72
C ASN D 22 -51.68 14.57 -3.10
N ARG D 23 -50.96 13.60 -3.66
CA ARG D 23 -51.27 12.98 -4.96
C ARG D 23 -52.07 11.69 -4.78
N GLY D 24 -53.29 11.66 -5.34
CA GLY D 24 -54.18 10.47 -5.29
C GLY D 24 -54.00 9.59 -6.52
N PRO D 25 -54.84 8.54 -6.70
CA PRO D 25 -54.65 7.56 -7.79
C PRO D 25 -55.17 7.98 -9.17
N VAL D 26 -55.95 9.05 -9.23
CA VAL D 26 -56.56 9.46 -10.47
C VAL D 26 -56.30 10.94 -10.75
N SER D 27 -56.13 11.26 -12.02
CA SER D 27 -55.91 12.59 -12.48
C SER D 27 -56.95 12.82 -13.57
N TYR D 28 -57.68 13.93 -13.52
CA TYR D 28 -58.69 14.19 -14.53
C TYR D 28 -58.18 15.20 -15.55
N VAL D 29 -58.15 14.81 -16.84
CA VAL D 29 -57.67 15.68 -17.95
C VAL D 29 -58.72 15.90 -19.05
N ARG D 30 -58.49 16.93 -19.87
CA ARG D 30 -59.29 17.21 -21.07
C ARG D 30 -58.49 16.85 -22.31
N LEU D 36 -64.04 15.32 -19.71
CA LEU D 36 -63.01 14.87 -18.78
C LEU D 36 -62.75 13.36 -18.87
N ASP D 37 -61.47 12.98 -18.85
CA ASP D 37 -61.01 11.58 -18.84
C ASP D 37 -60.20 11.31 -17.58
N ALA D 38 -60.38 10.12 -16.99
CA ALA D 38 -59.65 9.73 -15.79
C ALA D 38 -58.38 9.00 -16.19
N ARG D 39 -57.21 9.51 -15.77
CA ARG D 39 -55.92 8.82 -15.97
C ARG D 39 -55.46 8.19 -14.65
N ARG D 40 -55.01 6.95 -14.72
CA ARG D 40 -54.55 6.19 -13.55
C ARG D 40 -53.11 5.72 -13.72
N GLY D 41 -52.19 6.34 -12.98
CA GLY D 41 -50.81 5.85 -12.85
C GLY D 41 -50.75 4.63 -11.95
N GLY D 42 -49.54 4.10 -11.74
CA GLY D 42 -49.33 2.90 -10.91
C GLY D 42 -49.55 3.23 -9.45
N GLY D 43 -48.62 2.84 -8.57
CA GLY D 43 -48.67 3.37 -7.20
C GLY D 43 -47.75 2.76 -6.16
N GLY D 44 -48.17 1.63 -5.64
CA GLY D 44 -47.65 1.11 -4.38
C GLY D 44 -48.65 1.36 -3.28
N LEU D 45 -49.24 2.56 -3.29
CA LEU D 45 -50.44 2.82 -2.50
C LEU D 45 -51.65 2.16 -3.17
N VAL D 46 -51.78 2.28 -4.49
CA VAL D 46 -52.83 1.53 -5.23
C VAL D 46 -52.66 0.03 -5.02
N SER D 47 -51.40 -0.40 -5.04
CA SER D 47 -51.03 -1.79 -4.85
C SER D 47 -51.46 -2.33 -3.45
N GLY D 48 -51.14 -1.58 -2.40
CA GLY D 48 -51.54 -1.94 -1.02
C GLY D 48 -53.05 -1.93 -0.82
N LEU D 49 -53.71 -0.87 -1.31
CA LEU D 49 -55.16 -0.72 -1.16
C LEU D 49 -55.96 -1.76 -1.90
N SER D 50 -55.38 -2.38 -2.93
CA SER D 50 -56.04 -3.47 -3.67
C SER D 50 -56.21 -4.78 -2.85
N ALA D 51 -55.41 -4.92 -1.78
CA ALA D 51 -55.58 -5.98 -0.76
C ALA D 51 -56.61 -5.67 0.35
N VAL D 52 -57.15 -4.46 0.38
CA VAL D 52 -58.20 -4.07 1.32
C VAL D 52 -59.54 -4.03 0.57
N SER D 53 -60.60 -4.48 1.22
CA SER D 53 -61.94 -4.32 0.63
C SER D 53 -62.19 -2.86 0.19
N SER D 54 -62.78 -2.70 -1.01
CA SER D 54 -63.12 -1.39 -1.56
C SER D 54 -64.34 -0.76 -0.89
N GLN D 55 -65.12 -1.56 -0.17
CA GLN D 55 -66.17 -1.03 0.71
C GLN D 55 -65.65 -0.44 2.03
N ASP D 56 -64.39 -0.72 2.39
CA ASP D 56 -63.84 -0.24 3.66
C ASP D 56 -62.88 0.97 3.54
N SER D 57 -62.40 1.31 2.34
CA SER D 57 -61.32 2.29 2.21
C SER D 57 -61.70 3.66 1.63
N LEU D 58 -60.97 4.67 2.06
CA LEU D 58 -61.06 6.03 1.50
C LEU D 58 -59.68 6.63 1.42
N TRP D 59 -59.32 7.15 0.25
CA TRP D 59 -58.05 7.84 0.02
C TRP D 59 -58.34 9.34 -0.20
N VAL D 60 -57.93 10.17 0.75
CA VAL D 60 -58.04 11.62 0.64
C VAL D 60 -56.77 12.20 -0.05
N CYS D 61 -57.00 13.01 -1.09
CA CYS D 61 -55.94 13.66 -1.84
C CYS D 61 -56.38 15.07 -2.24
N ALA D 62 -55.47 15.84 -2.87
CA ALA D 62 -55.75 17.18 -3.36
C ALA D 62 -55.97 17.20 -4.87
N ALA D 63 -56.80 18.14 -5.32
CA ALA D 63 -56.92 18.45 -6.75
C ALA D 63 -55.63 19.17 -7.17
N LEU D 64 -54.99 18.70 -8.25
CA LEU D 64 -53.68 19.16 -8.70
C LEU D 64 -53.71 20.02 -9.97
N GLY D 65 -54.86 20.18 -10.59
CA GLY D 65 -54.94 20.76 -11.91
C GLY D 65 -56.34 21.20 -12.19
N GLU D 66 -56.52 21.85 -13.33
CA GLU D 66 -57.81 22.42 -13.67
C GLU D 66 -58.85 21.31 -13.85
N GLY D 67 -58.44 20.19 -14.45
CA GLY D 67 -59.36 19.10 -14.68
C GLY D 67 -59.85 18.50 -13.38
N ASP D 68 -58.90 18.25 -12.46
CA ASP D 68 -59.22 17.78 -11.07
C ASP D 68 -60.23 18.70 -10.33
N ARG D 69 -59.97 20.00 -10.38
CA ARG D 69 -60.84 20.99 -9.76
C ARG D 69 -62.22 21.03 -10.42
N GLU D 70 -62.28 20.82 -11.74
CA GLU D 70 -63.58 20.67 -12.42
C GLU D 70 -64.32 19.42 -11.99
N ALA D 71 -63.62 18.29 -11.94
CA ALA D 71 -64.22 17.05 -11.48
C ALA D 71 -64.79 17.17 -10.04
N VAL D 72 -64.11 17.95 -9.19
CA VAL D 72 -64.63 18.22 -7.83
C VAL D 72 -65.92 19.04 -7.93
N ARG D 73 -65.89 20.13 -8.69
CA ARG D 73 -67.03 21.05 -8.77
C ARG D 73 -68.30 20.35 -9.28
N ARG D 74 -68.17 19.55 -10.33
CA ARG D 74 -69.28 18.75 -10.87
C ARG D 74 -69.70 17.59 -9.97
N GLY D 75 -68.87 17.23 -8.99
CA GLY D 75 -69.15 16.12 -8.10
C GLY D 75 -68.87 14.78 -8.75
N ILE D 76 -67.87 14.74 -9.64
CA ILE D 76 -67.45 13.50 -10.35
C ILE D 76 -66.30 12.90 -9.56
N GLY D 77 -66.34 11.60 -9.31
CA GLY D 77 -65.27 10.97 -8.53
C GLY D 77 -65.20 9.46 -8.53
N GLU D 78 -63.98 8.96 -8.32
CA GLU D 78 -63.69 7.53 -8.28
C GLU D 78 -64.34 6.95 -6.99
N PRO D 79 -64.67 5.63 -6.99
CA PRO D 79 -65.04 5.00 -5.71
C PRO D 79 -63.88 5.02 -4.70
N GLY D 80 -64.16 5.42 -3.45
CA GLY D 80 -63.15 5.42 -2.41
C GLY D 80 -62.05 6.45 -2.57
N VAL D 81 -62.29 7.50 -3.34
CA VAL D 81 -61.36 8.65 -3.37
C VAL D 81 -62.15 9.90 -2.99
N ARG D 82 -61.55 10.74 -2.15
CA ARG D 82 -62.12 12.05 -1.85
C ARG D 82 -61.03 13.07 -2.19
N MET D 83 -61.33 13.90 -3.18
CA MET D 83 -60.40 14.89 -3.71
C MET D 83 -60.77 16.28 -3.18
N LEU D 84 -59.84 16.92 -2.49
CA LEU D 84 -60.06 18.24 -1.87
C LEU D 84 -59.71 19.45 -2.79
N ASP D 85 -60.54 20.47 -2.82
CA ASP D 85 -60.22 21.68 -3.57
C ASP D 85 -59.58 22.68 -2.60
N ILE D 86 -58.26 22.75 -2.58
CA ILE D 86 -57.56 23.71 -1.71
C ILE D 86 -57.35 25.03 -2.44
N ALA D 87 -57.61 26.16 -1.76
CA ALA D 87 -57.50 27.49 -2.38
C ALA D 87 -56.09 27.67 -2.98
N PRO D 88 -55.98 28.13 -4.25
CA PRO D 88 -54.67 28.11 -4.93
C PRO D 88 -53.55 28.85 -4.21
N ASP D 89 -53.84 29.95 -3.50
CA ASP D 89 -52.79 30.66 -2.77
C ASP D 89 -52.27 29.87 -1.56
N VAL D 90 -53.19 29.23 -0.81
CA VAL D 90 -52.84 28.36 0.32
C VAL D 90 -52.03 27.17 -0.17
N TYR D 91 -52.57 26.45 -1.14
CA TYR D 91 -51.87 25.36 -1.79
C TYR D 91 -50.44 25.71 -2.23
N ALA D 92 -50.25 26.84 -2.92
CA ALA D 92 -48.89 27.23 -3.40
C ALA D 92 -47.89 27.48 -2.24
N ASP D 93 -48.31 28.23 -1.25
CA ASP D 93 -47.48 28.51 -0.12
C ASP D 93 -47.21 27.25 0.73
N ALA D 94 -48.18 26.37 0.85
CA ALA D 94 -48.04 25.19 1.69
C ALA D 94 -47.29 24.09 0.98
N TYR D 95 -47.68 23.79 -0.26
CA TYR D 95 -47.17 22.66 -0.99
C TYR D 95 -45.87 23.03 -1.68
N ASN D 96 -45.86 24.06 -2.53
CA ASN D 96 -44.61 24.42 -3.21
C ASN D 96 -43.63 25.06 -2.28
N GLY D 97 -44.12 25.88 -1.33
CA GLY D 97 -43.22 26.66 -0.44
C GLY D 97 -42.75 25.87 0.80
N ILE D 98 -43.60 25.73 1.80
CA ILE D 98 -43.14 25.09 3.05
C ILE D 98 -42.73 23.62 2.85
N ALA D 99 -43.62 22.82 2.29
CA ALA D 99 -43.30 21.41 2.08
C ALA D 99 -42.13 21.20 1.10
N ASN D 100 -42.31 21.56 -0.17
CA ASN D 100 -41.31 21.17 -1.18
C ASN D 100 -40.03 21.99 -1.23
N SER D 101 -39.97 23.11 -0.51
CA SER D 101 -38.74 23.95 -0.41
C SER D 101 -38.18 23.91 1.03
N VAL D 102 -38.92 24.42 2.03
CA VAL D 102 -38.42 24.51 3.38
C VAL D 102 -38.08 23.14 4.02
N LEU D 103 -39.06 22.24 4.11
CA LEU D 103 -38.89 20.90 4.68
C LEU D 103 -38.02 20.00 3.80
N TRP D 104 -38.22 20.06 2.46
CA TRP D 104 -37.34 19.37 1.53
C TRP D 104 -35.85 19.73 1.78
N PHE D 105 -35.54 21.02 1.81
CA PHE D 105 -34.14 21.46 2.00
C PHE D 105 -33.63 21.02 3.38
N LEU D 106 -34.51 21.14 4.39
CA LEU D 106 -34.12 20.80 5.76
C LEU D 106 -33.71 19.36 5.85
N HIS D 107 -34.57 18.47 5.38
CA HIS D 107 -34.35 17.05 5.54
C HIS D 107 -33.20 16.51 4.66
N HIS D 108 -33.01 17.13 3.49
CA HIS D 108 -31.86 16.79 2.63
C HIS D 108 -30.54 17.55 2.92
N HIS D 109 -30.51 18.41 3.95
CA HIS D 109 -29.31 19.19 4.33
C HIS D 109 -28.81 20.07 3.15
N LEU D 110 -29.73 20.67 2.39
CA LEU D 110 -29.37 21.37 1.14
C LEU D 110 -29.13 22.89 1.30
N TYR D 111 -29.32 23.49 2.48
CA TYR D 111 -29.24 24.97 2.56
C TYR D 111 -27.83 25.53 2.31
N ASP D 112 -27.73 26.63 1.56
CA ASP D 112 -26.45 27.37 1.42
C ASP D 112 -26.32 28.36 2.59
N ILE D 113 -25.70 27.90 3.66
CA ILE D 113 -25.76 28.53 5.00
C ILE D 113 -25.55 30.05 5.10
N PRO D 114 -24.59 30.62 4.37
CA PRO D 114 -24.44 32.08 4.43
C PRO D 114 -25.67 32.88 3.95
N ARG D 115 -26.55 32.27 3.14
CA ARG D 115 -27.74 32.93 2.59
C ARG D 115 -29.11 32.38 3.09
N GLU D 116 -29.23 31.05 3.20
CA GLU D 116 -30.51 30.42 3.60
C GLU D 116 -30.17 29.36 4.62
N PRO D 117 -31.13 28.97 5.47
CA PRO D 117 -32.51 29.45 5.49
C PRO D 117 -32.65 30.88 6.04
N VAL D 118 -33.78 31.53 5.68
CA VAL D 118 -34.23 32.84 6.20
C VAL D 118 -35.64 32.68 6.79
N PHE D 119 -35.76 32.81 8.10
CA PHE D 119 -37.07 32.72 8.76
C PHE D 119 -37.50 34.12 9.12
N ASP D 120 -38.32 34.67 8.24
CA ASP D 120 -38.79 36.06 8.30
C ASP D 120 -40.33 36.10 8.29
N ALA D 121 -40.91 37.31 8.14
CA ALA D 121 -42.39 37.47 8.16
C ALA D 121 -43.07 36.75 6.98
N ALA D 122 -42.44 36.76 5.80
CA ALA D 122 -42.99 36.02 4.66
C ALA D 122 -43.10 34.52 4.99
N PHE D 123 -42.05 33.96 5.59
CA PHE D 123 -42.07 32.54 6.00
C PHE D 123 -43.20 32.22 6.99
N ARG D 124 -43.39 33.13 7.95
CA ARG D 124 -44.49 33.03 8.95
C ARG D 124 -45.83 32.95 8.25
N HIS D 125 -46.07 33.83 7.29
CA HIS D 125 -47.29 33.75 6.47
C HIS D 125 -47.43 32.39 5.70
N ARG D 126 -46.35 31.90 5.09
CA ARG D 126 -46.44 30.61 4.42
C ARG D 126 -46.61 29.42 5.40
N TRP D 127 -46.01 29.52 6.58
CA TRP D 127 -46.25 28.53 7.62
C TRP D 127 -47.72 28.48 7.98
N GLU D 128 -48.38 29.63 8.10
CA GLU D 128 -49.84 29.66 8.38
C GLU D 128 -50.66 28.96 7.29
N ALA D 129 -50.26 29.15 6.03
CA ALA D 129 -50.86 28.38 4.93
C ALA D 129 -50.62 26.85 5.06
N TYR D 130 -49.42 26.43 5.45
CA TYR D 130 -49.10 25.04 5.74
C TYR D 130 -50.03 24.44 6.81
N ARG D 131 -50.31 25.17 7.88
CA ARG D 131 -51.24 24.70 8.91
C ARG D 131 -52.62 24.42 8.32
N ALA D 132 -53.08 25.37 7.50
CA ALA D 132 -54.42 25.31 6.92
C ALA D 132 -54.53 24.20 5.88
N TYR D 133 -53.45 23.96 5.13
CA TYR D 133 -53.39 22.86 4.14
C TYR D 133 -53.54 21.52 4.87
N ASN D 134 -52.72 21.32 5.90
CA ASN D 134 -52.82 20.16 6.76
C ASN D 134 -54.24 20.05 7.33
N ARG D 135 -54.76 21.13 7.91
CA ARG D 135 -56.12 21.11 8.53
C ARG D 135 -57.25 20.66 7.55
N ALA D 136 -57.16 21.04 6.27
CA ALA D 136 -58.13 20.57 5.27
C ALA D 136 -58.15 19.03 5.21
N PHE D 137 -56.96 18.44 5.17
CA PHE D 137 -56.84 17.00 5.20
C PHE D 137 -57.34 16.42 6.51
N ALA D 138 -57.00 17.06 7.63
CA ALA D 138 -57.38 16.51 8.95
C ALA D 138 -58.90 16.55 9.13
N GLU D 139 -59.53 17.61 8.61
CA GLU D 139 -60.98 17.76 8.70
C GLU D 139 -61.72 16.78 7.79
N ALA D 140 -61.22 16.53 6.58
CA ALA D 140 -61.83 15.55 5.70
C ALA D 140 -61.75 14.11 6.27
N LEU D 141 -60.62 13.78 6.92
CA LEU D 141 -60.41 12.44 7.48
C LEU D 141 -61.25 12.23 8.76
N ALA D 142 -61.37 13.30 9.55
CA ALA D 142 -62.21 13.30 10.74
C ALA D 142 -63.70 13.16 10.42
N ALA D 143 -64.14 13.74 9.29
CA ALA D 143 -65.52 13.57 8.84
C ALA D 143 -65.80 12.15 8.33
N ALA D 144 -64.83 11.54 7.67
CA ALA D 144 -65.09 10.28 6.98
C ALA D 144 -64.79 9.00 7.79
N ALA D 145 -63.95 9.10 8.82
CA ALA D 145 -63.45 7.93 9.56
C ALA D 145 -64.45 7.34 10.55
N ASP D 146 -64.70 6.04 10.40
CA ASP D 146 -65.33 5.21 11.41
C ASP D 146 -64.63 5.25 12.75
N GLU D 147 -65.39 4.94 13.81
CA GLU D 147 -64.87 4.89 15.17
C GLU D 147 -63.71 3.89 15.18
N GLY D 148 -62.59 4.28 15.78
CA GLY D 148 -61.37 3.45 15.78
C GLY D 148 -60.79 3.03 14.43
N ALA D 149 -61.04 3.81 13.38
CA ALA D 149 -60.49 3.49 12.06
C ALA D 149 -58.96 3.66 12.01
N ALA D 150 -58.36 2.96 11.04
CA ALA D 150 -56.92 3.05 10.79
C ALA D 150 -56.68 4.14 9.76
N VAL D 151 -55.78 5.08 10.06
CA VAL D 151 -55.46 6.22 9.18
C VAL D 151 -53.97 6.20 8.87
N LEU D 152 -53.62 6.10 7.58
CA LEU D 152 -52.22 6.10 7.16
C LEU D 152 -51.94 7.40 6.36
N VAL D 153 -51.32 8.36 7.03
CA VAL D 153 -51.03 9.67 6.44
C VAL D 153 -49.66 9.58 5.77
N GLN D 154 -49.53 10.09 4.56
CA GLN D 154 -48.30 9.94 3.78
C GLN D 154 -47.49 11.22 3.54
N ASP D 155 -46.29 11.25 4.10
CA ASP D 155 -45.16 12.11 3.70
C ASP D 155 -45.12 13.51 4.37
N TYR D 156 -44.00 14.21 4.16
CA TYR D 156 -43.71 15.51 4.81
C TYR D 156 -44.75 16.62 4.54
N HIS D 157 -45.48 16.53 3.43
CA HIS D 157 -46.49 17.54 3.09
C HIS D 157 -47.57 17.59 4.18
N LEU D 158 -47.88 16.44 4.77
CA LEU D 158 -48.94 16.26 5.75
C LEU D 158 -48.45 16.00 7.17
N ALA D 159 -47.27 16.50 7.51
CA ALA D 159 -46.67 16.20 8.82
C ALA D 159 -47.44 16.74 10.02
N LEU D 160 -48.35 17.70 9.81
CA LEU D 160 -49.14 18.20 10.94
C LEU D 160 -50.46 17.51 11.13
N VAL D 161 -50.88 16.71 10.14
CA VAL D 161 -52.18 16.01 10.20
C VAL D 161 -52.33 15.08 11.46
N PRO D 162 -51.28 14.32 11.84
CA PRO D 162 -51.50 13.36 12.92
C PRO D 162 -51.90 14.04 14.23
N GLY D 163 -51.17 15.08 14.62
CA GLY D 163 -51.53 15.94 15.76
C GLY D 163 -52.87 16.66 15.63
N GLN D 164 -53.17 17.20 14.46
CA GLN D 164 -54.46 17.88 14.28
C GLN D 164 -55.61 16.88 14.35
N LEU D 165 -55.42 15.72 13.75
CA LEU D 165 -56.48 14.74 13.70
C LEU D 165 -56.69 14.08 15.09
N ARG D 166 -55.60 13.88 15.84
CA ARG D 166 -55.63 13.40 17.24
C ARG D 166 -56.57 14.22 18.10
N GLU D 167 -56.41 15.54 18.05
CA GLU D 167 -57.29 16.46 18.75
C GLU D 167 -58.76 16.33 18.29
N LEU D 168 -59.01 16.33 16.98
CA LEU D 168 -60.39 16.19 16.45
C LEU D 168 -61.04 14.84 16.77
N ARG D 169 -60.23 13.78 16.73
CA ARG D 169 -60.72 12.40 16.80
C ARG D 169 -59.74 11.54 17.62
N PRO D 170 -59.83 11.61 18.97
CA PRO D 170 -58.88 10.84 19.80
C PRO D 170 -58.99 9.32 19.67
N ASP D 171 -60.13 8.85 19.18
CA ASP D 171 -60.37 7.43 18.96
C ASP D 171 -59.57 6.77 17.81
N LEU D 172 -58.99 7.55 16.89
CA LEU D 172 -58.39 6.98 15.65
C LEU D 172 -56.99 6.41 15.86
N ARG D 173 -56.68 5.39 15.07
CA ARG D 173 -55.39 4.73 15.11
C ARG D 173 -54.63 5.29 13.91
N ILE D 174 -53.57 6.05 14.18
CA ILE D 174 -52.95 6.91 13.16
C ILE D 174 -51.48 6.51 12.93
N GLY D 175 -51.13 6.31 11.65
CA GLY D 175 -49.76 6.16 11.20
C GLY D 175 -49.36 7.32 10.28
N HIS D 176 -48.07 7.64 10.29
CA HIS D 176 -47.53 8.60 9.36
C HIS D 176 -46.20 8.07 8.86
N PHE D 177 -46.03 8.05 7.55
CA PHE D 177 -44.81 7.59 6.94
C PHE D 177 -44.10 8.75 6.24
N THR D 178 -42.82 8.90 6.53
CA THR D 178 -41.96 9.87 5.87
C THR D 178 -41.08 9.19 4.80
N HIS D 179 -41.15 9.67 3.55
CA HIS D 179 -40.39 9.12 2.42
C HIS D 179 -39.02 9.72 2.20
N THR D 180 -38.74 10.84 2.87
CA THR D 180 -37.48 11.55 2.76
C THR D 180 -36.51 11.14 3.91
N PRO D 181 -35.27 11.64 3.87
CA PRO D 181 -34.52 11.52 5.09
C PRO D 181 -35.22 12.35 6.21
N TRP D 182 -34.70 12.25 7.44
CA TRP D 182 -35.06 13.19 8.47
C TRP D 182 -33.76 13.92 8.86
N ALA D 183 -33.86 15.22 9.04
CA ALA D 183 -32.72 16.09 9.37
C ALA D 183 -32.07 15.60 10.65
N SER D 184 -30.74 15.53 10.70
CA SER D 184 -30.05 15.28 11.95
CA SER D 184 -30.03 15.30 11.95
C SER D 184 -30.42 16.36 12.98
N PRO D 185 -30.38 16.03 14.29
CA PRO D 185 -30.80 16.96 15.38
C PRO D 185 -30.24 18.38 15.21
N GLU D 186 -28.96 18.46 14.88
CA GLU D 186 -28.29 19.75 14.81
C GLU D 186 -28.81 20.60 13.64
N TYR D 187 -29.03 19.95 12.51
CA TYR D 187 -29.59 20.62 11.34
C TYR D 187 -31.06 21.03 11.54
N PHE D 188 -31.82 20.16 12.22
CA PHE D 188 -33.23 20.41 12.57
C PHE D 188 -33.40 21.67 13.46
N ARG D 189 -32.43 21.89 14.33
CA ARG D 189 -32.44 23.05 15.21
C ARG D 189 -32.18 24.39 14.51
N MET D 190 -31.93 24.37 13.20
CA MET D 190 -31.99 25.61 12.43
C MET D 190 -33.39 26.22 12.39
N LEU D 191 -34.44 25.39 12.51
CA LEU D 191 -35.81 25.89 12.61
C LEU D 191 -35.96 26.75 13.85
N PRO D 192 -36.75 27.85 13.76
CA PRO D 192 -37.13 28.49 15.01
C PRO D 192 -37.71 27.43 15.97
N ALA D 193 -37.36 27.50 17.25
CA ALA D 193 -37.84 26.52 18.25
C ALA D 193 -39.36 26.28 18.20
N ASP D 194 -40.16 27.33 18.12
CA ASP D 194 -41.63 27.13 18.07
C ASP D 194 -42.10 26.35 16.83
N ILE D 195 -41.49 26.64 15.69
CA ILE D 195 -41.76 25.89 14.47
C ILE D 195 -41.32 24.43 14.61
N GLY D 196 -40.08 24.24 15.04
CA GLY D 196 -39.60 22.86 15.26
C GLY D 196 -40.52 22.05 16.19
N ASP D 197 -40.88 22.65 17.32
CA ASP D 197 -41.73 21.94 18.29
C ASP D 197 -43.13 21.68 17.69
N GLU D 198 -43.67 22.63 16.93
CA GLU D 198 -44.97 22.42 16.29
C GLU D 198 -44.94 21.27 15.28
N LEU D 199 -43.87 21.20 14.49
CA LEU D 199 -43.71 20.11 13.53
C LEU D 199 -43.57 18.75 14.26
N LEU D 200 -42.75 18.71 15.31
CA LEU D 200 -42.62 17.51 16.12
C LEU D 200 -44.00 17.13 16.78
N ARG D 201 -44.74 18.11 17.31
CA ARG D 201 -46.03 17.79 17.92
C ARG D 201 -47.01 17.25 16.87
N GLY D 202 -47.00 17.85 15.68
CA GLY D 202 -47.75 17.36 14.54
C GLY D 202 -47.54 15.90 14.24
N MET D 203 -46.27 15.49 14.15
CA MET D 203 -45.99 14.07 13.93
C MET D 203 -46.26 13.16 15.14
N LEU D 204 -46.00 13.66 16.33
CA LEU D 204 -46.25 12.86 17.55
C LEU D 204 -47.74 12.61 17.87
N GLY D 205 -48.69 13.19 17.12
CA GLY D 205 -50.08 12.74 17.18
C GLY D 205 -50.29 11.27 16.76
N ALA D 206 -49.39 10.72 15.94
CA ALA D 206 -49.49 9.33 15.42
C ALA D 206 -49.17 8.25 16.47
N ASP D 207 -49.82 7.09 16.38
CA ASP D 207 -49.45 5.91 17.16
C ASP D 207 -48.17 5.22 16.63
N GLU D 208 -47.93 5.37 15.32
CA GLU D 208 -46.74 4.87 14.66
C GLU D 208 -46.22 5.84 13.58
N LEU D 209 -44.91 6.08 13.63
CA LEU D 209 -44.20 6.83 12.60
C LEU D 209 -43.26 5.86 11.89
N GLY D 210 -43.26 5.93 10.57
CA GLY D 210 -42.45 5.06 9.73
C GLY D 210 -41.44 5.89 8.96
N PHE D 211 -40.24 5.32 8.84
CA PHE D 211 -39.20 5.79 7.94
C PHE D 211 -38.62 4.61 7.14
N HIS D 212 -37.88 4.92 6.06
CA HIS D 212 -37.29 3.89 5.19
C HIS D 212 -36.02 3.24 5.77
N THR D 213 -35.32 3.91 6.69
CA THR D 213 -34.08 3.39 7.25
C THR D 213 -34.03 3.68 8.73
N SER D 214 -33.18 2.94 9.46
CA SER D 214 -33.07 3.20 10.92
C SER D 214 -32.33 4.50 11.24
N ALA D 215 -31.45 4.95 10.33
CA ALA D 215 -30.78 6.24 10.46
C ALA D 215 -31.80 7.39 10.46
N TRP D 216 -32.77 7.35 9.55
CA TRP D 216 -33.85 8.35 9.51
C TRP D 216 -34.76 8.29 10.75
N ALA D 217 -35.13 7.09 11.20
CA ALA D 217 -35.89 6.93 12.41
C ALA D 217 -35.15 7.45 13.64
N SER D 218 -33.86 7.13 13.75
CA SER D 218 -33.05 7.54 14.89
C SER D 218 -32.90 9.05 14.98
N ALA D 219 -32.74 9.71 13.82
CA ALA D 219 -32.62 11.17 13.74
C ALA D 219 -33.91 11.80 14.24
N PHE D 220 -35.05 11.27 13.79
CA PHE D 220 -36.33 11.77 14.29
C PHE D 220 -36.42 11.58 15.81
N LEU D 221 -36.09 10.39 16.28
CA LEU D 221 -36.17 10.10 17.71
C LEU D 221 -35.29 11.07 18.49
N SER D 222 -34.08 11.33 18.00
CA SER D 222 -33.20 12.28 18.63
C SER D 222 -33.72 13.72 18.61
N CYS D 223 -34.34 14.17 17.52
CA CYS D 223 -34.94 15.49 17.51
C CYS D 223 -36.12 15.61 18.51
N ALA D 224 -36.96 14.58 18.59
CA ALA D 224 -38.13 14.61 19.45
C ALA D 224 -37.76 14.51 20.92
N GLY D 225 -36.72 13.75 21.27
CA GLY D 225 -36.28 13.59 22.65
C GLY D 225 -37.45 13.17 23.52
N GLY D 226 -37.47 13.65 24.76
CA GLY D 226 -38.68 13.58 25.59
C GLY D 226 -38.98 12.17 26.08
N GLU D 227 -40.25 11.92 26.40
CA GLU D 227 -40.68 10.66 27.00
C GLU D 227 -42.14 10.34 26.64
N GLN D 228 -42.47 10.41 25.34
CA GLN D 228 -43.81 10.16 24.83
CA GLN D 228 -43.85 10.15 24.88
C GLN D 228 -44.08 8.65 24.74
N PRO D 229 -44.89 8.08 25.66
CA PRO D 229 -45.05 6.62 25.58
C PRO D 229 -45.95 6.13 24.42
N ARG D 230 -46.70 7.03 23.78
CA ARG D 230 -47.70 6.64 22.77
C ARG D 230 -47.14 6.34 21.37
N THR D 231 -46.07 7.01 20.95
CA THR D 231 -45.58 6.87 19.56
C THR D 231 -44.44 5.86 19.44
N ARG D 232 -44.66 4.81 18.67
CA ARG D 232 -43.61 3.85 18.29
C ARG D 232 -43.04 4.30 16.94
N VAL D 233 -41.72 4.34 16.82
CA VAL D 233 -41.06 4.67 15.58
C VAL D 233 -40.57 3.36 14.95
N ARG D 234 -40.89 3.16 13.67
CA ARG D 234 -40.57 1.92 12.94
C ARG D 234 -39.90 2.15 11.58
N VAL D 235 -39.23 1.11 11.12
CA VAL D 235 -38.51 1.11 9.85
C VAL D 235 -39.20 0.14 8.88
N HIS D 236 -39.64 0.65 7.72
CA HIS D 236 -40.28 -0.15 6.67
C HIS D 236 -39.65 0.27 5.33
N PRO D 237 -38.58 -0.43 4.90
CA PRO D 237 -37.92 0.02 3.66
C PRO D 237 -38.62 -0.49 2.42
N LEU D 238 -39.22 0.42 1.66
CA LEU D 238 -39.92 0.06 0.44
C LEU D 238 -38.99 -0.66 -0.54
N GLY D 239 -39.45 -1.81 -1.04
CA GLY D 239 -38.81 -2.47 -2.14
C GLY D 239 -39.68 -2.55 -3.38
N VAL D 240 -39.44 -3.60 -4.17
CA VAL D 240 -39.97 -3.69 -5.55
C VAL D 240 -40.83 -4.96 -5.79
N ASP D 241 -41.90 -4.81 -6.57
CA ASP D 241 -42.69 -5.94 -7.12
C ASP D 241 -42.03 -6.37 -8.43
N ALA D 242 -41.27 -7.46 -8.38
CA ALA D 242 -40.42 -7.89 -9.49
C ALA D 242 -41.22 -8.26 -10.72
N GLU D 243 -42.34 -8.94 -10.51
CA GLU D 243 -43.15 -9.44 -11.63
C GLU D 243 -43.81 -8.27 -12.36
N GLU D 244 -44.31 -7.30 -11.60
CA GLU D 244 -44.89 -6.09 -12.18
C GLU D 244 -43.83 -5.31 -12.91
N LEU D 245 -42.66 -5.12 -12.29
CA LEU D 245 -41.55 -4.38 -12.92
C LEU D 245 -40.99 -5.09 -14.17
N ARG D 246 -40.75 -6.40 -14.07
CA ARG D 246 -40.31 -7.20 -15.25
C ARG D 246 -41.31 -7.16 -16.43
N ALA D 247 -42.62 -7.17 -16.15
CA ALA D 247 -43.61 -7.10 -17.23
C ALA D 247 -43.51 -5.72 -17.94
N LEU D 248 -43.40 -4.65 -17.16
CA LEU D 248 -43.22 -3.33 -17.76
C LEU D 248 -41.94 -3.28 -18.61
N ALA D 249 -40.85 -3.83 -18.09
CA ALA D 249 -39.56 -3.78 -18.75
C ALA D 249 -39.48 -4.58 -20.07
N HIS D 250 -40.31 -5.60 -20.21
CA HIS D 250 -40.25 -6.55 -21.36
C HIS D 250 -41.39 -6.39 -22.38
N ARG D 251 -42.12 -5.26 -22.30
CA ARG D 251 -43.00 -4.83 -23.39
C ARG D 251 -42.21 -4.58 -24.69
N PRO D 252 -42.82 -4.86 -25.87
CA PRO D 252 -42.19 -4.57 -27.18
C PRO D 252 -41.68 -3.12 -27.36
N GLN D 253 -42.37 -2.17 -26.71
CA GLN D 253 -41.99 -0.77 -26.76
C GLN D 253 -40.59 -0.59 -26.17
N VAL D 254 -40.31 -1.32 -25.08
CA VAL D 254 -39.00 -1.29 -24.43
C VAL D 254 -37.94 -2.07 -25.24
N ASP D 255 -38.33 -3.22 -25.79
CA ASP D 255 -37.42 -4.00 -26.63
C ASP D 255 -36.92 -3.13 -27.79
N GLU D 256 -37.86 -2.46 -28.47
CA GLU D 256 -37.49 -1.59 -29.60
C GLU D 256 -36.60 -0.40 -29.12
N ARG D 257 -36.99 0.27 -28.04
CA ARG D 257 -36.18 1.35 -27.53
C ARG D 257 -34.77 0.90 -27.07
N LEU D 258 -34.66 -0.30 -26.49
CA LEU D 258 -33.37 -0.91 -26.17
C LEU D 258 -32.49 -1.15 -27.43
N ALA D 259 -33.07 -1.67 -28.51
CA ALA D 259 -32.36 -1.84 -29.81
C ALA D 259 -31.78 -0.54 -30.33
N ARG D 260 -32.57 0.53 -30.30
CA ARG D 260 -32.09 1.86 -30.67
C ARG D 260 -31.01 2.35 -29.73
N LEU D 261 -31.15 2.08 -28.43
CA LEU D 261 -30.13 2.52 -27.48
C LEU D 261 -28.76 1.85 -27.65
N ARG D 262 -28.73 0.54 -27.89
CA ARG D 262 -27.46 -0.13 -28.21
C ARG D 262 -26.76 0.52 -29.41
N GLU D 263 -27.54 0.90 -30.43
CA GLU D 263 -27.02 1.60 -31.61
C GLU D 263 -26.49 3.00 -31.29
N GLU D 264 -27.19 3.76 -30.45
CA GLU D 264 -26.68 5.09 -30.05
C GLU D 264 -25.34 5.00 -29.38
N VAL D 265 -25.18 4.03 -28.48
CA VAL D 265 -23.97 3.79 -27.68
C VAL D 265 -22.86 3.07 -28.46
N GLY D 266 -23.24 2.24 -29.44
CA GLY D 266 -22.29 1.39 -30.17
C GLY D 266 -21.90 0.21 -29.30
N ASP D 267 -20.76 -0.38 -29.61
CA ASP D 267 -20.24 -1.55 -28.89
C ASP D 267 -19.43 -1.13 -27.65
N ARG D 268 -20.10 -0.50 -26.69
CA ARG D 268 -19.41 0.08 -25.53
C ARG D 268 -20.15 -0.21 -24.22
N LYS D 269 -19.40 -0.19 -23.11
CA LYS D 269 -20.01 -0.37 -21.79
C LYS D 269 -20.79 0.88 -21.40
N THR D 270 -21.76 0.76 -20.50
CA THR D 270 -22.56 1.92 -20.10
C THR D 270 -22.59 2.14 -18.57
N ILE D 271 -22.47 3.40 -18.16
CA ILE D 271 -22.68 3.84 -16.80
C ILE D 271 -23.99 4.63 -16.85
N VAL D 272 -25.03 4.10 -16.20
CA VAL D 272 -26.39 4.65 -16.32
C VAL D 272 -26.88 5.35 -15.04
N ARG D 273 -27.45 6.52 -15.21
CA ARG D 273 -28.38 7.14 -14.23
C ARG D 273 -29.48 7.86 -15.05
N VAL D 274 -30.66 8.00 -14.46
CA VAL D 274 -31.79 8.62 -15.11
C VAL D 274 -32.47 9.67 -14.23
N ASP D 275 -31.78 10.13 -13.19
CA ASP D 275 -32.39 11.04 -12.25
C ASP D 275 -32.51 12.45 -12.80
N ARG D 276 -33.60 13.12 -12.49
CA ARG D 276 -33.77 14.53 -12.81
C ARG D 276 -32.76 15.37 -12.03
N THR D 277 -32.58 16.61 -12.46
CA THR D 277 -31.56 17.50 -11.91
C THR D 277 -31.96 18.10 -10.56
N GLU D 278 -32.23 17.21 -9.61
CA GLU D 278 -32.58 17.58 -8.25
C GLU D 278 -31.28 17.73 -7.46
N LEU D 279 -31.23 18.77 -6.62
CA LEU D 279 -29.98 19.11 -5.89
C LEU D 279 -29.40 17.99 -5.02
N SER D 280 -30.26 17.18 -4.40
CA SER D 280 -29.78 16.01 -3.64
C SER D 280 -29.18 14.87 -4.48
N LYS D 281 -29.32 14.87 -5.81
CA LYS D 281 -28.98 13.65 -6.60
C LYS D 281 -27.48 13.44 -6.79
N ASN D 282 -26.70 14.51 -6.67
CA ASN D 282 -25.25 14.44 -6.74
C ASN D 282 -24.76 14.11 -8.18
N ILE D 283 -25.44 14.70 -9.18
CA ILE D 283 -25.11 14.44 -10.58
C ILE D 283 -23.79 15.10 -10.96
N LEU D 284 -23.55 16.33 -10.46
CA LEU D 284 -22.32 17.04 -10.78
C LEU D 284 -21.09 16.26 -10.34
N ARG D 285 -21.08 15.77 -9.10
CA ARG D 285 -19.94 15.01 -8.60
C ARG D 285 -19.82 13.68 -9.34
N GLY D 286 -20.95 13.11 -9.74
CA GLY D 286 -20.89 11.87 -10.51
C GLY D 286 -20.18 12.07 -11.84
N LEU D 287 -20.48 13.21 -12.50
CA LEU D 287 -19.79 13.59 -13.74
C LEU D 287 -18.33 13.91 -13.50
N LEU D 288 -18.02 14.59 -12.39
CA LEU D 288 -16.63 14.86 -12.02
C LEU D 288 -15.84 13.57 -11.80
N ALA D 289 -16.51 12.58 -11.20
CA ALA D 289 -15.93 11.24 -11.04
C ALA D 289 -15.62 10.55 -12.37
N TYR D 290 -16.57 10.64 -13.29
CA TYR D 290 -16.44 10.08 -14.65
C TYR D 290 -15.28 10.73 -15.39
N ARG D 291 -15.18 12.05 -15.32
CA ARG D 291 -14.04 12.78 -15.87
C ARG D 291 -12.72 12.22 -15.31
N GLU D 292 -12.63 12.08 -13.98
CA GLU D 292 -11.44 11.56 -13.30
C GLU D 292 -11.14 10.11 -13.71
N LEU D 293 -12.18 9.29 -13.85
CA LEU D 293 -12.02 7.94 -14.42
C LEU D 293 -11.29 7.99 -15.78
N LEU D 294 -11.79 8.81 -16.71
CA LEU D 294 -11.24 8.90 -18.07
C LEU D 294 -9.81 9.50 -18.11
N THR D 295 -9.44 10.28 -17.09
CA THR D 295 -8.10 10.84 -16.92
C THR D 295 -7.10 9.82 -16.33
N VAL D 296 -7.47 9.19 -15.22
CA VAL D 296 -6.61 8.26 -14.50
C VAL D 296 -6.57 6.88 -15.19
N HIS D 297 -7.67 6.48 -15.82
CA HIS D 297 -7.77 5.20 -16.53
C HIS D 297 -8.13 5.40 -18.01
N PRO D 298 -7.18 5.93 -18.81
CA PRO D 298 -7.50 6.25 -20.19
C PRO D 298 -7.78 5.01 -21.07
N GLU D 299 -7.48 3.81 -20.57
CA GLU D 299 -7.94 2.58 -21.21
C GLU D 299 -9.49 2.46 -21.40
N TRP D 300 -10.28 3.23 -20.66
CA TRP D 300 -11.75 3.26 -20.88
C TRP D 300 -12.20 4.22 -21.98
N ARG D 301 -11.32 5.07 -22.49
CA ARG D 301 -11.68 5.95 -23.61
C ARG D 301 -12.08 5.13 -24.83
N ASP D 302 -13.12 5.61 -25.51
CA ASP D 302 -13.82 4.92 -26.59
C ASP D 302 -14.47 3.57 -26.20
N ARG D 303 -14.44 3.19 -24.92
CA ARG D 303 -14.97 1.92 -24.45
C ARG D 303 -16.16 2.04 -23.48
N VAL D 304 -16.59 3.26 -23.12
CA VAL D 304 -17.67 3.42 -22.14
C VAL D 304 -18.44 4.71 -22.45
N VAL D 305 -19.74 4.72 -22.17
CA VAL D 305 -20.59 5.91 -22.33
C VAL D 305 -21.32 6.07 -21.04
N HIS D 306 -21.24 7.27 -20.45
CA HIS D 306 -22.02 7.60 -19.26
C HIS D 306 -23.38 8.18 -19.70
N LEU D 307 -24.46 7.46 -19.39
CA LEU D 307 -25.82 7.95 -19.67
C LEU D 307 -26.23 8.80 -18.49
N ALA D 308 -26.61 10.05 -18.74
CA ALA D 308 -27.17 10.88 -17.68
C ALA D 308 -28.27 11.81 -18.16
N SER D 309 -29.10 12.28 -17.22
CA SER D 309 -30.23 13.19 -17.50
C SER D 309 -29.92 14.64 -17.09
N ALA D 310 -30.29 15.56 -17.96
CA ALA D 310 -30.34 16.98 -17.68
C ALA D 310 -31.80 17.48 -17.68
N TYR D 311 -32.78 16.58 -17.54
CA TYR D 311 -34.20 16.95 -17.43
C TYR D 311 -34.39 17.73 -16.11
N PRO D 312 -35.05 18.89 -16.18
CA PRO D 312 -35.21 19.77 -14.99
C PRO D 312 -36.01 19.15 -13.86
N SER D 313 -35.55 19.30 -12.61
CA SER D 313 -36.35 18.90 -11.43
C SER D 313 -37.38 19.97 -11.10
N ARG D 314 -36.90 21.23 -11.02
CA ARG D 314 -37.75 22.41 -10.87
C ARG D 314 -37.23 23.54 -11.74
N GLN D 315 -38.14 24.43 -12.16
CA GLN D 315 -37.75 25.67 -12.83
C GLN D 315 -38.13 26.98 -12.07
N ASP D 316 -38.64 26.86 -10.83
CA ASP D 316 -39.19 27.98 -10.06
C ASP D 316 -38.29 28.47 -8.92
N LEU D 317 -37.11 27.84 -8.73
CA LEU D 317 -36.07 28.33 -7.84
C LEU D 317 -34.76 28.51 -8.61
N ALA D 318 -34.08 29.61 -8.31
CA ALA D 318 -32.84 29.94 -9.02
C ALA D 318 -31.72 28.86 -8.85
N ALA D 319 -31.62 28.26 -7.67
CA ALA D 319 -30.66 27.19 -7.43
C ALA D 319 -30.90 25.96 -8.33
N TYR D 320 -32.17 25.61 -8.54
CA TYR D 320 -32.53 24.49 -9.41
C TYR D 320 -32.19 24.80 -10.86
N ARG D 321 -32.49 26.01 -11.32
CA ARG D 321 -32.15 26.44 -12.69
C ARG D 321 -30.63 26.40 -12.86
N ALA D 322 -29.88 26.91 -11.86
CA ALA D 322 -28.42 26.92 -12.00
C ALA D 322 -27.83 25.49 -11.96
N TYR D 323 -28.46 24.56 -11.21
CA TYR D 323 -28.01 23.18 -11.14
C TYR D 323 -28.16 22.47 -12.49
N THR D 324 -29.33 22.59 -13.11
CA THR D 324 -29.55 22.09 -14.46
C THR D 324 -28.52 22.68 -15.47
N ALA D 325 -28.28 23.99 -15.43
CA ALA D 325 -27.35 24.62 -16.39
C ALA D 325 -25.91 24.08 -16.13
N SER D 326 -25.51 24.00 -14.86
CA SER D 326 -24.20 23.39 -14.49
C SER D 326 -24.08 21.95 -14.96
N VAL D 327 -25.16 21.17 -14.88
CA VAL D 327 -25.11 19.78 -15.39
C VAL D 327 -24.82 19.72 -16.92
N THR D 328 -25.62 20.43 -17.72
CA THR D 328 -25.42 20.60 -19.19
C THR D 328 -24.03 21.06 -19.56
N GLU D 329 -23.52 22.08 -18.85
CA GLU D 329 -22.20 22.64 -19.17
C GLU D 329 -21.07 21.68 -18.86
N LEU D 330 -21.17 20.98 -17.73
CA LEU D 330 -20.14 20.03 -17.34
C LEU D 330 -20.07 18.82 -18.30
N ALA D 331 -21.23 18.28 -18.62
CA ALA D 331 -21.32 17.22 -19.60
C ALA D 331 -20.69 17.67 -20.95
N ALA D 332 -21.00 18.90 -21.36
CA ALA D 332 -20.45 19.44 -22.61
C ALA D 332 -18.91 19.53 -22.54
N GLU D 333 -18.40 19.98 -21.39
CA GLU D 333 -16.95 20.10 -21.17
C GLU D 333 -16.26 18.75 -21.31
N ILE D 334 -16.85 17.73 -20.70
CA ILE D 334 -16.29 16.38 -20.75
C ILE D 334 -16.31 15.86 -22.18
N ASN D 335 -17.44 16.05 -22.86
CA ASN D 335 -17.54 15.70 -24.27
C ASN D 335 -16.54 16.47 -25.14
N ALA D 336 -16.34 17.76 -24.89
CA ALA D 336 -15.28 18.51 -25.59
C ALA D 336 -13.88 17.96 -25.31
N GLU D 337 -13.58 17.60 -24.06
CA GLU D 337 -12.22 17.21 -23.69
C GLU D 337 -11.81 15.85 -24.25
N PHE D 338 -12.75 14.90 -24.24
CA PHE D 338 -12.44 13.53 -24.61
C PHE D 338 -13.16 13.03 -25.86
N GLY D 339 -14.16 13.74 -26.36
CA GLY D 339 -14.95 13.26 -27.50
C GLY D 339 -14.17 13.23 -28.82
N THR D 340 -14.55 12.31 -29.72
CA THR D 340 -13.94 12.22 -31.06
C THR D 340 -15.06 12.22 -32.09
N ALA D 341 -14.70 12.13 -33.37
CA ALA D 341 -15.67 11.92 -34.44
C ALA D 341 -16.62 10.76 -34.14
N ASP D 342 -16.11 9.69 -33.54
CA ASP D 342 -16.87 8.45 -33.34
C ASP D 342 -17.49 8.25 -31.94
N TRP D 343 -17.12 9.07 -30.96
CA TRP D 343 -17.45 8.77 -29.58
C TRP D 343 -17.82 10.04 -28.81
N GLN D 344 -19.02 10.03 -28.23
CA GLN D 344 -19.44 11.08 -27.29
CA GLN D 344 -19.49 11.05 -27.30
C GLN D 344 -19.48 10.45 -25.87
N PRO D 345 -18.50 10.79 -25.02
CA PRO D 345 -18.40 10.18 -23.68
C PRO D 345 -19.65 10.23 -22.75
N VAL D 346 -20.41 11.32 -22.82
CA VAL D 346 -21.64 11.51 -22.04
C VAL D 346 -22.84 11.62 -22.97
N LEU D 347 -23.79 10.72 -22.81
CA LEU D 347 -25.00 10.72 -23.57
C LEU D 347 -26.05 11.41 -22.68
N VAL D 348 -26.32 12.68 -22.99
CA VAL D 348 -27.23 13.47 -22.20
C VAL D 348 -28.67 13.29 -22.70
N SER D 349 -29.56 12.87 -21.82
CA SER D 349 -30.98 12.84 -22.13
C SER D 349 -31.71 14.05 -21.52
N VAL D 350 -32.49 14.73 -22.37
CA VAL D 350 -33.31 15.85 -21.94
C VAL D 350 -34.78 15.60 -22.04
N GLU D 351 -35.19 14.34 -22.18
CA GLU D 351 -36.59 13.98 -22.20
C GLU D 351 -36.93 13.12 -20.98
N ASP D 352 -38.22 12.95 -20.73
CA ASP D 352 -38.67 12.14 -19.61
C ASP D 352 -39.58 11.03 -20.14
N ASP D 353 -38.99 9.87 -20.36
CA ASP D 353 -39.67 8.74 -21.01
C ASP D 353 -39.32 7.50 -20.24
N PHE D 354 -40.32 6.93 -19.59
CA PHE D 354 -40.10 5.74 -18.75
C PHE D 354 -39.65 4.52 -19.61
N THR D 355 -40.21 4.37 -20.81
CA THR D 355 -39.81 3.35 -21.78
C THR D 355 -38.28 3.36 -22.01
N ARG D 356 -37.69 4.55 -22.15
CA ARG D 356 -36.23 4.68 -22.34
C ARG D 356 -35.49 4.31 -21.09
N SER D 357 -35.99 4.77 -19.93
CA SER D 357 -35.34 4.46 -18.67
C SER D 357 -35.34 2.95 -18.41
N LEU D 358 -36.46 2.29 -18.65
CA LEU D 358 -36.50 0.83 -18.55
C LEU D 358 -35.46 0.11 -19.47
N ALA D 359 -35.33 0.63 -20.70
CA ALA D 359 -34.31 0.18 -21.65
C ALA D 359 -32.91 0.37 -21.10
N ALA D 360 -32.68 1.58 -20.61
CA ALA D 360 -31.40 1.91 -20.02
C ALA D 360 -31.09 0.98 -18.81
N TYR D 361 -32.11 0.67 -17.99
CA TYR D 361 -31.95 -0.27 -16.87
C TYR D 361 -31.52 -1.65 -17.30
N ARG D 362 -32.18 -2.15 -18.36
CA ARG D 362 -31.86 -3.48 -18.87
C ARG D 362 -30.43 -3.56 -19.43
N LEU D 363 -29.92 -2.46 -20.00
CA LEU D 363 -28.64 -2.45 -20.71
C LEU D 363 -27.44 -2.21 -19.83
N ALA D 364 -27.65 -1.50 -18.72
CA ALA D 364 -26.57 -0.92 -17.92
C ALA D 364 -25.53 -1.93 -17.47
N ASP D 365 -24.25 -1.61 -17.67
CA ASP D 365 -23.15 -2.36 -17.08
C ASP D 365 -22.90 -1.90 -15.63
N VAL D 366 -23.11 -0.60 -15.40
CA VAL D 366 -22.88 0.04 -14.13
C VAL D 366 -24.01 1.03 -13.88
N ALA D 367 -24.51 1.06 -12.64
CA ALA D 367 -25.53 2.01 -12.18
C ALA D 367 -24.85 2.92 -11.20
N LEU D 368 -25.01 4.22 -11.41
CA LEU D 368 -24.40 5.20 -10.56
C LEU D 368 -25.51 5.87 -9.76
N VAL D 369 -25.61 5.48 -8.49
CA VAL D 369 -26.62 5.97 -7.59
C VAL D 369 -25.92 6.60 -6.41
N ASN D 370 -25.49 7.84 -6.56
CA ASN D 370 -24.67 8.51 -5.52
C ASN D 370 -25.24 9.76 -4.81
N PRO D 371 -26.52 9.73 -4.39
CA PRO D 371 -27.12 10.90 -3.74
C PRO D 371 -26.40 11.28 -2.43
N VAL D 372 -26.43 12.57 -2.12
CA VAL D 372 -25.85 13.05 -0.90
C VAL D 372 -26.65 12.51 0.30
N ARG D 373 -27.98 12.49 0.18
CA ARG D 373 -28.93 12.00 1.19
C ARG D 373 -30.22 11.73 0.42
N ASP D 374 -30.88 10.64 0.76
CA ASP D 374 -32.00 10.11 0.05
C ASP D 374 -32.84 9.21 1.00
N GLY D 375 -34.15 9.32 0.89
CA GLY D 375 -35.09 8.49 1.69
C GLY D 375 -35.08 7.03 1.27
N MET D 376 -35.47 6.83 0.02
CA MET D 376 -35.37 5.58 -0.71
C MET D 376 -35.54 5.85 -2.21
N ASN D 377 -34.44 5.98 -2.95
CA ASN D 377 -34.50 5.93 -4.41
C ASN D 377 -34.52 4.44 -4.85
N LEU D 378 -35.67 4.00 -5.33
CA LEU D 378 -35.89 2.67 -5.80
C LEU D 378 -35.04 2.26 -7.01
N VAL D 379 -34.43 3.22 -7.72
CA VAL D 379 -33.58 2.93 -8.88
C VAL D 379 -32.50 1.89 -8.60
N ALA D 380 -31.90 1.99 -7.41
CA ALA D 380 -30.87 1.05 -6.94
C ALA D 380 -31.38 -0.38 -6.79
N LYS D 381 -32.69 -0.52 -6.56
CA LYS D 381 -33.37 -1.81 -6.47
C LYS D 381 -33.97 -2.29 -7.81
N GLU D 382 -34.46 -1.36 -8.61
CA GLU D 382 -35.08 -1.66 -9.90
C GLU D 382 -34.08 -2.15 -10.96
N ILE D 383 -32.89 -1.57 -11.02
CA ILE D 383 -31.92 -1.95 -12.05
C ILE D 383 -31.51 -3.43 -11.89
N PRO D 384 -31.14 -3.86 -10.66
CA PRO D 384 -30.71 -5.26 -10.54
C PRO D 384 -31.80 -6.26 -10.84
N VAL D 385 -33.05 -5.87 -10.58
CA VAL D 385 -34.21 -6.71 -10.82
C VAL D 385 -34.48 -7.00 -12.31
N VAL D 386 -34.27 -5.99 -13.17
CA VAL D 386 -34.55 -6.10 -14.61
C VAL D 386 -33.32 -6.23 -15.52
N SER D 387 -32.10 -6.12 -14.96
CA SER D 387 -30.87 -6.18 -15.75
C SER D 387 -30.85 -7.43 -16.65
N ASP D 388 -30.63 -7.28 -17.94
CA ASP D 388 -30.54 -8.46 -18.83
C ASP D 388 -29.35 -9.38 -18.47
N ALA D 389 -28.17 -8.80 -18.26
CA ALA D 389 -26.96 -9.60 -18.12
C ALA D 389 -26.16 -9.37 -16.87
N GLY D 390 -26.61 -8.48 -15.98
CA GLY D 390 -25.84 -8.15 -14.78
C GLY D 390 -25.47 -6.70 -14.82
N CYS D 391 -25.44 -6.08 -13.63
CA CYS D 391 -25.10 -4.67 -13.50
C CYS D 391 -24.42 -4.42 -12.17
N ALA D 392 -23.24 -3.81 -12.19
CA ALA D 392 -22.52 -3.45 -10.96
C ALA D 392 -23.13 -2.18 -10.43
N LEU D 393 -23.43 -2.16 -9.14
CA LEU D 393 -24.12 -1.02 -8.50
C LEU D 393 -23.13 -0.15 -7.70
N VAL D 394 -22.97 1.10 -8.10
CA VAL D 394 -22.13 2.05 -7.36
C VAL D 394 -23.09 2.92 -6.52
N LEU D 395 -22.96 2.82 -5.19
CA LEU D 395 -23.98 3.26 -4.26
C LEU D 395 -23.43 4.08 -3.11
N SER D 396 -23.93 5.30 -2.95
CA SER D 396 -23.42 6.14 -1.86
C SER D 396 -23.97 5.73 -0.49
N THR D 397 -23.18 6.03 0.54
CA THR D 397 -23.59 5.79 1.94
C THR D 397 -24.80 6.63 2.34
N GLY D 398 -25.04 7.74 1.63
CA GLY D 398 -26.25 8.54 1.86
C GLY D 398 -27.52 8.00 1.23
N ALA D 399 -27.43 7.04 0.32
CA ALA D 399 -28.63 6.46 -0.31
C ALA D 399 -29.49 5.66 0.66
N GLY D 400 -30.82 5.83 0.53
CA GLY D 400 -31.79 5.11 1.36
C GLY D 400 -31.64 3.61 1.29
N ALA D 401 -31.31 3.12 0.08
CA ALA D 401 -31.05 1.73 -0.18
C ALA D 401 -29.76 1.18 0.44
N TYR D 402 -28.92 2.03 1.02
CA TYR D 402 -27.55 1.60 1.37
C TYR D 402 -27.47 0.41 2.36
N GLU D 403 -28.16 0.49 3.48
CA GLU D 403 -28.06 -0.57 4.48
C GLU D 403 -28.46 -1.94 3.94
N GLU D 404 -29.48 -1.98 3.10
CA GLU D 404 -29.92 -3.25 2.50
C GLU D 404 -28.98 -3.78 1.42
N LEU D 405 -28.36 -2.91 0.62
CA LEU D 405 -27.64 -3.34 -0.58
C LEU D 405 -26.12 -3.33 -0.44
N LYS D 406 -25.61 -2.87 0.70
CA LYS D 406 -24.17 -2.60 0.83
C LYS D 406 -23.29 -3.84 0.71
N GLU D 407 -23.78 -5.00 1.14
CA GLU D 407 -22.95 -6.20 1.03
C GLU D 407 -22.60 -6.50 -0.44
N ASP D 408 -23.45 -6.14 -1.40
CA ASP D 408 -23.15 -6.44 -2.81
C ASP D 408 -22.96 -5.25 -3.76
N ALA D 409 -23.16 -4.03 -3.25
CA ALA D 409 -22.88 -2.81 -4.03
C ALA D 409 -21.44 -2.37 -3.74
N LEU D 410 -20.87 -1.58 -4.64
CA LEU D 410 -19.61 -0.90 -4.40
C LEU D 410 -19.91 0.46 -3.72
N THR D 411 -19.57 0.57 -2.43
CA THR D 411 -19.79 1.75 -1.58
C THR D 411 -18.95 3.01 -1.92
N VAL D 412 -19.57 4.17 -2.01
CA VAL D 412 -18.82 5.42 -2.15
C VAL D 412 -19.30 6.38 -1.08
N HIS D 413 -18.43 7.27 -0.64
CA HIS D 413 -18.83 8.40 0.17
C HIS D 413 -19.13 9.52 -0.84
N PRO D 414 -20.28 10.22 -0.71
CA PRO D 414 -20.78 11.01 -1.86
C PRO D 414 -19.92 12.23 -2.24
N TYR D 415 -19.14 12.75 -1.27
CA TYR D 415 -18.23 13.88 -1.53
C TYR D 415 -16.88 13.47 -2.11
N ASP D 416 -16.56 12.18 -1.99
CA ASP D 416 -15.27 11.65 -2.42
C ASP D 416 -15.33 11.27 -3.90
N VAL D 417 -15.04 12.26 -4.73
CA VAL D 417 -14.92 12.08 -6.20
C VAL D 417 -13.87 11.04 -6.61
N SER D 418 -12.72 11.02 -5.95
CA SER D 418 -11.67 10.00 -6.25
C SER D 418 -12.10 8.58 -5.92
N GLU D 419 -12.75 8.40 -4.79
CA GLU D 419 -13.26 7.10 -4.41
C GLU D 419 -14.34 6.69 -5.39
N THR D 420 -15.18 7.64 -5.78
CA THR D 420 -16.24 7.33 -6.73
C THR D 420 -15.66 6.88 -8.07
N ALA D 421 -14.70 7.65 -8.57
CA ALA D 421 -13.95 7.31 -9.80
C ALA D 421 -13.36 5.89 -9.78
N GLU D 422 -12.72 5.51 -8.69
CA GLU D 422 -12.19 4.14 -8.54
C GLU D 422 -13.27 3.09 -8.45
N ALA D 423 -14.40 3.42 -7.84
CA ALA D 423 -15.54 2.50 -7.82
C ALA D 423 -16.05 2.23 -9.25
N LEU D 424 -16.14 3.29 -10.03
CA LEU D 424 -16.51 3.14 -11.42
C LEU D 424 -15.53 2.24 -12.19
N HIS D 425 -14.23 2.38 -11.88
CA HIS D 425 -13.19 1.50 -12.44
C HIS D 425 -13.40 0.07 -12.03
N THR D 426 -13.56 -0.15 -10.74
CA THR D 426 -13.84 -1.47 -10.19
C THR D 426 -15.12 -2.07 -10.78
N ALA D 427 -16.13 -1.24 -10.98
CA ALA D 427 -17.41 -1.66 -11.56
C ALA D 427 -17.25 -2.12 -13.01
N LEU D 428 -16.56 -1.33 -13.84
CA LEU D 428 -16.36 -1.66 -15.26
C LEU D 428 -15.45 -2.87 -15.50
N THR D 429 -14.48 -3.11 -14.60
CA THR D 429 -13.54 -4.25 -14.74
C THR D 429 -14.10 -5.54 -14.13
N MET D 430 -15.22 -5.48 -13.43
CA MET D 430 -15.76 -6.65 -12.71
C MET D 430 -16.07 -7.84 -13.65
N PRO D 431 -15.52 -9.04 -13.37
CA PRO D 431 -15.76 -10.22 -14.23
C PRO D 431 -17.24 -10.61 -14.30
N PRO D 432 -17.76 -10.98 -15.49
CA PRO D 432 -19.19 -11.30 -15.59
C PRO D 432 -19.78 -12.22 -14.48
N PRO D 433 -19.08 -13.30 -14.07
CA PRO D 433 -19.72 -14.19 -13.07
C PRO D 433 -19.95 -13.57 -11.70
N GLU D 434 -18.96 -12.84 -11.20
CA GLU D 434 -19.13 -12.07 -9.96
C GLU D 434 -20.24 -11.01 -10.09
N ARG D 435 -20.28 -10.31 -11.22
CA ARG D 435 -21.34 -9.32 -11.49
C ARG D 435 -22.74 -9.93 -11.45
N ALA D 436 -22.89 -11.14 -11.99
CA ALA D 436 -24.19 -11.83 -12.04
C ALA D 436 -24.60 -12.34 -10.63
N ASP D 437 -23.64 -12.91 -9.90
CA ASP D 437 -23.84 -13.33 -8.53
C ASP D 437 -24.31 -12.17 -7.64
N ARG D 438 -23.57 -11.06 -7.63
CA ARG D 438 -23.97 -9.88 -6.86
C ARG D 438 -25.31 -9.33 -7.34
N THR D 439 -25.53 -9.30 -8.65
CA THR D 439 -26.82 -8.86 -9.19
C THR D 439 -28.00 -9.69 -8.65
N LYS D 440 -27.86 -11.00 -8.56
CA LYS D 440 -28.93 -11.85 -8.01
C LYS D 440 -29.23 -11.55 -6.53
N ARG D 441 -28.19 -11.37 -5.73
CA ARG D 441 -28.35 -11.05 -4.32
C ARG D 441 -28.95 -9.65 -4.11
N LEU D 442 -28.50 -8.67 -4.89
CA LEU D 442 -29.14 -7.36 -4.93
C LEU D 442 -30.62 -7.42 -5.28
N ALA D 443 -30.98 -8.19 -6.31
CA ALA D 443 -32.40 -8.35 -6.69
C ALA D 443 -33.24 -9.02 -5.60
N SER D 444 -32.69 -10.04 -4.94
CA SER D 444 -33.37 -10.65 -3.77
C SER D 444 -33.68 -9.61 -2.69
N ALA D 445 -32.70 -8.79 -2.33
CA ALA D 445 -32.87 -7.76 -1.29
C ALA D 445 -33.82 -6.64 -1.79
N ALA D 446 -33.78 -6.37 -3.10
CA ALA D 446 -34.66 -5.38 -3.70
C ALA D 446 -36.13 -5.77 -3.63
N THR D 447 -36.40 -7.07 -3.45
CA THR D 447 -37.76 -7.62 -3.49
C THR D 447 -38.24 -8.21 -2.13
N ALA D 448 -37.44 -8.10 -1.07
CA ALA D 448 -37.88 -8.57 0.29
C ALA D 448 -39.21 -7.94 0.73
N LEU D 449 -39.41 -6.66 0.42
CA LEU D 449 -40.63 -5.92 0.83
C LEU D 449 -41.31 -5.18 -0.35
N PRO D 450 -42.05 -5.93 -1.18
CA PRO D 450 -42.80 -5.24 -2.24
C PRO D 450 -43.81 -4.19 -1.70
N PRO D 451 -44.25 -3.24 -2.56
CA PRO D 451 -45.19 -2.19 -2.16
C PRO D 451 -46.44 -2.67 -1.39
N GLN D 452 -46.99 -3.82 -1.78
CA GLN D 452 -48.21 -4.35 -1.14
C GLN D 452 -47.99 -4.78 0.33
N ARG D 453 -46.92 -5.54 0.55
CA ARG D 453 -46.53 -5.98 1.88
C ARG D 453 -46.01 -4.82 2.75
N TRP D 454 -45.32 -3.88 2.12
CA TRP D 454 -44.90 -2.62 2.76
C TRP D 454 -46.07 -1.87 3.36
N PHE D 455 -47.14 -1.70 2.57
CA PHE D 455 -48.40 -1.09 3.03
C PHE D 455 -49.10 -1.91 4.12
N LEU D 456 -49.12 -3.22 3.96
CA LEU D 456 -49.81 -4.10 4.91
C LEU D 456 -49.14 -4.18 6.28
N ASN D 457 -47.81 -4.09 6.33
CA ASN D 457 -47.10 -4.04 7.62
C ASN D 457 -47.39 -2.77 8.42
N GLN D 458 -47.65 -1.67 7.72
CA GLN D 458 -48.01 -0.42 8.36
C GLN D 458 -49.43 -0.43 8.94
N LEU D 459 -50.38 -0.93 8.14
CA LEU D 459 -51.76 -1.11 8.61
C LEU D 459 -51.79 -2.06 9.81
N GLU D 460 -51.07 -3.18 9.72
CA GLU D 460 -50.93 -4.16 10.81
C GLU D 460 -50.23 -3.62 12.07
N GLY D 461 -49.33 -2.67 11.90
CA GLY D 461 -48.69 -1.99 13.03
C GLY D 461 -49.63 -1.09 13.84
N LEU D 462 -50.76 -0.70 13.27
CA LEU D 462 -51.78 0.04 14.02
C LEU D 462 -52.81 -0.86 14.73
N SER D 463 -52.78 -2.19 14.55
CA SER D 463 -53.76 -3.06 15.26
C SER D 463 -53.57 -3.12 16.79
N ASP D 464 -52.32 -3.05 17.26
CA ASP D 464 -52.01 -3.00 18.73
C ASP D 464 -52.61 -1.79 19.36
N ALA D 465 -52.60 -0.68 18.65
CA ALA D 465 -52.96 0.61 19.23
C ALA D 465 -54.40 0.61 19.71
#